data_7RSK
#
_entry.id   7RSK
#
_cell.length_a   58.228
_cell.length_b   231.147
_cell.length_c   67.558
_cell.angle_alpha   90.000
_cell.angle_beta   109.018
_cell.angle_gamma   90.000
#
_symmetry.space_group_name_H-M   'P 1 21 1'
#
loop_
_entity.id
_entity.type
_entity.pdbx_description
1 polymer 'Glycosyl hydrolase family 2, sugar binding domain protein'
2 water water
#
_entity_poly.entity_id   1
_entity_poly.type   'polypeptide(L)'
_entity_poly.pdbx_seq_one_letter_code
;SNATLREQSFDEAWLFHRGDIAEGEKQSLDDSQWRQINLPHDWSIEDIPGTNSPFTADAATEVAGGFTVGGTGWYRKHFY
IDAAEKGKCIAVSFDGIY(MSE)NADIWVNDRHVANHVYGYTAFELDITDYVRFGAENLIAVRVKNEG(MSE)NCRWYTG
SGIYRHTFLKITNPLHFETWGTFVTTPVATADKAEVHVQSVLANTEKVTGKVILETRIVDKNNHTVARKEQLVTLDNKEK
TEVGHALEVLAPQLWSIDNPYLYQVVNRLLQDDKVIDEEYISIGIRNIAFSAENGFQLNGKS(MSE)KLKGGCIHHDNGL
LGAKAFDRAEERKIELLKAAGFNALRLSHNPPSIALLNACDRLG(MSE)LVIDEAFD(MSE)WRYGHYQYDYAQYFDKLW
KEDLHS(MSE)VARDRNHPSVI(MSE)WSIGNEIKNKETAEIVDICRELTGFVKTLDTTRPVTAGVNSIVDATDDFLAPL
DVCGYNYCLNRYESDAKRHPDRIIYASESYASQAYDYWKGVEDHSWVIGDFIWTAFDYIGEASIGWCGYPLDKRIFPWNH
ANCGDLNLSGERRPQSYLRETLWSDAPVSHIVVTPPVPSFPLNPDKADWSVWDFPDVVDHWNFPGYEGKK(MSE)TVSVY
SNCEQVELFLNGESLGKQENTADKKNTLVWEVPYAHGILKAVSYNKGGEVGTATLESAGKVEKIRLSADRTEIVADGNDL
SYITLELVDSKGIRNQLAEELVAFSIEGDATIEGVGNANP(MSE)SIESFVANSRKTWRGSNLLVVRSGKSSGRIIVTAK
VKALPVASITITQKK
;
_entity_poly.pdbx_strand_id   A,B
#
# COMPACT_ATOMS: atom_id res chain seq x y z
N LEU A 5 25.64 -34.24 27.74
CA LEU A 5 24.44 -33.82 27.01
C LEU A 5 23.72 -35.01 26.39
N ARG A 6 22.39 -34.91 26.29
CA ARG A 6 21.61 -36.02 25.75
C ARG A 6 21.71 -36.09 24.24
N GLU A 7 21.82 -34.95 23.56
CA GLU A 7 21.83 -34.91 22.11
C GLU A 7 22.71 -33.75 21.65
N GLN A 8 23.79 -34.07 20.95
CA GLN A 8 24.76 -33.08 20.50
C GLN A 8 25.01 -33.24 19.02
N SER A 9 25.49 -32.16 18.41
CA SER A 9 25.82 -32.18 16.99
C SER A 9 26.97 -33.13 16.71
N PHE A 10 26.91 -33.81 15.57
CA PHE A 10 27.94 -34.76 15.16
C PHE A 10 28.55 -34.40 13.82
N ASP A 11 28.29 -33.19 13.32
CA ASP A 11 28.73 -32.80 11.98
C ASP A 11 30.22 -32.49 11.90
N GLU A 12 30.92 -32.37 13.03
CA GLU A 12 32.28 -31.87 13.04
C GLU A 12 33.30 -32.99 12.84
N ALA A 13 34.37 -32.66 12.13
CA ALA A 13 35.57 -33.50 12.02
C ALA A 13 35.25 -34.85 11.38
N TRP A 14 34.71 -34.79 10.18
CA TRP A 14 34.51 -35.97 9.34
C TRP A 14 35.62 -36.06 8.30
N LEU A 15 35.74 -37.25 7.71
CA LEU A 15 36.70 -37.52 6.64
C LEU A 15 35.95 -37.98 5.41
N PHE A 16 36.41 -37.55 4.24
CA PHE A 16 35.73 -37.85 2.99
C PHE A 16 36.71 -38.32 1.94
N HIS A 17 36.30 -39.32 1.17
CA HIS A 17 37.04 -39.83 0.02
C HIS A 17 36.08 -40.00 -1.14
N ARG A 18 36.28 -39.22 -2.20
CA ARG A 18 35.43 -39.32 -3.37
C ARG A 18 35.82 -40.57 -4.17
N GLY A 19 34.82 -41.35 -4.57
CA GLY A 19 35.06 -42.58 -5.28
C GLY A 19 35.07 -43.78 -4.35
N ASP A 20 34.94 -44.96 -4.95
CA ASP A 20 34.99 -46.20 -4.19
C ASP A 20 36.42 -46.50 -3.75
N ILE A 21 36.54 -47.28 -2.68
CA ILE A 21 37.85 -47.62 -2.13
C ILE A 21 37.69 -48.90 -1.32
N ALA A 22 38.68 -49.78 -1.44
CA ALA A 22 38.64 -51.06 -0.74
C ALA A 22 38.88 -50.87 0.75
N GLU A 23 38.15 -51.65 1.56
CA GLU A 23 38.30 -51.68 3.01
C GLU A 23 38.08 -50.30 3.64
N GLY A 24 37.19 -49.50 3.04
CA GLY A 24 36.91 -48.16 3.56
C GLY A 24 36.21 -48.16 4.90
N GLU A 25 35.76 -49.32 5.39
CA GLU A 25 35.06 -49.43 6.66
C GLU A 25 35.96 -49.95 7.77
N LYS A 26 37.21 -50.29 7.47
CA LYS A 26 38.09 -50.95 8.42
C LYS A 26 38.84 -49.93 9.28
N GLN A 27 39.01 -50.26 10.56
CA GLN A 27 39.87 -49.46 11.41
C GLN A 27 41.33 -49.53 10.97
N SER A 28 41.73 -50.64 10.34
CA SER A 28 43.10 -50.80 9.85
C SER A 28 43.39 -49.95 8.63
N LEU A 29 42.39 -49.27 8.07
CA LEU A 29 42.61 -48.43 6.90
C LEU A 29 43.33 -47.14 7.29
N ASP A 30 44.36 -46.79 6.54
CA ASP A 30 45.07 -45.54 6.73
C ASP A 30 44.28 -44.42 6.07
N ASP A 31 43.69 -43.55 6.88
CA ASP A 31 42.84 -42.47 6.39
C ASP A 31 43.45 -41.08 6.62
N SER A 32 44.74 -41.02 6.97
CA SER A 32 45.38 -39.73 7.22
C SER A 32 45.46 -38.86 5.96
N GLN A 33 45.26 -39.44 4.79
CA GLN A 33 45.30 -38.70 3.53
C GLN A 33 43.92 -38.18 3.12
N TRP A 34 42.88 -38.45 3.90
CA TRP A 34 41.52 -38.10 3.50
C TRP A 34 41.24 -36.63 3.79
N ARG A 35 40.34 -36.06 3.01
CA ARG A 35 39.95 -34.67 3.18
C ARG A 35 39.12 -34.50 4.45
N GLN A 36 39.49 -33.54 5.29
CA GLN A 36 38.76 -33.24 6.51
C GLN A 36 37.65 -32.26 6.19
N ILE A 37 36.41 -32.64 6.50
CA ILE A 37 35.24 -31.82 6.19
C ILE A 37 34.34 -31.71 7.41
N ASN A 38 33.53 -30.67 7.41
CA ASN A 38 32.50 -30.45 8.42
C ASN A 38 31.14 -30.47 7.73
N LEU A 39 30.27 -31.39 8.17
CA LEU A 39 28.96 -31.54 7.56
C LEU A 39 28.12 -30.29 7.83
N PRO A 40 27.11 -30.01 6.97
CA PRO A 40 26.65 -30.75 5.78
C PRO A 40 27.65 -30.76 4.64
N HIS A 41 27.51 -31.74 3.74
CA HIS A 41 28.43 -31.88 2.62
C HIS A 41 27.69 -32.41 1.40
N ASP A 42 28.07 -31.90 0.23
CA ASP A 42 27.51 -32.33 -1.05
C ASP A 42 28.65 -32.34 -2.05
N TRP A 43 29.08 -33.54 -2.47
CA TRP A 43 30.23 -33.62 -3.36
C TRP A 43 29.85 -33.42 -4.83
N SER A 44 28.57 -33.47 -5.16
CA SER A 44 28.16 -33.23 -6.54
C SER A 44 28.22 -31.76 -6.91
N ILE A 45 28.20 -30.87 -5.93
CA ILE A 45 28.35 -29.44 -6.21
C ILE A 45 29.83 -29.05 -6.34
N GLU A 46 30.73 -29.89 -5.84
CA GLU A 46 32.16 -29.65 -6.04
C GLU A 46 32.57 -30.05 -7.46
N ASP A 47 33.73 -29.57 -7.87
CA ASP A 47 34.20 -29.82 -9.22
C ASP A 47 34.48 -31.29 -9.45
N ILE A 48 34.25 -31.75 -10.67
CA ILE A 48 34.67 -33.09 -11.07
C ILE A 48 36.18 -33.17 -11.03
N PRO A 49 36.77 -34.13 -10.31
CA PRO A 49 38.23 -34.18 -10.21
C PRO A 49 38.89 -34.31 -11.59
N GLY A 50 39.97 -33.56 -11.77
CA GLY A 50 40.62 -33.46 -13.06
C GLY A 50 40.10 -32.36 -13.95
N THR A 51 38.95 -31.78 -13.63
CA THR A 51 38.36 -30.66 -14.35
C THR A 51 38.15 -29.50 -13.37
N ASN A 52 37.56 -28.42 -13.88
CA ASN A 52 37.30 -27.24 -13.06
C ASN A 52 35.81 -26.88 -13.06
N SER A 53 34.95 -27.89 -13.22
CA SER A 53 33.51 -27.66 -13.29
C SER A 53 32.79 -28.88 -12.74
N PRO A 54 31.64 -28.69 -12.09
CA PRO A 54 30.81 -29.83 -11.67
C PRO A 54 29.82 -30.30 -12.73
N PHE A 55 29.89 -29.79 -13.94
CA PHE A 55 28.99 -30.17 -15.03
C PHE A 55 29.78 -30.86 -16.13
N THR A 56 29.11 -31.78 -16.82
CA THR A 56 29.67 -32.44 -17.99
C THR A 56 28.52 -32.90 -18.88
N ALA A 57 28.67 -32.70 -20.19
CA ALA A 57 27.60 -33.07 -21.13
C ALA A 57 27.42 -34.57 -21.24
N ASP A 58 28.41 -35.36 -20.82
CA ASP A 58 28.34 -36.81 -20.86
C ASP A 58 27.86 -37.41 -19.54
N ALA A 59 27.13 -36.63 -18.73
CA ALA A 59 26.75 -37.07 -17.39
C ALA A 59 25.62 -38.08 -17.44
N ALA A 60 25.60 -38.98 -16.45
CA ALA A 60 24.55 -39.98 -16.33
C ALA A 60 23.24 -39.39 -15.83
N THR A 61 23.21 -38.11 -15.45
CA THR A 61 21.99 -37.46 -15.00
C THR A 61 21.30 -36.68 -16.11
N GLU A 62 22.05 -36.15 -17.07
CA GLU A 62 21.52 -35.43 -18.24
C GLU A 62 20.72 -34.23 -17.75
N VAL A 63 19.56 -33.94 -18.35
CA VAL A 63 18.78 -32.76 -17.99
C VAL A 63 18.24 -32.90 -16.57
N ALA A 64 17.94 -34.12 -16.14
CA ALA A 64 17.31 -34.33 -14.84
C ALA A 64 18.18 -33.79 -13.70
N GLY A 65 19.46 -34.12 -13.71
CA GLY A 65 20.34 -33.65 -12.66
C GLY A 65 21.14 -32.41 -13.01
N GLY A 66 20.76 -31.70 -14.07
CA GLY A 66 21.54 -30.54 -14.50
C GLY A 66 22.92 -30.90 -15.00
N PHE A 67 23.08 -32.10 -15.55
CA PHE A 67 24.37 -32.58 -16.06
C PHE A 67 25.43 -32.64 -14.96
N THR A 68 25.02 -33.11 -13.79
CA THR A 68 25.92 -33.29 -12.66
C THR A 68 26.31 -34.77 -12.55
N VAL A 69 27.18 -35.07 -11.58
CA VAL A 69 27.76 -36.40 -11.43
C VAL A 69 27.59 -36.85 -9.98
N GLY A 70 27.14 -38.08 -9.79
CA GLY A 70 27.04 -38.67 -8.47
C GLY A 70 28.15 -39.67 -8.20
N GLY A 71 27.81 -40.95 -8.18
CA GLY A 71 28.81 -41.98 -7.99
C GLY A 71 28.89 -42.50 -6.56
N THR A 72 30.06 -43.01 -6.17
CA THR A 72 30.28 -43.57 -4.85
C THR A 72 31.16 -42.65 -4.02
N GLY A 73 30.86 -42.56 -2.73
CA GLY A 73 31.66 -41.76 -1.82
C GLY A 73 31.72 -42.41 -0.45
N TRP A 74 32.77 -42.06 0.30
CA TRP A 74 33.00 -42.64 1.60
C TRP A 74 33.17 -41.54 2.65
N TYR A 75 32.58 -41.75 3.82
CA TYR A 75 32.72 -40.86 4.96
C TYR A 75 33.25 -41.65 6.15
N ARG A 76 34.15 -41.04 6.92
CA ARG A 76 34.73 -41.65 8.09
C ARG A 76 34.89 -40.62 9.19
N LYS A 77 34.81 -41.07 10.44
CA LYS A 77 34.99 -40.19 11.58
C LYS A 77 35.42 -41.02 12.79
N HIS A 78 36.41 -40.50 13.52
CA HIS A 78 36.86 -41.10 14.77
C HIS A 78 36.30 -40.30 15.94
N PHE A 79 35.60 -40.97 16.84
CA PHE A 79 34.97 -40.30 17.96
C PHE A 79 35.20 -41.09 19.24
N TYR A 80 35.42 -40.37 20.33
CA TYR A 80 35.69 -40.95 21.64
C TYR A 80 34.45 -40.89 22.51
N ILE A 81 34.16 -41.99 23.20
CA ILE A 81 33.04 -42.07 24.14
C ILE A 81 33.62 -42.30 25.53
N ASP A 82 33.18 -41.50 26.50
CA ASP A 82 33.67 -41.61 27.85
C ASP A 82 33.27 -42.95 28.48
N ALA A 83 34.09 -43.41 29.42
CA ALA A 83 33.78 -44.65 30.13
C ALA A 83 32.60 -44.49 31.07
N ALA A 84 32.30 -43.27 31.51
CA ALA A 84 31.18 -43.04 32.41
C ALA A 84 29.83 -43.29 31.74
N GLU A 85 29.77 -43.26 30.41
CA GLU A 85 28.53 -43.50 29.70
C GLU A 85 28.27 -44.98 29.45
N LYS A 86 29.02 -45.86 30.09
CA LYS A 86 28.77 -47.29 29.99
C LYS A 86 27.40 -47.61 30.61
N GLY A 87 26.66 -48.48 29.93
CA GLY A 87 25.29 -48.76 30.31
C GLY A 87 24.26 -47.86 29.66
N LYS A 88 24.68 -46.72 29.11
CA LYS A 88 23.79 -45.84 28.39
C LYS A 88 23.60 -46.32 26.95
N CYS A 89 22.49 -45.93 26.35
CA CYS A 89 22.24 -46.22 24.94
C CYS A 89 22.84 -45.12 24.08
N ILE A 90 23.51 -45.53 22.99
CA ILE A 90 24.18 -44.62 22.07
C ILE A 90 23.52 -44.76 20.71
N ALA A 91 23.12 -43.63 20.14
CA ALA A 91 22.44 -43.62 18.84
C ALA A 91 22.98 -42.48 17.99
N VAL A 92 23.18 -42.78 16.71
CA VAL A 92 23.57 -41.79 15.70
C VAL A 92 22.35 -41.49 14.84
N SER A 93 22.06 -40.21 14.67
CA SER A 93 20.91 -39.74 13.90
C SER A 93 21.39 -39.06 12.63
N PHE A 94 20.76 -39.40 11.51
CA PHE A 94 21.04 -38.78 10.22
C PHE A 94 19.74 -38.23 9.66
N ASP A 95 19.71 -36.93 9.39
CA ASP A 95 18.50 -36.31 8.83
C ASP A 95 18.35 -36.57 7.34
N GLY A 96 19.42 -37.00 6.67
CA GLY A 96 19.34 -37.32 5.25
C GLY A 96 20.67 -37.66 4.62
N ILE A 97 20.73 -38.80 3.92
CA ILE A 97 21.92 -39.23 3.18
C ILE A 97 21.45 -39.71 1.82
N TYR A 98 21.96 -39.10 0.75
CA TYR A 98 21.54 -39.39 -0.61
C TYR A 98 22.73 -39.95 -1.37
N MSE A 99 22.68 -41.23 -1.74
CA MSE A 99 21.64 -42.17 -1.32
C MSE A 99 22.26 -43.55 -1.22
O MSE A 99 23.46 -43.71 -1.49
CB MSE A 99 20.45 -42.19 -2.29
CG MSE A 99 20.75 -42.74 -3.69
SE MSE A 99 19.17 -42.93 -4.82
CE MSE A 99 18.41 -44.48 -3.93
N ASN A 100 21.46 -44.55 -0.86
CA ASN A 100 21.90 -45.94 -0.71
C ASN A 100 23.15 -46.01 0.17
N ALA A 101 22.93 -45.72 1.45
CA ALA A 101 24.00 -45.60 2.42
C ALA A 101 24.15 -46.87 3.24
N ASP A 102 25.40 -47.29 3.44
CA ASP A 102 25.73 -48.38 4.33
C ASP A 102 26.64 -47.86 5.43
N ILE A 103 26.38 -48.27 6.67
CA ILE A 103 27.05 -47.73 7.84
C ILE A 103 27.73 -48.87 8.59
N TRP A 104 29.01 -48.69 8.89
CA TRP A 104 29.78 -49.59 9.74
C TRP A 104 30.21 -48.87 11.00
N VAL A 105 30.30 -49.61 12.10
CA VAL A 105 30.82 -49.10 13.36
C VAL A 105 31.80 -50.13 13.92
N ASN A 106 33.07 -49.75 14.01
CA ASN A 106 34.14 -50.62 14.50
C ASN A 106 34.15 -51.94 13.72
N ASP A 107 34.26 -51.82 12.40
CA ASP A 107 34.42 -52.87 11.41
C ASP A 107 33.11 -53.66 11.15
N ARG A 108 32.05 -53.42 11.90
CA ARG A 108 30.84 -54.24 11.82
C ARG A 108 29.72 -53.45 11.15
N HIS A 109 29.07 -54.08 10.17
CA HIS A 109 27.98 -53.44 9.45
C HIS A 109 26.76 -53.27 10.34
N VAL A 110 26.18 -52.08 10.35
CA VAL A 110 25.06 -51.76 11.23
C VAL A 110 23.74 -51.83 10.46
N ALA A 111 23.63 -51.05 9.39
CA ALA A 111 22.38 -50.99 8.64
C ALA A 111 22.64 -50.38 7.27
N ASN A 112 21.59 -50.41 6.44
CA ASN A 112 21.59 -49.79 5.13
C ASN A 112 20.31 -48.99 4.95
N HIS A 113 20.44 -47.78 4.42
CA HIS A 113 19.30 -46.90 4.18
C HIS A 113 19.29 -46.49 2.72
N VAL A 114 18.15 -46.64 2.07
CA VAL A 114 18.04 -46.42 0.63
C VAL A 114 17.58 -45.00 0.33
N TYR A 115 16.39 -44.64 0.80
CA TYR A 115 15.79 -43.36 0.43
C TYR A 115 16.64 -42.19 0.92
N GLY A 116 16.97 -41.29 0.00
CA GLY A 116 17.87 -40.21 0.32
C GLY A 116 17.26 -38.96 0.91
N TYR A 117 15.94 -38.92 1.07
CA TYR A 117 15.25 -37.75 1.60
C TYR A 117 14.65 -37.97 2.98
N THR A 118 14.77 -39.16 3.55
CA THR A 118 14.18 -39.48 4.84
C THR A 118 15.25 -39.57 5.92
N ALA A 119 14.85 -39.24 7.15
CA ALA A 119 15.72 -39.34 8.30
C ALA A 119 15.63 -40.71 8.94
N PHE A 120 16.72 -41.15 9.56
CA PHE A 120 16.75 -42.43 10.24
C PHE A 120 17.72 -42.34 11.41
N GLU A 121 17.51 -43.22 12.39
CA GLU A 121 18.31 -43.26 13.60
C GLU A 121 18.79 -44.68 13.84
N LEU A 122 20.07 -44.83 14.15
CA LEU A 122 20.70 -46.14 14.34
C LEU A 122 21.20 -46.26 15.77
N ASP A 123 20.79 -47.31 16.45
CA ASP A 123 21.29 -47.62 17.79
C ASP A 123 22.59 -48.42 17.66
N ILE A 124 23.69 -47.82 18.12
CA ILE A 124 25.00 -48.45 18.02
C ILE A 124 25.55 -48.82 19.39
N THR A 125 24.67 -49.03 20.38
CA THR A 125 25.12 -49.32 21.73
C THR A 125 25.91 -50.63 21.77
N ASP A 126 25.49 -51.63 21.00
CA ASP A 126 26.19 -52.91 20.95
C ASP A 126 27.42 -52.88 20.06
N TYR A 127 27.79 -51.73 19.52
CA TYR A 127 28.94 -51.61 18.63
C TYR A 127 30.04 -50.70 19.15
N VAL A 128 29.81 -49.98 20.25
CA VAL A 128 30.73 -48.94 20.68
C VAL A 128 31.65 -49.46 21.78
N ARG A 129 32.76 -48.77 21.97
CA ARG A 129 33.73 -49.06 23.02
C ARG A 129 33.78 -47.88 23.97
N PHE A 130 33.44 -48.11 25.23
CA PHE A 130 33.44 -47.04 26.22
C PHE A 130 34.84 -46.79 26.74
N GLY A 131 35.20 -45.51 26.87
CA GLY A 131 36.54 -45.16 27.30
C GLY A 131 37.60 -45.39 26.24
N ALA A 132 37.24 -45.30 24.97
CA ALA A 132 38.17 -45.53 23.88
C ALA A 132 37.65 -44.84 22.63
N GLU A 133 38.43 -44.88 21.56
CA GLU A 133 38.06 -44.26 20.31
C GLU A 133 37.31 -45.25 19.42
N ASN A 134 36.27 -44.77 18.76
CA ASN A 134 35.44 -45.57 17.87
C ASN A 134 35.52 -45.01 16.45
N LEU A 135 35.10 -45.83 15.49
CA LEU A 135 35.10 -45.47 14.08
C LEU A 135 33.75 -45.76 13.47
N ILE A 136 33.19 -44.76 12.77
CA ILE A 136 31.97 -44.93 12.00
C ILE A 136 32.31 -44.64 10.54
N ALA A 137 31.86 -45.53 9.65
CA ALA A 137 32.15 -45.42 8.22
C ALA A 137 30.86 -45.54 7.44
N VAL A 138 30.65 -44.62 6.50
CA VAL A 138 29.44 -44.58 5.69
C VAL A 138 29.83 -44.60 4.23
N ARG A 139 29.26 -45.53 3.48
CA ARG A 139 29.44 -45.61 2.03
C ARG A 139 28.16 -45.12 1.35
N VAL A 140 28.31 -44.16 0.45
CA VAL A 140 27.19 -43.55 -0.25
C VAL A 140 27.26 -43.97 -1.71
N LYS A 141 26.14 -44.44 -2.26
CA LYS A 141 26.06 -44.92 -3.64
C LYS A 141 24.89 -44.23 -4.35
N ASN A 142 25.16 -43.05 -4.91
CA ASN A 142 24.18 -42.33 -5.72
C ASN A 142 24.57 -42.53 -7.19
N GLU A 143 24.20 -43.70 -7.72
CA GLU A 143 24.58 -44.10 -9.06
C GLU A 143 23.36 -44.14 -9.98
N GLY A 144 23.54 -43.67 -11.21
CA GLY A 144 22.50 -43.72 -12.21
C GLY A 144 21.53 -42.55 -12.12
N MSE A 145 20.65 -42.49 -13.11
CA MSE A 145 19.61 -41.48 -13.16
C MSE A 145 18.42 -41.91 -12.32
O MSE A 145 17.61 -42.71 -12.76
CB MSE A 145 19.18 -41.22 -14.61
CG MSE A 145 18.38 -39.95 -14.82
SE MSE A 145 17.80 -39.75 -16.68
CE MSE A 145 19.54 -39.93 -17.56
N ASN A 146 18.32 -41.38 -11.10
CA ASN A 146 17.30 -41.81 -10.15
C ASN A 146 16.33 -40.70 -9.75
N CYS A 147 16.44 -39.51 -10.32
CA CYS A 147 15.60 -38.40 -9.90
C CYS A 147 15.48 -37.40 -11.05
N ARG A 148 14.35 -36.71 -11.08
CA ARG A 148 14.05 -35.75 -12.15
C ARG A 148 14.60 -34.36 -11.87
N TRP A 149 15.20 -34.15 -10.69
CA TRP A 149 15.83 -32.88 -10.36
C TRP A 149 17.18 -33.16 -9.70
N TYR A 150 17.95 -32.09 -9.48
CA TYR A 150 19.25 -32.22 -8.84
C TYR A 150 19.09 -32.71 -7.40
N THR A 151 19.85 -33.72 -7.03
CA THR A 151 19.76 -34.33 -5.71
C THR A 151 20.90 -33.95 -4.79
N GLY A 152 22.12 -33.87 -5.31
CA GLY A 152 23.30 -33.84 -4.47
C GLY A 152 23.71 -35.23 -4.05
N SER A 153 24.86 -35.31 -3.39
CA SER A 153 25.41 -36.59 -2.98
C SER A 153 26.12 -36.45 -1.64
N GLY A 154 25.89 -37.41 -0.76
CA GLY A 154 26.56 -37.47 0.52
C GLY A 154 25.66 -37.14 1.70
N ILE A 155 26.29 -36.79 2.80
CA ILE A 155 25.60 -36.46 4.05
C ILE A 155 25.32 -34.97 4.01
N TYR A 156 24.23 -34.59 3.37
CA TYR A 156 23.89 -33.19 3.09
C TYR A 156 23.02 -32.56 4.18
N ARG A 157 22.74 -33.26 5.26
CA ARG A 157 21.94 -32.74 6.36
C ARG A 157 22.68 -32.98 7.68
N HIS A 158 22.11 -32.47 8.76
CA HIS A 158 22.76 -32.54 10.06
C HIS A 158 22.76 -33.97 10.60
N THR A 159 23.79 -34.27 11.39
CA THR A 159 23.89 -35.53 12.12
C THR A 159 23.96 -35.23 13.61
N PHE A 160 23.46 -36.18 14.41
CA PHE A 160 23.41 -35.99 15.85
C PHE A 160 23.81 -37.29 16.56
N LEU A 161 24.40 -37.13 17.74
CA LEU A 161 24.76 -38.25 18.60
C LEU A 161 23.88 -38.19 19.85
N LYS A 162 23.12 -39.25 20.09
CA LYS A 162 22.20 -39.32 21.22
C LYS A 162 22.72 -40.28 22.26
N ILE A 163 22.72 -39.83 23.52
CA ILE A 163 23.08 -40.66 24.67
C ILE A 163 21.97 -40.54 25.70
N THR A 164 21.31 -41.65 26.00
CA THR A 164 20.18 -41.67 26.91
C THR A 164 20.36 -42.78 27.94
N ASN A 165 19.54 -42.73 28.98
CA ASN A 165 19.45 -43.85 29.91
C ASN A 165 18.67 -44.98 29.26
N PRO A 166 18.85 -46.22 29.73
CA PRO A 166 18.07 -47.34 29.19
C PRO A 166 16.57 -47.07 29.17
N LEU A 167 16.05 -46.43 30.20
CA LEU A 167 14.67 -45.95 30.21
C LEU A 167 14.66 -44.51 29.70
N HIS A 168 14.12 -44.32 28.49
CA HIS A 168 14.18 -43.02 27.85
C HIS A 168 12.94 -42.81 26.99
N PHE A 169 12.77 -41.59 26.49
CA PHE A 169 11.72 -41.29 25.54
C PHE A 169 12.12 -41.83 24.16
N GLU A 170 11.20 -42.52 23.51
CA GLU A 170 11.47 -43.05 22.19
C GLU A 170 11.57 -41.90 21.18
N THR A 171 12.48 -42.05 20.21
CA THR A 171 12.63 -41.05 19.17
C THR A 171 11.32 -40.91 18.39
N TRP A 172 10.87 -39.67 18.23
CA TRP A 172 9.63 -39.33 17.55
C TRP A 172 8.40 -39.94 18.21
N GLY A 173 8.53 -40.43 19.44
CA GLY A 173 7.41 -41.06 20.10
C GLY A 173 6.43 -40.10 20.74
N THR A 174 6.87 -38.88 21.03
CA THR A 174 6.01 -37.87 21.64
C THR A 174 5.26 -37.11 20.56
N PHE A 175 3.92 -37.12 20.65
CA PHE A 175 3.05 -36.43 19.71
C PHE A 175 2.23 -35.41 20.48
N VAL A 176 2.42 -34.14 20.17
CA VAL A 176 1.71 -33.05 20.84
C VAL A 176 0.61 -32.56 19.91
N THR A 177 -0.63 -32.59 20.39
CA THR A 177 -1.77 -32.05 19.66
C THR A 177 -2.49 -31.03 20.53
N THR A 178 -3.27 -30.16 19.86
CA THR A 178 -4.09 -29.16 20.52
C THR A 178 -5.53 -29.35 20.06
N PRO A 179 -6.26 -30.29 20.67
CA PRO A 179 -7.65 -30.52 20.24
C PRO A 179 -8.55 -29.31 20.43
N VAL A 180 -8.32 -28.52 21.48
CA VAL A 180 -9.03 -27.28 21.71
C VAL A 180 -8.02 -26.15 21.62
N ALA A 181 -8.32 -25.15 20.78
CA ALA A 181 -7.39 -24.03 20.58
C ALA A 181 -8.23 -22.79 20.24
N THR A 182 -8.59 -22.05 21.27
CA THR A 182 -9.28 -20.77 21.12
C THR A 182 -8.53 -19.70 21.89
N ALA A 183 -8.94 -18.44 21.69
CA ALA A 183 -8.29 -17.34 22.37
C ALA A 183 -8.50 -17.37 23.88
N ASP A 184 -9.55 -18.03 24.34
CA ASP A 184 -9.82 -18.09 25.78
C ASP A 184 -8.93 -19.13 26.46
N LYS A 185 -8.95 -20.36 25.96
CA LYS A 185 -8.13 -21.42 26.55
C LYS A 185 -7.73 -22.40 25.45
N ALA A 186 -6.82 -23.30 25.81
CA ALA A 186 -6.35 -24.31 24.88
C ALA A 186 -6.03 -25.58 25.65
N GLU A 187 -6.46 -26.71 25.10
CA GLU A 187 -6.12 -28.02 25.66
C GLU A 187 -4.97 -28.60 24.84
N VAL A 188 -3.87 -28.95 25.51
CA VAL A 188 -2.69 -29.50 24.87
C VAL A 188 -2.53 -30.94 25.33
N HIS A 189 -2.66 -31.87 24.39
CA HIS A 189 -2.54 -33.29 24.68
C HIS A 189 -1.13 -33.75 24.30
N VAL A 190 -0.42 -34.34 25.27
CA VAL A 190 0.91 -34.88 25.05
C VAL A 190 0.83 -36.39 25.19
N GLN A 191 1.11 -37.10 24.10
CA GLN A 191 1.19 -38.56 24.08
C GLN A 191 2.63 -38.96 23.82
N SER A 192 3.17 -39.84 24.65
CA SER A 192 4.57 -40.23 24.56
C SER A 192 4.70 -41.75 24.64
N VAL A 193 5.84 -42.25 24.15
CA VAL A 193 6.17 -43.66 24.17
C VAL A 193 7.47 -43.83 24.95
N LEU A 194 7.38 -44.54 26.08
CA LEU A 194 8.55 -44.79 26.91
C LEU A 194 9.23 -46.07 26.44
N ALA A 195 10.51 -45.95 26.07
CA ALA A 195 11.31 -47.11 25.65
C ALA A 195 11.86 -47.77 26.90
N ASN A 196 11.28 -48.91 27.27
CA ASN A 196 11.70 -49.64 28.47
C ASN A 196 12.74 -50.69 28.10
N THR A 197 13.89 -50.19 27.65
CA THR A 197 15.04 -51.07 27.42
C THR A 197 15.48 -51.69 28.74
N GLU A 198 15.91 -52.95 28.67
CA GLU A 198 16.26 -53.84 29.78
C GLU A 198 15.00 -54.36 30.48
N LYS A 199 13.81 -53.93 30.07
CA LYS A 199 12.53 -54.49 30.54
C LYS A 199 12.45 -54.51 32.07
N VAL A 200 12.79 -53.39 32.68
CA VAL A 200 12.74 -53.25 34.14
C VAL A 200 11.41 -52.62 34.52
N THR A 201 10.94 -52.94 35.71
CA THR A 201 9.68 -52.42 36.22
C THR A 201 9.94 -51.45 37.38
N GLY A 202 8.86 -50.90 37.90
CA GLY A 202 8.93 -49.91 38.96
C GLY A 202 7.96 -48.78 38.67
N LYS A 203 8.12 -47.68 39.40
CA LYS A 203 7.27 -46.51 39.27
C LYS A 203 8.10 -45.34 38.78
N VAL A 204 7.61 -44.66 37.74
CA VAL A 204 8.25 -43.46 37.21
C VAL A 204 7.21 -42.34 37.18
N ILE A 205 7.67 -41.13 37.45
CA ILE A 205 6.82 -39.94 37.40
C ILE A 205 7.12 -39.20 36.10
N LEU A 206 6.09 -38.96 35.30
CA LEU A 206 6.20 -38.18 34.08
C LEU A 206 5.82 -36.74 34.38
N GLU A 207 6.77 -35.82 34.19
CA GLU A 207 6.54 -34.41 34.41
C GLU A 207 6.48 -33.71 33.06
N THR A 208 5.35 -33.06 32.77
CA THR A 208 5.16 -32.29 31.55
C THR A 208 5.00 -30.82 31.91
N ARG A 209 5.76 -29.97 31.23
CA ARG A 209 5.80 -28.55 31.52
C ARG A 209 5.77 -27.77 30.22
N ILE A 210 4.86 -26.79 30.14
CA ILE A 210 4.71 -25.93 28.97
C ILE A 210 5.19 -24.53 29.35
N VAL A 211 6.21 -24.06 28.65
CA VAL A 211 6.79 -22.74 28.90
C VAL A 211 6.57 -21.86 27.69
N ASP A 212 6.51 -20.55 27.93
CA ASP A 212 6.25 -19.58 26.87
C ASP A 212 7.59 -19.13 26.26
N LYS A 213 7.58 -18.01 25.54
CA LYS A 213 8.82 -17.55 24.90
C LYS A 213 9.85 -17.07 25.92
N ASN A 214 9.43 -16.68 27.12
CA ASN A 214 10.34 -16.26 28.18
C ASN A 214 10.70 -17.40 29.12
N ASN A 215 10.43 -18.65 28.72
CA ASN A 215 10.66 -19.83 29.55
C ASN A 215 9.92 -19.76 30.88
N HIS A 216 8.76 -19.11 30.89
CA HIS A 216 7.90 -19.06 32.06
C HIS A 216 6.89 -20.20 32.00
N THR A 217 6.81 -20.97 33.06
CA THR A 217 5.90 -22.12 33.11
C THR A 217 4.46 -21.65 33.10
N VAL A 218 3.70 -22.09 32.10
CA VAL A 218 2.29 -21.75 31.98
C VAL A 218 1.38 -22.89 32.40
N ALA A 219 1.84 -24.14 32.32
CA ALA A 219 1.06 -25.28 32.75
C ALA A 219 2.00 -26.42 33.08
N ARG A 220 1.66 -27.17 34.13
CA ARG A 220 2.51 -28.28 34.59
C ARG A 220 1.61 -29.43 35.03
N LYS A 221 1.98 -30.65 34.62
CA LYS A 221 1.20 -31.83 34.95
C LYS A 221 2.15 -32.95 35.38
N GLU A 222 1.74 -33.69 36.40
CA GLU A 222 2.53 -34.79 36.95
C GLU A 222 1.67 -36.05 36.92
N GLN A 223 2.23 -37.14 36.41
CA GLN A 223 1.51 -38.40 36.30
C GLN A 223 2.38 -39.55 36.80
N LEU A 224 1.80 -40.40 37.64
CA LEU A 224 2.48 -41.61 38.09
C LEU A 224 2.27 -42.71 37.06
N VAL A 225 3.36 -43.29 36.56
CA VAL A 225 3.31 -44.28 35.50
C VAL A 225 3.91 -45.57 36.05
N THR A 226 3.06 -46.55 36.33
CA THR A 226 3.54 -47.87 36.70
C THR A 226 4.08 -48.59 35.47
N LEU A 227 5.36 -48.94 35.51
CA LEU A 227 6.02 -49.48 34.33
C LEU A 227 5.58 -50.91 34.07
N ASP A 228 5.23 -51.19 32.81
CA ASP A 228 4.88 -52.55 32.41
C ASP A 228 6.14 -53.39 32.26
N ASN A 229 5.94 -54.70 32.09
CA ASN A 229 7.05 -55.59 31.81
C ASN A 229 7.48 -55.51 30.35
N LYS A 230 6.63 -54.99 29.48
CA LYS A 230 6.97 -54.87 28.07
C LYS A 230 8.01 -53.77 27.87
N GLU A 231 8.60 -53.77 26.67
CA GLU A 231 9.63 -52.79 26.33
C GLU A 231 9.07 -51.43 25.93
N LYS A 232 7.75 -51.31 25.78
CA LYS A 232 7.13 -50.06 25.38
C LYS A 232 5.90 -49.80 26.26
N THR A 233 5.80 -48.57 26.77
CA THR A 233 4.68 -48.16 27.60
C THR A 233 4.18 -46.82 27.08
N GLU A 234 2.93 -46.79 26.63
CA GLU A 234 2.33 -45.57 26.09
C GLU A 234 1.65 -44.78 27.20
N VAL A 235 2.04 -43.51 27.33
CA VAL A 235 1.52 -42.63 28.37
C VAL A 235 1.00 -41.35 27.72
N GLY A 236 0.04 -40.72 28.38
CA GLY A 236 -0.50 -39.46 27.90
C GLY A 236 -1.37 -38.74 28.90
N HIS A 237 -1.38 -37.41 28.83
CA HIS A 237 -2.29 -36.59 29.62
C HIS A 237 -2.41 -35.22 28.94
N ALA A 238 -3.41 -34.46 29.36
CA ALA A 238 -3.72 -33.18 28.76
C ALA A 238 -3.51 -32.04 29.76
N LEU A 239 -3.10 -30.89 29.24
CA LEU A 239 -2.86 -29.70 30.04
C LEU A 239 -3.68 -28.55 29.49
N GLU A 240 -4.04 -27.62 30.37
CA GLU A 240 -4.79 -26.43 29.99
C GLU A 240 -3.88 -25.21 29.97
N VAL A 241 -4.07 -24.36 28.97
CA VAL A 241 -3.29 -23.14 28.82
C VAL A 241 -4.29 -21.97 28.72
N LEU A 242 -4.28 -21.10 29.72
CA LEU A 242 -5.18 -19.96 29.74
C LEU A 242 -4.68 -18.85 28.84
N ALA A 243 -5.61 -18.22 28.11
CA ALA A 243 -5.35 -17.09 27.22
C ALA A 243 -4.09 -17.33 26.36
N PRO A 244 -4.09 -18.33 25.51
CA PRO A 244 -2.87 -18.67 24.77
C PRO A 244 -2.60 -17.71 23.63
N GLN A 245 -1.32 -17.61 23.27
CA GLN A 245 -0.90 -16.90 22.07
C GLN A 245 -1.03 -17.86 20.90
N LEU A 246 -2.00 -17.61 20.02
CA LEU A 246 -2.29 -18.54 18.94
C LEU A 246 -1.29 -18.37 17.80
N TRP A 247 -0.69 -19.48 17.38
CA TRP A 247 0.24 -19.47 16.27
C TRP A 247 -0.49 -19.15 14.97
N SER A 248 0.06 -18.23 14.19
CA SER A 248 -0.52 -17.86 12.91
C SER A 248 0.60 -17.37 11.99
N ILE A 249 0.22 -16.98 10.78
CA ILE A 249 1.20 -16.47 9.82
C ILE A 249 1.75 -15.12 10.28
N ASP A 250 0.94 -14.32 10.96
CA ASP A 250 1.37 -13.00 11.41
C ASP A 250 1.88 -13.00 12.85
N ASN A 251 1.57 -14.04 13.63
CA ASN A 251 2.03 -14.16 15.01
C ASN A 251 2.52 -15.59 15.22
N PRO A 252 3.72 -15.92 14.73
CA PRO A 252 4.25 -17.29 14.85
C PRO A 252 4.78 -17.59 16.25
N TYR A 253 3.92 -17.41 17.25
CA TYR A 253 4.30 -17.64 18.63
C TYR A 253 4.50 -19.13 18.87
N LEU A 254 5.63 -19.49 19.45
CA LEU A 254 5.98 -20.87 19.72
C LEU A 254 6.11 -21.10 21.21
N TYR A 255 5.49 -22.16 21.70
CA TYR A 255 5.68 -22.64 23.07
C TYR A 255 6.70 -23.78 23.07
N GLN A 256 7.03 -24.25 24.26
CA GLN A 256 7.95 -25.37 24.42
C GLN A 256 7.38 -26.34 25.45
N VAL A 257 7.29 -27.61 25.06
CA VAL A 257 6.84 -28.67 25.94
C VAL A 257 8.08 -29.38 26.49
N VAL A 258 8.19 -29.44 27.81
CA VAL A 258 9.32 -30.07 28.48
C VAL A 258 8.80 -31.33 29.17
N ASN A 259 9.15 -32.49 28.61
CA ASN A 259 8.81 -33.78 29.19
C ASN A 259 10.00 -34.32 29.96
N ARG A 260 9.76 -34.72 31.20
CA ARG A 260 10.81 -35.23 32.08
C ARG A 260 10.34 -36.52 32.74
N LEU A 261 11.20 -37.53 32.72
CA LEU A 261 10.99 -38.76 33.47
C LEU A 261 11.73 -38.65 34.79
N LEU A 262 11.00 -38.73 35.89
CA LEU A 262 11.58 -38.59 37.22
C LEU A 262 11.46 -39.90 38.00
N GLN A 263 12.53 -40.28 38.68
CA GLN A 263 12.55 -41.45 39.55
C GLN A 263 13.60 -41.21 40.62
N ASP A 264 13.21 -41.35 41.88
CA ASP A 264 14.08 -41.07 43.02
C ASP A 264 14.60 -39.64 42.98
N ASP A 265 13.74 -38.72 42.54
CA ASP A 265 14.07 -37.30 42.38
C ASP A 265 15.24 -37.08 41.44
N LYS A 266 15.51 -38.05 40.57
CA LYS A 266 16.57 -37.96 39.57
C LYS A 266 15.95 -37.89 38.19
N VAL A 267 16.55 -37.09 37.32
CA VAL A 267 16.03 -36.91 35.96
C VAL A 267 16.58 -38.05 35.10
N ILE A 268 15.72 -39.02 34.78
CA ILE A 268 16.12 -40.11 33.90
C ILE A 268 16.32 -39.59 32.48
N ASP A 269 15.30 -38.97 31.91
CA ASP A 269 15.34 -38.45 30.55
C ASP A 269 14.64 -37.10 30.52
N GLU A 270 14.97 -36.33 29.50
CA GLU A 270 14.42 -34.98 29.34
C GLU A 270 14.40 -34.63 27.86
N GLU A 271 13.24 -34.21 27.37
CA GLU A 271 13.09 -33.83 25.97
C GLU A 271 12.37 -32.49 25.88
N TYR A 272 12.64 -31.78 24.79
CA TYR A 272 12.04 -30.47 24.52
C TYR A 272 11.42 -30.49 23.14
N ILE A 273 10.20 -29.98 23.03
CA ILE A 273 9.48 -29.95 21.76
C ILE A 273 8.85 -28.57 21.61
N SER A 274 9.19 -27.88 20.51
CA SER A 274 8.57 -26.61 20.19
C SER A 274 7.22 -26.85 19.53
N ILE A 275 6.19 -26.16 20.03
CA ILE A 275 4.83 -26.33 19.51
C ILE A 275 4.23 -24.96 19.23
N GLY A 276 3.27 -24.95 18.32
CA GLY A 276 2.44 -23.78 18.07
C GLY A 276 0.98 -24.14 18.22
N ILE A 277 0.25 -23.38 19.04
CA ILE A 277 -1.16 -23.67 19.31
C ILE A 277 -1.98 -22.98 18.24
N ARG A 278 -2.57 -23.76 17.34
CA ARG A 278 -3.43 -23.23 16.29
C ARG A 278 -4.47 -24.27 15.92
N ASN A 279 -5.52 -23.82 15.25
CA ASN A 279 -6.62 -24.67 14.81
C ASN A 279 -6.78 -24.52 13.30
N ILE A 280 -6.80 -25.65 12.60
CA ILE A 280 -6.95 -25.67 11.15
C ILE A 280 -8.21 -26.46 10.80
N ALA A 281 -8.91 -26.02 9.75
CA ALA A 281 -10.14 -26.66 9.33
C ALA A 281 -10.29 -26.50 7.82
N PHE A 282 -10.77 -27.55 7.17
CA PHE A 282 -10.95 -27.57 5.72
C PHE A 282 -12.38 -27.97 5.40
N SER A 283 -12.99 -27.26 4.45
CA SER A 283 -14.32 -27.60 3.99
C SER A 283 -14.54 -26.98 2.63
N ALA A 284 -15.54 -27.51 1.92
CA ALA A 284 -15.85 -26.98 0.58
C ALA A 284 -16.58 -25.66 0.63
N GLU A 285 -17.35 -25.42 1.71
CA GLU A 285 -18.17 -24.21 1.75
C GLU A 285 -17.41 -23.01 2.28
N ASN A 286 -16.38 -23.23 3.09
CA ASN A 286 -15.65 -22.13 3.71
C ASN A 286 -14.15 -22.23 3.49
N GLY A 287 -13.67 -23.20 2.70
CA GLY A 287 -12.26 -23.27 2.37
C GLY A 287 -11.38 -23.58 3.57
N PHE A 288 -10.16 -23.05 3.53
CA PHE A 288 -9.19 -23.25 4.59
C PHE A 288 -9.38 -22.19 5.67
N GLN A 289 -9.38 -22.62 6.93
CA GLN A 289 -9.57 -21.72 8.06
C GLN A 289 -8.44 -21.92 9.05
N LEU A 290 -7.79 -20.82 9.44
CA LEU A 290 -6.72 -20.82 10.43
C LEU A 290 -7.19 -20.02 11.63
N ASN A 291 -7.38 -20.69 12.76
CA ASN A 291 -7.88 -20.06 13.98
C ASN A 291 -9.23 -19.37 13.74
N GLY A 292 -10.08 -20.03 12.96
CA GLY A 292 -11.40 -19.52 12.65
C GLY A 292 -11.46 -18.53 11.50
N LYS A 293 -10.32 -18.09 10.98
CA LYS A 293 -10.29 -17.07 9.93
C LYS A 293 -10.09 -17.74 8.57
N SER A 294 -10.95 -17.39 7.62
CA SER A 294 -10.84 -17.92 6.27
C SER A 294 -9.76 -17.19 5.50
N MSE A 295 -8.94 -17.96 4.78
CA MSE A 295 -7.86 -17.39 3.99
C MSE A 295 -7.47 -18.30 2.85
O MSE A 295 -7.63 -19.52 2.93
CB MSE A 295 -6.64 -17.10 4.87
CG MSE A 295 -6.12 -18.31 5.64
SE MSE A 295 -4.48 -17.92 6.64
CE MSE A 295 -3.29 -17.57 5.15
N LYS A 296 -6.95 -17.71 1.77
CA LYS A 296 -6.46 -18.47 0.64
C LYS A 296 -4.99 -18.80 0.85
N LEU A 297 -4.55 -19.92 0.27
CA LEU A 297 -3.16 -20.34 0.34
C LEU A 297 -2.39 -19.69 -0.81
N LYS A 298 -1.61 -18.65 -0.49
CA LYS A 298 -0.67 -18.03 -1.43
C LYS A 298 0.61 -18.87 -1.44
N GLY A 299 0.56 -19.92 -2.25
CA GLY A 299 1.55 -20.97 -2.17
C GLY A 299 2.50 -21.00 -3.36
N GLY A 300 3.59 -21.74 -3.15
CA GLY A 300 4.59 -21.99 -4.17
C GLY A 300 5.31 -23.28 -3.86
N CYS A 301 5.80 -23.92 -4.92
CA CYS A 301 6.56 -25.15 -4.83
C CYS A 301 8.06 -24.84 -4.80
N ILE A 302 8.79 -25.57 -3.97
CA ILE A 302 10.24 -25.43 -3.86
C ILE A 302 10.87 -26.82 -3.84
N HIS A 303 12.09 -26.90 -4.34
CA HIS A 303 12.90 -28.10 -4.21
C HIS A 303 13.90 -27.91 -3.06
N HIS A 304 14.76 -28.90 -2.88
CA HIS A 304 15.58 -28.96 -1.67
C HIS A 304 16.96 -28.34 -1.84
N ASP A 305 17.45 -28.16 -3.07
CA ASP A 305 18.80 -27.65 -3.23
C ASP A 305 18.85 -26.18 -2.84
N ASN A 306 20.07 -25.71 -2.56
CA ASN A 306 20.32 -24.31 -2.22
C ASN A 306 21.26 -23.66 -3.22
N GLY A 307 21.16 -24.05 -4.50
CA GLY A 307 21.93 -23.45 -5.56
C GLY A 307 23.43 -23.62 -5.45
N LEU A 308 24.13 -22.53 -5.15
CA LEU A 308 25.58 -22.57 -5.04
C LEU A 308 26.06 -23.43 -3.87
N LEU A 309 25.16 -23.73 -2.92
CA LEU A 309 25.49 -24.64 -1.83
C LEU A 309 25.09 -26.08 -2.11
N GLY A 310 24.61 -26.38 -3.31
CA GLY A 310 24.15 -27.72 -3.60
C GLY A 310 23.01 -28.13 -2.70
N ALA A 311 23.07 -29.36 -2.22
CA ALA A 311 22.08 -29.87 -1.28
C ALA A 311 22.45 -29.63 0.17
N LYS A 312 23.55 -28.93 0.43
CA LYS A 312 23.97 -28.66 1.81
C LYS A 312 22.90 -27.86 2.53
N ALA A 313 22.32 -28.45 3.57
CA ALA A 313 21.18 -27.86 4.26
C ALA A 313 21.64 -27.19 5.55
N PHE A 314 22.38 -26.10 5.38
CA PHE A 314 22.73 -25.26 6.51
C PHE A 314 21.48 -24.63 7.09
N ASP A 315 21.48 -24.46 8.42
CA ASP A 315 20.35 -23.82 9.09
C ASP A 315 20.06 -22.45 8.50
N ARG A 316 21.11 -21.64 8.32
CA ARG A 316 20.93 -20.30 7.78
C ARG A 316 20.46 -20.33 6.33
N ALA A 317 20.98 -21.27 5.54
CA ALA A 317 20.56 -21.38 4.14
C ALA A 317 19.07 -21.70 4.05
N GLU A 318 18.60 -22.66 4.84
CA GLU A 318 17.18 -22.98 4.85
C GLU A 318 16.35 -21.82 5.37
N GLU A 319 16.82 -21.16 6.44
CA GLU A 319 16.08 -20.04 7.01
C GLU A 319 16.00 -18.86 6.05
N ARG A 320 17.10 -18.58 5.34
CA ARG A 320 17.10 -17.48 4.38
C ARG A 320 16.09 -17.71 3.26
N LYS A 321 15.97 -18.96 2.80
CA LYS A 321 15.01 -19.26 1.74
C LYS A 321 13.59 -18.94 2.17
N ILE A 322 13.25 -19.24 3.42
CA ILE A 322 11.91 -18.93 3.93
C ILE A 322 11.74 -17.42 4.08
N GLU A 323 12.77 -16.73 4.58
CA GLU A 323 12.69 -15.28 4.74
C GLU A 323 12.47 -14.58 3.41
N LEU A 324 13.20 -14.99 2.37
CA LEU A 324 13.05 -14.37 1.06
C LEU A 324 11.67 -14.66 0.46
N LEU A 325 11.21 -15.91 0.57
CA LEU A 325 9.89 -16.25 0.05
C LEU A 325 8.79 -15.51 0.79
N LYS A 326 8.94 -15.35 2.11
CA LYS A 326 7.93 -14.64 2.87
C LYS A 326 7.88 -13.17 2.48
N ALA A 327 9.03 -12.58 2.17
CA ALA A 327 9.05 -11.19 1.73
C ALA A 327 8.41 -11.04 0.35
N ALA A 328 8.40 -12.09 -0.46
CA ALA A 328 7.80 -12.05 -1.78
C ALA A 328 6.29 -12.21 -1.76
N GLY A 329 5.69 -12.56 -0.62
CA GLY A 329 4.25 -12.65 -0.49
C GLY A 329 3.71 -14.04 -0.23
N PHE A 330 4.55 -15.07 -0.24
CA PHE A 330 4.07 -16.43 -0.04
C PHE A 330 3.72 -16.67 1.43
N ASN A 331 2.62 -17.37 1.66
CA ASN A 331 2.26 -17.82 3.00
C ASN A 331 2.20 -19.33 3.12
N ALA A 332 2.35 -20.05 2.02
CA ALA A 332 2.34 -21.51 2.04
C ALA A 332 3.38 -22.04 1.06
N LEU A 333 3.90 -23.23 1.36
CA LEU A 333 4.90 -23.87 0.52
C LEU A 333 4.56 -25.34 0.33
N ARG A 334 4.75 -25.83 -0.89
CA ARG A 334 4.64 -27.24 -1.20
C ARG A 334 6.04 -27.81 -1.38
N LEU A 335 6.39 -28.79 -0.55
CA LEU A 335 7.75 -29.34 -0.51
C LEU A 335 7.85 -30.47 -1.51
N SER A 336 8.18 -30.11 -2.75
CA SER A 336 8.19 -31.06 -3.86
C SER A 336 9.57 -31.69 -4.01
N HIS A 337 9.61 -33.01 -4.09
CA HIS A 337 8.47 -33.88 -3.85
C HIS A 337 8.93 -34.94 -2.84
N ASN A 338 9.36 -34.47 -1.68
CA ASN A 338 10.12 -35.28 -0.74
C ASN A 338 10.18 -34.55 0.59
N PRO A 339 10.45 -35.26 1.69
CA PRO A 339 10.58 -34.59 2.98
C PRO A 339 11.77 -33.66 2.99
N PRO A 340 11.67 -32.53 3.68
CA PRO A 340 12.79 -31.58 3.73
C PRO A 340 13.73 -31.84 4.89
N SER A 341 14.63 -30.90 5.15
CA SER A 341 15.43 -30.95 6.36
C SER A 341 14.61 -30.41 7.54
N ILE A 342 15.02 -30.82 8.75
CA ILE A 342 14.37 -30.31 9.95
C ILE A 342 14.59 -28.81 10.08
N ALA A 343 15.72 -28.32 9.59
CA ALA A 343 16.02 -26.89 9.69
C ALA A 343 15.01 -26.05 8.93
N LEU A 344 14.55 -26.53 7.77
CA LEU A 344 13.57 -25.78 6.99
C LEU A 344 12.22 -25.72 7.70
N LEU A 345 11.81 -26.82 8.32
CA LEU A 345 10.54 -26.83 9.04
C LEU A 345 10.60 -25.98 10.32
N ASN A 346 11.77 -25.96 10.97
CA ASN A 346 11.94 -25.08 12.12
C ASN A 346 11.83 -23.61 11.70
N ALA A 347 12.34 -23.28 10.52
CA ALA A 347 12.24 -21.91 10.03
C ALA A 347 10.79 -21.53 9.74
N CYS A 348 10.01 -22.46 9.17
CA CYS A 348 8.60 -22.18 8.93
C CYS A 348 7.83 -22.00 10.23
N ASP A 349 8.21 -22.73 11.28
CA ASP A 349 7.56 -22.56 12.57
C ASP A 349 7.83 -21.18 13.15
N ARG A 350 9.07 -20.70 13.07
CA ARG A 350 9.43 -19.43 13.71
C ARG A 350 9.02 -18.22 12.88
N LEU A 351 8.86 -18.38 11.57
CA LEU A 351 8.58 -17.24 10.70
C LEU A 351 7.13 -17.16 10.23
N GLY A 352 6.38 -18.26 10.31
CA GLY A 352 4.99 -18.24 9.91
C GLY A 352 4.76 -18.61 8.46
N MSE A 353 5.04 -19.87 8.13
CA MSE A 353 4.91 -20.36 6.76
C MSE A 353 4.19 -21.71 6.74
O MSE A 353 4.71 -22.69 7.27
CB MSE A 353 6.28 -20.47 6.10
CG MSE A 353 6.25 -20.95 4.65
SE MSE A 353 5.60 -19.61 3.41
CE MSE A 353 6.76 -18.12 3.93
N LEU A 354 3.00 -21.74 6.15
CA LEU A 354 2.27 -22.99 6.01
C LEU A 354 3.01 -23.92 5.05
N VAL A 355 2.84 -25.22 5.26
CA VAL A 355 3.68 -26.21 4.59
C VAL A 355 2.85 -27.44 4.26
N ILE A 356 2.99 -27.94 3.04
CA ILE A 356 2.50 -29.26 2.63
C ILE A 356 3.69 -30.20 2.58
N ASP A 357 3.70 -31.20 3.46
CA ASP A 357 4.80 -32.16 3.52
C ASP A 357 4.48 -33.33 2.60
N GLU A 358 5.37 -33.59 1.63
CA GLU A 358 5.16 -34.60 0.62
C GLU A 358 6.18 -35.72 0.78
N ALA A 359 5.75 -36.96 0.58
CA ALA A 359 6.58 -38.12 0.87
C ALA A 359 7.34 -38.62 -0.35
N PHE A 360 6.66 -38.85 -1.46
CA PHE A 360 7.26 -39.49 -2.61
C PHE A 360 6.91 -38.74 -3.90
N ASP A 361 7.73 -38.98 -4.93
CA ASP A 361 7.46 -38.57 -6.29
C ASP A 361 7.02 -39.73 -7.18
N MSE A 362 7.15 -40.95 -6.69
CA MSE A 362 6.75 -42.14 -7.43
C MSE A 362 6.32 -43.24 -6.47
O MSE A 362 6.71 -43.23 -5.29
CB MSE A 362 7.87 -42.63 -8.34
CG MSE A 362 8.99 -43.37 -7.61
SE MSE A 362 10.04 -42.29 -6.37
CE MSE A 362 11.04 -41.28 -7.68
N TRP A 363 5.51 -44.19 -6.94
CA TRP A 363 5.12 -45.33 -6.13
C TRP A 363 5.69 -46.62 -6.71
N ARG A 364 4.81 -47.55 -7.08
CA ARG A 364 5.29 -48.82 -7.64
C ARG A 364 5.91 -48.61 -9.02
N TYR A 365 5.39 -47.66 -9.79
CA TYR A 365 5.89 -47.36 -11.12
C TYR A 365 6.72 -46.08 -11.07
N GLY A 366 7.96 -46.16 -11.55
CA GLY A 366 8.89 -45.06 -11.47
C GLY A 366 9.15 -44.40 -12.81
N HIS A 367 9.99 -43.37 -12.74
CA HIS A 367 10.35 -42.59 -13.92
C HIS A 367 11.58 -43.12 -14.63
N TYR A 368 12.46 -43.81 -13.90
CA TYR A 368 13.67 -44.38 -14.48
C TYR A 368 13.83 -45.81 -13.97
N GLN A 369 14.82 -46.51 -14.52
CA GLN A 369 14.98 -47.93 -14.21
C GLN A 369 15.54 -48.16 -12.81
N TYR A 370 16.29 -47.20 -12.27
CA TYR A 370 17.03 -47.40 -11.04
C TYR A 370 16.60 -46.44 -9.94
N ASP A 371 15.31 -46.13 -9.86
CA ASP A 371 14.84 -45.19 -8.85
C ASP A 371 14.20 -45.94 -7.69
N TYR A 372 13.62 -45.19 -6.74
CA TYR A 372 13.04 -45.73 -5.53
C TYR A 372 11.86 -46.66 -5.78
N ALA A 373 11.28 -46.64 -6.99
CA ALA A 373 10.13 -47.50 -7.28
C ALA A 373 10.47 -48.98 -7.17
N GLN A 374 11.72 -49.35 -7.42
CA GLN A 374 12.12 -50.75 -7.30
C GLN A 374 12.17 -51.21 -5.84
N TYR A 375 12.25 -50.27 -4.89
CA TYR A 375 12.22 -50.59 -3.47
C TYR A 375 10.89 -50.24 -2.81
N PHE A 376 9.94 -49.66 -3.56
CA PHE A 376 8.78 -49.04 -2.93
C PHE A 376 7.95 -50.05 -2.14
N ASP A 377 7.75 -51.25 -2.69
CA ASP A 377 6.91 -52.24 -2.02
C ASP A 377 7.50 -52.71 -0.70
N LYS A 378 8.81 -52.55 -0.51
CA LYS A 378 9.48 -53.03 0.68
C LYS A 378 9.76 -51.96 1.72
N LEU A 379 9.79 -50.69 1.32
CA LEU A 379 10.27 -49.63 2.19
C LEU A 379 9.30 -48.48 2.41
N TRP A 380 8.14 -48.46 1.73
CA TRP A 380 7.27 -47.29 1.83
C TRP A 380 6.74 -47.09 3.24
N LYS A 381 6.58 -48.17 4.01
CA LYS A 381 6.14 -48.02 5.39
C LYS A 381 7.20 -47.33 6.24
N GLU A 382 8.47 -47.72 6.08
CA GLU A 382 9.54 -47.09 6.84
C GLU A 382 9.68 -45.61 6.50
N ASP A 383 9.66 -45.29 5.20
CA ASP A 383 9.90 -43.91 4.79
C ASP A 383 8.68 -43.01 5.04
N LEU A 384 7.48 -43.53 4.85
CA LEU A 384 6.29 -42.74 5.16
C LEU A 384 6.17 -42.51 6.67
N HIS A 385 6.50 -43.53 7.46
CA HIS A 385 6.54 -43.34 8.91
C HIS A 385 7.60 -42.32 9.29
N SER A 386 8.73 -42.32 8.59
CA SER A 386 9.81 -41.37 8.91
C SER A 386 9.33 -39.94 8.77
N MSE A 387 8.63 -39.62 7.69
CA MSE A 387 8.14 -38.26 7.49
C MSE A 387 7.14 -37.83 8.55
O MSE A 387 7.32 -36.79 9.20
CB MSE A 387 7.50 -38.11 6.10
CG MSE A 387 6.93 -36.71 5.87
SE MSE A 387 6.07 -36.46 4.14
CE MSE A 387 4.39 -37.40 4.46
N VAL A 388 6.10 -38.64 8.74
CA VAL A 388 5.01 -38.25 9.61
C VAL A 388 5.47 -38.20 11.07
N ALA A 389 6.17 -39.23 11.52
CA ALA A 389 6.59 -39.28 12.92
C ALA A 389 7.61 -38.20 13.25
N ARG A 390 8.39 -37.76 12.25
CA ARG A 390 9.39 -36.73 12.51
C ARG A 390 8.81 -35.32 12.50
N ASP A 391 7.79 -35.08 11.69
CA ASP A 391 7.33 -33.72 11.42
C ASP A 391 5.93 -33.42 11.92
N ARG A 392 5.27 -34.35 12.62
CA ARG A 392 3.89 -34.11 13.04
C ARG A 392 3.78 -33.10 14.19
N ASN A 393 4.88 -32.74 14.83
CA ASN A 393 4.85 -31.76 15.91
C ASN A 393 5.00 -30.32 15.42
N HIS A 394 5.31 -30.12 14.14
CA HIS A 394 5.49 -28.77 13.62
C HIS A 394 4.14 -28.13 13.36
N PRO A 395 3.84 -26.96 13.93
CA PRO A 395 2.57 -26.29 13.62
C PRO A 395 2.48 -25.79 12.19
N SER A 396 3.60 -25.65 11.49
CA SER A 396 3.57 -25.15 10.12
C SER A 396 3.03 -26.19 9.15
N VAL A 397 3.21 -27.47 9.44
CA VAL A 397 2.71 -28.52 8.56
C VAL A 397 1.19 -28.58 8.65
N ILE A 398 0.52 -28.36 7.53
CA ILE A 398 -0.94 -28.40 7.48
C ILE A 398 -1.47 -29.54 6.64
N MSE A 399 -0.62 -30.26 5.91
CA MSE A 399 -1.07 -31.32 5.02
C MSE A 399 0.00 -32.36 4.77
O MSE A 399 1.18 -32.04 4.61
CB MSE A 399 -1.54 -30.74 3.69
CG MSE A 399 -3.04 -30.60 3.56
SE MSE A 399 -3.60 -29.82 1.86
CE MSE A 399 -3.14 -27.95 2.20
N TRP A 400 -0.42 -33.63 4.72
CA TRP A 400 0.47 -34.73 4.34
C TRP A 400 0.13 -35.15 2.91
N SER A 401 1.13 -35.07 2.02
CA SER A 401 0.97 -35.48 0.64
C SER A 401 1.71 -36.80 0.43
N ILE A 402 1.03 -37.75 -0.22
CA ILE A 402 1.55 -39.11 -0.36
C ILE A 402 2.13 -39.38 -1.74
N GLY A 403 2.03 -38.45 -2.68
CA GLY A 403 2.58 -38.68 -4.00
C GLY A 403 2.28 -37.51 -4.91
N ASN A 404 3.05 -37.46 -6.00
CA ASN A 404 2.89 -36.41 -7.01
C ASN A 404 2.96 -37.04 -8.39
N GLU A 405 1.99 -36.67 -9.24
CA GLU A 405 1.88 -37.15 -10.62
C GLU A 405 2.06 -38.67 -10.68
N ILE A 406 1.20 -39.35 -9.93
CA ILE A 406 1.26 -40.81 -9.83
C ILE A 406 0.77 -41.43 -11.14
N LYS A 407 1.50 -42.44 -11.60
CA LYS A 407 1.18 -43.10 -12.85
C LYS A 407 0.13 -44.18 -12.65
N ASN A 408 -0.72 -44.36 -13.67
CA ASN A 408 -1.80 -45.35 -13.66
C ASN A 408 -2.75 -45.11 -12.48
N LYS A 409 -3.08 -43.83 -12.24
CA LYS A 409 -3.88 -43.47 -11.08
C LYS A 409 -5.28 -44.07 -11.16
N GLU A 410 -5.86 -44.12 -12.36
CA GLU A 410 -7.20 -44.68 -12.53
C GLU A 410 -7.21 -46.20 -12.42
N THR A 411 -6.05 -46.85 -12.40
CA THR A 411 -5.97 -48.30 -12.30
C THR A 411 -6.28 -48.75 -10.88
N ALA A 412 -7.02 -49.86 -10.77
CA ALA A 412 -7.45 -50.37 -9.46
C ALA A 412 -6.26 -50.70 -8.56
N GLU A 413 -5.17 -51.20 -9.16
CA GLU A 413 -3.97 -51.53 -8.38
C GLU A 413 -3.42 -50.30 -7.68
N ILE A 414 -3.33 -49.17 -8.38
CA ILE A 414 -2.79 -47.95 -7.78
C ILE A 414 -3.81 -47.32 -6.83
N VAL A 415 -5.11 -47.44 -7.13
CA VAL A 415 -6.13 -46.96 -6.21
C VAL A 415 -6.01 -47.65 -4.85
N ASP A 416 -5.71 -48.94 -4.86
CA ASP A 416 -5.55 -49.67 -3.60
C ASP A 416 -4.34 -49.17 -2.82
N ILE A 417 -3.24 -48.85 -3.52
CA ILE A 417 -2.07 -48.30 -2.86
C ILE A 417 -2.39 -46.95 -2.23
N CYS A 418 -3.22 -46.15 -2.90
CA CYS A 418 -3.62 -44.85 -2.36
C CYS A 418 -4.41 -45.01 -1.06
N ARG A 419 -5.29 -46.02 -1.01
CA ARG A 419 -6.04 -46.27 0.22
C ARG A 419 -5.13 -46.81 1.32
N GLU A 420 -4.18 -47.68 0.96
CA GLU A 420 -3.26 -48.23 1.95
C GLU A 420 -2.36 -47.14 2.54
N LEU A 421 -1.83 -46.26 1.69
CA LEU A 421 -0.97 -45.20 2.19
C LEU A 421 -1.74 -44.18 3.02
N THR A 422 -2.97 -43.86 2.62
CA THR A 422 -3.79 -42.92 3.37
C THR A 422 -4.06 -43.45 4.77
N GLY A 423 -4.47 -44.71 4.88
CA GLY A 423 -4.73 -45.30 6.18
C GLY A 423 -3.50 -45.38 7.05
N PHE A 424 -2.32 -45.55 6.45
CA PHE A 424 -1.09 -45.59 7.23
C PHE A 424 -0.79 -44.25 7.88
N VAL A 425 -1.01 -43.16 7.13
CA VAL A 425 -0.84 -41.83 7.69
C VAL A 425 -1.80 -41.61 8.86
N LYS A 426 -3.05 -42.06 8.69
CA LYS A 426 -4.06 -41.82 9.72
C LYS A 426 -3.85 -42.67 10.98
N THR A 427 -3.01 -43.69 10.93
CA THR A 427 -2.60 -44.36 12.17
C THR A 427 -1.58 -43.54 12.95
N LEU A 428 -0.94 -42.57 12.32
CA LEU A 428 0.06 -41.73 12.96
C LEU A 428 -0.44 -40.32 13.26
N ASP A 429 -1.30 -39.76 12.41
CA ASP A 429 -1.79 -38.40 12.61
C ASP A 429 -3.14 -38.27 11.94
N THR A 430 -4.17 -37.94 12.72
CA THR A 430 -5.51 -37.68 12.20
C THR A 430 -5.86 -36.19 12.22
N THR A 431 -4.95 -35.34 12.69
CA THR A 431 -5.22 -33.91 12.82
C THR A 431 -4.96 -33.13 11.53
N ARG A 432 -4.38 -33.78 10.51
CA ARG A 432 -4.07 -33.11 9.25
C ARG A 432 -4.64 -33.89 8.08
N PRO A 433 -5.14 -33.21 7.05
CA PRO A 433 -5.70 -33.92 5.91
C PRO A 433 -4.62 -34.57 5.05
N VAL A 434 -5.00 -35.69 4.42
CA VAL A 434 -4.14 -36.39 3.48
C VAL A 434 -4.45 -35.87 2.08
N THR A 435 -3.41 -35.66 1.27
CA THR A 435 -3.57 -35.08 -0.05
C THR A 435 -2.56 -35.72 -1.01
N ALA A 436 -2.57 -35.24 -2.25
CA ALA A 436 -1.67 -35.70 -3.30
C ALA A 436 -1.73 -34.72 -4.46
N GLY A 437 -0.65 -34.67 -5.23
CA GLY A 437 -0.61 -33.88 -6.43
C GLY A 437 -0.92 -34.70 -7.66
N VAL A 438 -2.09 -34.47 -8.27
CA VAL A 438 -2.61 -35.30 -9.34
C VAL A 438 -2.75 -34.46 -10.60
N ASN A 439 -2.21 -34.97 -11.71
CA ASN A 439 -2.31 -34.32 -13.01
C ASN A 439 -3.24 -35.10 -13.92
N SER A 440 -3.64 -34.46 -15.01
CA SER A 440 -4.45 -35.10 -16.06
C SER A 440 -5.69 -35.78 -15.48
N ILE A 441 -6.47 -35.01 -14.73
CA ILE A 441 -7.62 -35.53 -14.02
C ILE A 441 -8.76 -35.75 -15.00
N VAL A 442 -9.33 -36.95 -14.98
CA VAL A 442 -10.53 -37.26 -15.76
C VAL A 442 -11.61 -37.74 -14.79
N ASP A 443 -12.80 -38.05 -15.32
CA ASP A 443 -13.87 -38.54 -14.46
C ASP A 443 -13.51 -39.88 -13.82
N ALA A 444 -12.69 -40.68 -14.50
CA ALA A 444 -12.30 -41.99 -13.98
C ALA A 444 -11.32 -41.91 -12.82
N THR A 445 -10.74 -40.72 -12.57
CA THR A 445 -9.82 -40.55 -11.46
C THR A 445 -10.54 -40.41 -10.12
N ASP A 446 -11.88 -40.43 -10.12
CA ASP A 446 -12.64 -40.22 -8.89
C ASP A 446 -12.27 -41.26 -7.83
N ASP A 447 -12.04 -42.51 -8.24
CA ASP A 447 -11.69 -43.54 -7.26
C ASP A 447 -10.32 -43.30 -6.66
N PHE A 448 -9.41 -42.66 -7.40
CA PHE A 448 -8.11 -42.32 -6.84
C PHE A 448 -8.20 -41.13 -5.90
N LEU A 449 -9.08 -40.17 -6.19
CA LEU A 449 -9.22 -38.98 -5.36
C LEU A 449 -10.12 -39.21 -4.15
N ALA A 450 -10.91 -40.27 -4.15
CA ALA A 450 -11.84 -40.50 -3.05
C ALA A 450 -11.17 -40.68 -1.69
N PRO A 451 -10.07 -41.42 -1.55
CA PRO A 451 -9.47 -41.55 -0.21
C PRO A 451 -8.92 -40.25 0.35
N LEU A 452 -8.70 -39.24 -0.48
CA LEU A 452 -8.05 -38.01 -0.05
C LEU A 452 -9.04 -37.11 0.68
N ASP A 453 -8.52 -36.37 1.66
CA ASP A 453 -9.31 -35.33 2.32
C ASP A 453 -9.36 -34.06 1.48
N VAL A 454 -8.20 -33.63 1.00
CA VAL A 454 -8.08 -32.49 0.10
C VAL A 454 -7.37 -32.94 -1.16
N CYS A 455 -7.85 -32.49 -2.31
CA CYS A 455 -7.32 -32.92 -3.60
C CYS A 455 -6.44 -31.82 -4.20
N GLY A 456 -5.23 -32.20 -4.62
CA GLY A 456 -4.32 -31.28 -5.27
C GLY A 456 -4.36 -31.46 -6.78
N TYR A 457 -4.79 -30.42 -7.48
CA TYR A 457 -4.89 -30.45 -8.93
C TYR A 457 -3.61 -29.88 -9.54
N ASN A 458 -2.98 -30.66 -10.42
CA ASN A 458 -1.79 -30.24 -11.14
C ASN A 458 -2.22 -29.78 -12.52
N TYR A 459 -2.25 -28.45 -12.71
CA TYR A 459 -2.50 -27.84 -14.02
C TYR A 459 -3.87 -28.25 -14.59
N CYS A 460 -4.89 -28.22 -13.75
CA CYS A 460 -6.25 -28.60 -14.15
C CYS A 460 -7.25 -27.53 -13.75
N LEU A 461 -6.97 -26.28 -14.16
CA LEU A 461 -7.87 -25.17 -13.85
C LEU A 461 -9.24 -25.37 -14.49
N ASN A 462 -9.30 -26.06 -15.63
CA ASN A 462 -10.53 -26.20 -16.39
C ASN A 462 -11.57 -27.08 -15.68
N ARG A 463 -11.20 -27.83 -14.66
CA ARG A 463 -12.10 -28.76 -14.00
C ARG A 463 -12.58 -28.27 -12.64
N TYR A 464 -12.32 -27.00 -12.29
CA TYR A 464 -12.69 -26.51 -10.97
C TYR A 464 -14.20 -26.53 -10.77
N GLU A 465 -14.94 -26.07 -11.77
CA GLU A 465 -16.39 -25.94 -11.60
C GLU A 465 -17.12 -27.23 -11.97
N SER A 466 -16.62 -27.95 -12.96
CA SER A 466 -17.30 -29.16 -13.41
C SER A 466 -17.25 -30.24 -12.33
N ASP A 467 -16.07 -30.46 -11.74
CA ASP A 467 -15.95 -31.45 -10.68
C ASP A 467 -16.69 -31.03 -9.41
N ALA A 468 -16.96 -29.73 -9.25
CA ALA A 468 -17.73 -29.29 -8.08
C ALA A 468 -19.19 -29.72 -8.20
N LYS A 469 -19.75 -29.70 -9.41
CA LYS A 469 -21.11 -30.16 -9.58
C LYS A 469 -21.24 -31.67 -9.41
N ARG A 470 -20.18 -32.43 -9.73
CA ARG A 470 -20.24 -33.86 -9.56
C ARG A 470 -19.98 -34.28 -8.11
N HIS A 471 -19.06 -33.60 -7.44
CA HIS A 471 -18.71 -33.90 -6.05
C HIS A 471 -18.70 -32.58 -5.27
N PRO A 472 -19.87 -32.14 -4.78
CA PRO A 472 -19.93 -30.82 -4.13
C PRO A 472 -19.17 -30.73 -2.81
N ASP A 473 -18.61 -31.82 -2.31
CA ASP A 473 -17.84 -31.80 -1.07
C ASP A 473 -16.34 -31.91 -1.30
N ARG A 474 -15.90 -32.01 -2.54
CA ARG A 474 -14.47 -32.14 -2.84
C ARG A 474 -13.77 -30.79 -2.65
N ILE A 475 -12.71 -30.79 -1.86
CA ILE A 475 -11.88 -29.61 -1.63
C ILE A 475 -10.70 -29.67 -2.59
N ILE A 476 -10.37 -28.52 -3.19
CA ILE A 476 -9.43 -28.47 -4.31
C ILE A 476 -8.43 -27.34 -4.06
N TYR A 477 -7.18 -27.58 -4.47
CA TYR A 477 -6.18 -26.53 -4.58
C TYR A 477 -5.28 -26.85 -5.77
N ALA A 478 -4.74 -25.81 -6.39
CA ALA A 478 -3.80 -25.97 -7.49
C ALA A 478 -2.46 -26.39 -6.90
N SER A 479 -2.18 -27.69 -6.90
CA SER A 479 -0.90 -28.16 -6.37
C SER A 479 0.27 -27.75 -7.25
N GLU A 480 0.01 -27.45 -8.53
CA GLU A 480 1.02 -26.91 -9.42
C GLU A 480 0.34 -26.03 -10.46
N SER A 481 0.89 -24.83 -10.69
CA SER A 481 0.33 -23.91 -11.65
C SER A 481 1.45 -23.35 -12.54
N TYR A 482 1.05 -22.81 -13.68
CA TYR A 482 1.99 -22.23 -14.64
C TYR A 482 2.26 -20.77 -14.31
N ALA A 483 3.48 -20.32 -14.61
CA ALA A 483 3.81 -18.91 -14.43
C ALA A 483 3.17 -18.04 -15.50
N SER A 484 3.04 -18.56 -16.73
CA SER A 484 2.46 -17.79 -17.82
C SER A 484 0.95 -17.64 -17.69
N GLN A 485 0.29 -18.42 -16.85
CA GLN A 485 -1.15 -18.35 -16.64
C GLN A 485 -1.48 -18.02 -15.18
N ALA A 486 -0.68 -17.14 -14.57
CA ALA A 486 -0.85 -16.85 -13.16
C ALA A 486 -2.16 -16.13 -12.88
N TYR A 487 -2.55 -15.21 -13.77
CA TYR A 487 -3.78 -14.44 -13.54
C TYR A 487 -5.00 -15.34 -13.52
N ASP A 488 -5.14 -16.21 -14.53
CA ASP A 488 -6.30 -17.08 -14.61
C ASP A 488 -6.31 -18.11 -13.48
N TYR A 489 -5.14 -18.60 -13.07
CA TYR A 489 -5.09 -19.62 -12.03
C TYR A 489 -5.46 -19.05 -10.67
N TRP A 490 -5.05 -17.81 -10.39
CA TRP A 490 -5.42 -17.21 -9.12
C TRP A 490 -6.88 -16.77 -9.10
N LYS A 491 -7.41 -16.36 -10.26
CA LYS A 491 -8.82 -16.00 -10.32
C LYS A 491 -9.72 -17.20 -10.04
N GLY A 492 -9.30 -18.39 -10.47
CA GLY A 492 -10.02 -19.60 -10.10
C GLY A 492 -10.00 -19.91 -8.63
N VAL A 493 -9.04 -19.34 -7.89
CA VAL A 493 -9.01 -19.50 -6.44
C VAL A 493 -9.96 -18.51 -5.77
N GLU A 494 -9.96 -17.26 -6.25
CA GLU A 494 -10.78 -16.23 -5.62
C GLU A 494 -12.26 -16.41 -5.93
N ASP A 495 -12.59 -17.01 -7.08
CA ASP A 495 -13.98 -17.13 -7.49
C ASP A 495 -14.70 -18.32 -6.87
N HIS A 496 -13.99 -19.25 -6.23
CA HIS A 496 -14.58 -20.49 -5.74
C HIS A 496 -14.13 -20.74 -4.31
N SER A 497 -15.11 -21.01 -3.43
CA SER A 497 -14.80 -21.24 -2.02
C SER A 497 -14.16 -22.61 -1.79
N TRP A 498 -14.38 -23.57 -2.67
CA TRP A 498 -13.78 -24.90 -2.53
C TRP A 498 -12.36 -24.97 -3.11
N VAL A 499 -11.94 -23.98 -3.87
CA VAL A 499 -10.55 -23.87 -4.32
C VAL A 499 -9.84 -22.96 -3.33
N ILE A 500 -8.93 -23.55 -2.53
CA ILE A 500 -8.41 -22.89 -1.35
C ILE A 500 -7.03 -22.27 -1.55
N GLY A 501 -6.38 -22.49 -2.69
CA GLY A 501 -5.06 -21.91 -2.88
C GLY A 501 -4.45 -22.37 -4.19
N ASP A 502 -3.26 -21.83 -4.45
CA ASP A 502 -2.51 -22.11 -5.67
C ASP A 502 -1.03 -22.14 -5.33
N PHE A 503 -0.31 -23.07 -5.97
CA PHE A 503 1.12 -23.27 -5.72
C PHE A 503 1.86 -23.19 -7.04
N ILE A 504 2.52 -22.05 -7.28
CA ILE A 504 3.25 -21.84 -8.52
C ILE A 504 4.42 -22.80 -8.61
N TRP A 505 4.71 -23.26 -9.82
CA TRP A 505 5.89 -24.06 -10.12
C TRP A 505 6.85 -23.20 -10.94
N THR A 506 7.87 -22.65 -10.30
CA THR A 506 8.10 -22.80 -8.86
C THR A 506 8.20 -21.43 -8.19
N ALA A 507 8.30 -21.42 -6.87
CA ALA A 507 8.57 -20.21 -6.12
C ALA A 507 10.05 -19.89 -6.01
N PHE A 508 10.91 -20.90 -6.16
CA PHE A 508 12.36 -20.73 -6.08
C PHE A 508 12.99 -21.60 -7.15
N ASP A 509 13.85 -21.01 -7.96
CA ASP A 509 14.49 -21.76 -9.03
C ASP A 509 15.39 -22.85 -8.46
N TYR A 510 15.66 -23.86 -9.28
CA TYR A 510 16.39 -25.03 -8.79
C TYR A 510 17.28 -25.58 -9.90
N ILE A 511 18.23 -26.42 -9.49
CA ILE A 511 19.10 -27.14 -10.42
C ILE A 511 18.40 -28.40 -10.88
N GLY A 512 18.64 -28.79 -12.13
CA GLY A 512 17.99 -29.95 -12.69
C GLY A 512 16.66 -29.61 -13.34
N GLU A 513 16.11 -30.61 -14.03
CA GLU A 513 14.97 -30.42 -14.93
C GLU A 513 15.18 -29.15 -15.75
N ALA A 514 16.34 -29.10 -16.41
CA ALA A 514 16.89 -27.84 -16.91
C ALA A 514 16.05 -27.26 -18.05
N SER A 515 15.91 -25.95 -18.03
CA SER A 515 15.31 -25.17 -19.11
C SER A 515 13.84 -25.51 -19.34
N ILE A 516 13.15 -26.05 -18.33
CA ILE A 516 11.71 -26.20 -18.45
C ILE A 516 11.02 -24.84 -18.47
N GLY A 517 11.69 -23.80 -17.99
CA GLY A 517 11.24 -22.44 -18.09
C GLY A 517 11.74 -21.69 -19.29
N TRP A 518 12.34 -22.39 -20.26
CA TRP A 518 12.77 -21.76 -21.50
C TRP A 518 12.62 -22.75 -22.66
N CYS A 519 13.54 -23.71 -22.75
CA CYS A 519 13.43 -24.71 -23.80
C CYS A 519 12.25 -25.65 -23.58
N GLY A 520 11.95 -25.96 -22.32
CA GLY A 520 10.79 -26.78 -21.99
C GLY A 520 10.92 -28.23 -22.43
N TYR A 521 9.76 -28.90 -22.40
CA TYR A 521 9.65 -30.27 -22.87
C TYR A 521 9.40 -30.30 -24.37
N PRO A 522 9.86 -31.34 -25.07
CA PRO A 522 10.59 -32.51 -24.57
C PRO A 522 12.02 -32.20 -24.14
N LEU A 523 12.46 -32.83 -23.06
CA LEU A 523 13.80 -32.61 -22.53
C LEU A 523 14.82 -33.34 -23.39
N ASP A 524 15.88 -32.64 -23.78
CA ASP A 524 16.89 -33.18 -24.67
C ASP A 524 18.27 -32.90 -24.11
N LYS A 525 19.17 -33.87 -24.27
CA LYS A 525 20.54 -33.73 -23.80
C LYS A 525 21.30 -32.63 -24.53
N ARG A 526 20.81 -32.20 -25.69
CA ARG A 526 21.52 -31.20 -26.48
C ARG A 526 21.49 -29.80 -25.86
N ILE A 527 20.61 -29.56 -24.88
CA ILE A 527 20.47 -28.22 -24.33
C ILE A 527 21.60 -27.81 -23.42
N PHE A 528 22.54 -28.71 -23.14
CA PHE A 528 23.76 -28.34 -22.43
C PHE A 528 24.38 -27.12 -23.13
N PRO A 529 24.82 -26.10 -22.38
CA PRO A 529 25.07 -26.00 -20.95
C PRO A 529 23.90 -25.57 -20.04
N TRP A 530 22.65 -25.73 -20.47
CA TRP A 530 21.53 -25.41 -19.57
C TRP A 530 21.54 -26.33 -18.36
N ASN A 531 21.45 -25.73 -17.17
CA ASN A 531 21.41 -26.53 -15.94
C ASN A 531 20.45 -25.99 -14.89
N HIS A 532 19.99 -24.75 -14.97
CA HIS A 532 18.92 -24.28 -14.10
C HIS A 532 17.57 -24.53 -14.77
N ALA A 533 16.53 -24.64 -13.94
CA ALA A 533 15.18 -24.82 -14.46
C ALA A 533 14.63 -23.53 -15.07
N ASN A 534 15.01 -22.37 -14.52
CA ASN A 534 14.59 -21.07 -15.02
C ASN A 534 13.08 -20.90 -14.99
N CYS A 535 12.45 -21.44 -13.94
CA CYS A 535 10.99 -21.40 -13.81
C CYS A 535 10.52 -20.88 -12.47
N GLY A 536 11.43 -20.41 -11.61
CA GLY A 536 11.05 -19.96 -10.28
C GLY A 536 10.76 -18.48 -10.21
N ASP A 537 9.90 -18.11 -9.26
CA ASP A 537 9.64 -16.70 -9.01
C ASP A 537 10.91 -15.98 -8.57
N LEU A 538 11.77 -16.66 -7.81
CA LEU A 538 13.08 -16.17 -7.45
C LEU A 538 14.13 -17.00 -8.18
N ASN A 539 15.18 -16.32 -8.65
CA ASN A 539 16.24 -17.03 -9.35
C ASN A 539 17.09 -17.83 -8.36
N LEU A 540 18.16 -18.45 -8.86
CA LEU A 540 18.98 -19.31 -8.02
C LEU A 540 19.68 -18.51 -6.92
N SER A 541 19.95 -17.22 -7.16
CA SER A 541 20.60 -16.39 -6.16
C SER A 541 19.63 -15.82 -5.14
N GLY A 542 18.33 -15.96 -5.35
CA GLY A 542 17.34 -15.43 -4.45
C GLY A 542 16.73 -14.10 -4.82
N GLU A 543 17.01 -13.61 -6.02
CA GLU A 543 16.46 -12.34 -6.49
C GLU A 543 15.12 -12.57 -7.17
N ARG A 544 14.23 -11.60 -7.06
CA ARG A 544 12.91 -11.70 -7.67
C ARG A 544 13.02 -11.60 -9.19
N ARG A 545 12.32 -12.48 -9.88
CA ARG A 545 12.22 -12.49 -11.33
C ARG A 545 10.95 -11.77 -11.77
N PRO A 546 10.84 -11.41 -13.06
CA PRO A 546 9.64 -10.67 -13.50
C PRO A 546 8.33 -11.36 -13.20
N GLN A 547 8.29 -12.70 -13.20
CA GLN A 547 7.04 -13.38 -12.89
C GLN A 547 6.62 -13.15 -11.44
N SER A 548 7.58 -12.91 -10.55
CA SER A 548 7.24 -12.52 -9.19
C SER A 548 6.57 -11.15 -9.14
N TYR A 549 6.92 -10.26 -10.08
CA TYR A 549 6.30 -8.95 -10.12
C TYR A 549 4.83 -9.04 -10.49
N LEU A 550 4.50 -9.86 -11.49
CA LEU A 550 3.10 -10.07 -11.86
C LEU A 550 2.31 -10.70 -10.71
N ARG A 551 2.91 -11.69 -10.04
CA ARG A 551 2.22 -12.35 -8.94
C ARG A 551 1.93 -11.38 -7.80
N GLU A 552 2.80 -10.39 -7.58
CA GLU A 552 2.55 -9.41 -6.52
C GLU A 552 1.32 -8.56 -6.84
N THR A 553 1.05 -8.31 -8.12
CA THR A 553 -0.16 -7.58 -8.47
C THR A 553 -1.43 -8.35 -8.12
N LEU A 554 -1.33 -9.67 -7.99
CA LEU A 554 -2.47 -10.51 -7.63
C LEU A 554 -2.66 -10.63 -6.12
N TRP A 555 -1.58 -10.51 -5.34
CA TRP A 555 -1.61 -10.85 -3.93
C TRP A 555 -1.53 -9.66 -2.99
N SER A 556 -1.13 -8.49 -3.47
CA SER A 556 -0.90 -7.35 -2.60
C SER A 556 -2.17 -6.54 -2.40
N ASP A 557 -2.41 -6.13 -1.15
CA ASP A 557 -3.48 -5.18 -0.86
C ASP A 557 -3.11 -3.78 -1.31
N ALA A 558 -1.84 -3.42 -1.18
CA ALA A 558 -1.35 -2.09 -1.51
C ALA A 558 -1.21 -1.92 -3.03
N PRO A 559 -1.19 -0.68 -3.50
CA PRO A 559 -0.94 -0.45 -4.94
C PRO A 559 0.46 -0.90 -5.33
N VAL A 560 0.55 -1.59 -6.46
CA VAL A 560 1.79 -2.18 -6.95
C VAL A 560 1.91 -1.94 -8.45
N SER A 561 3.11 -1.55 -8.89
CA SER A 561 3.40 -1.39 -10.31
C SER A 561 4.86 -1.69 -10.56
N HIS A 562 5.14 -2.42 -11.64
CA HIS A 562 6.49 -2.81 -12.00
C HIS A 562 6.68 -2.69 -13.51
N ILE A 563 7.85 -2.20 -13.92
CA ILE A 563 8.17 -1.95 -15.32
C ILE A 563 9.14 -3.02 -15.80
N VAL A 564 8.81 -3.64 -16.93
CA VAL A 564 9.69 -4.62 -17.58
C VAL A 564 9.72 -4.34 -19.07
N VAL A 565 10.80 -4.78 -19.71
CA VAL A 565 11.05 -4.52 -21.12
C VAL A 565 11.33 -5.84 -21.83
N THR A 566 10.78 -5.99 -23.03
CA THR A 566 11.10 -7.13 -23.86
C THR A 566 12.41 -6.88 -24.60
N PRO A 567 13.43 -7.72 -24.44
CA PRO A 567 14.70 -7.46 -25.10
C PRO A 567 14.56 -7.59 -26.61
N PRO A 568 15.39 -6.87 -27.39
CA PRO A 568 15.27 -6.96 -28.84
C PRO A 568 15.68 -8.30 -29.41
N VAL A 569 16.64 -8.98 -28.77
CA VAL A 569 17.02 -10.33 -29.16
C VAL A 569 16.76 -11.26 -27.97
N PRO A 570 16.40 -12.52 -28.19
CA PRO A 570 16.12 -13.42 -27.07
C PRO A 570 17.29 -13.53 -26.12
N SER A 571 17.00 -13.53 -24.82
CA SER A 571 18.04 -13.62 -23.81
C SER A 571 18.84 -14.91 -23.96
N PHE A 572 18.20 -15.98 -24.41
CA PHE A 572 18.83 -17.27 -24.61
C PHE A 572 18.33 -17.85 -25.93
N PRO A 573 19.12 -18.71 -26.58
CA PRO A 573 18.67 -19.32 -27.83
C PRO A 573 17.40 -20.14 -27.63
N LEU A 574 16.53 -20.11 -28.63
CA LEU A 574 15.19 -20.67 -28.53
C LEU A 574 15.18 -22.15 -28.87
N ASN A 575 14.07 -22.81 -28.54
CA ASN A 575 13.85 -24.21 -28.86
C ASN A 575 12.73 -24.32 -29.89
N PRO A 576 13.04 -24.54 -31.17
CA PRO A 576 11.97 -24.64 -32.19
C PRO A 576 11.09 -25.87 -32.03
N ASP A 577 11.45 -26.82 -31.15
CA ASP A 577 10.67 -28.04 -30.96
C ASP A 577 9.97 -28.07 -29.60
N LYS A 578 9.71 -26.91 -29.00
CA LYS A 578 9.03 -26.88 -27.71
C LYS A 578 7.57 -27.32 -27.88
N ALA A 579 7.11 -28.16 -26.97
CA ALA A 579 5.77 -28.72 -27.08
C ALA A 579 4.71 -27.65 -26.81
N ASP A 580 3.51 -27.92 -27.31
CA ASP A 580 2.37 -27.02 -27.15
C ASP A 580 1.75 -27.09 -25.76
N TRP A 581 2.26 -27.96 -24.89
CA TRP A 581 1.78 -28.05 -23.51
C TRP A 581 2.82 -27.66 -22.48
N SER A 582 4.08 -27.49 -22.87
CA SER A 582 5.14 -27.05 -21.95
C SER A 582 5.11 -25.53 -21.91
N VAL A 583 4.33 -24.98 -20.98
CA VAL A 583 4.16 -23.54 -20.88
C VAL A 583 4.55 -23.06 -19.49
N TRP A 584 5.55 -23.71 -18.89
CA TRP A 584 6.14 -23.20 -17.65
C TRP A 584 6.94 -21.92 -17.87
N ASP A 585 7.26 -21.60 -19.11
CA ASP A 585 8.09 -20.44 -19.40
C ASP A 585 7.28 -19.15 -19.35
N PHE A 586 7.85 -18.14 -18.72
CA PHE A 586 7.34 -16.78 -18.70
C PHE A 586 7.85 -16.01 -19.92
N PRO A 587 7.12 -15.00 -20.38
CA PRO A 587 7.63 -14.18 -21.49
C PRO A 587 9.02 -13.63 -21.20
N ASP A 588 9.83 -13.52 -22.24
CA ASP A 588 11.21 -13.05 -22.12
C ASP A 588 11.19 -11.55 -21.89
N VAL A 589 11.41 -11.13 -20.64
CA VAL A 589 11.46 -9.73 -20.26
C VAL A 589 12.58 -9.52 -19.28
N VAL A 590 13.09 -8.28 -19.23
CA VAL A 590 14.14 -7.88 -18.31
C VAL A 590 13.72 -6.59 -17.63
N ASP A 591 14.40 -6.28 -16.51
CA ASP A 591 14.09 -5.05 -15.80
C ASP A 591 15.28 -4.10 -15.79
N HIS A 592 15.85 -3.84 -16.96
CA HIS A 592 16.83 -2.79 -17.14
C HIS A 592 16.48 -2.02 -18.41
N TRP A 593 17.16 -0.89 -18.61
CA TRP A 593 16.86 0.01 -19.71
C TRP A 593 18.15 0.42 -20.44
N ASN A 594 19.07 -0.54 -20.58
CA ASN A 594 20.33 -0.33 -21.28
C ASN A 594 20.33 -1.18 -22.54
N PHE A 595 20.16 -0.54 -23.69
CA PHE A 595 20.17 -1.22 -24.99
C PHE A 595 20.99 -0.43 -25.98
N PRO A 596 22.32 -0.50 -25.89
CA PRO A 596 23.16 0.21 -26.85
C PRO A 596 22.99 -0.35 -28.25
N GLY A 597 22.93 0.55 -29.23
CA GLY A 597 22.76 0.18 -30.61
C GLY A 597 21.32 0.09 -31.10
N TYR A 598 20.35 0.22 -30.20
CA TYR A 598 18.94 0.17 -30.56
C TYR A 598 18.24 1.50 -30.32
N GLU A 599 18.99 2.60 -30.30
CA GLU A 599 18.39 3.90 -30.09
C GLU A 599 17.47 4.26 -31.26
N GLY A 600 16.30 4.79 -30.94
CA GLY A 600 15.30 5.09 -31.94
C GLY A 600 14.50 3.89 -32.41
N LYS A 601 14.76 2.71 -31.88
CA LYS A 601 14.04 1.49 -32.24
C LYS A 601 12.95 1.19 -31.21
N LYS A 602 11.85 0.64 -31.71
CA LYS A 602 10.65 0.46 -30.90
C LYS A 602 10.80 -0.73 -29.97
N MSE A 603 10.75 -0.47 -28.66
CA MSE A 603 10.81 -1.53 -27.65
C MSE A 603 9.43 -1.79 -27.06
O MSE A 603 8.60 -0.88 -27.02
CB MSE A 603 11.79 -1.15 -26.53
CG MSE A 603 13.12 -0.61 -27.01
SE MSE A 603 14.39 -1.99 -27.53
CE MSE A 603 14.27 -3.13 -25.96
N THR A 604 9.19 -3.02 -26.62
CA THR A 604 7.93 -3.36 -25.97
C THR A 604 8.14 -3.25 -24.45
N VAL A 605 7.46 -2.28 -23.84
CA VAL A 605 7.56 -2.01 -22.41
C VAL A 605 6.23 -2.41 -21.76
N SER A 606 6.31 -3.24 -20.72
CA SER A 606 5.13 -3.74 -20.03
C SER A 606 5.15 -3.29 -18.58
N VAL A 607 3.96 -2.98 -18.06
CA VAL A 607 3.79 -2.59 -16.66
C VAL A 607 2.82 -3.59 -16.02
N TYR A 608 3.30 -4.29 -15.00
CA TYR A 608 2.44 -5.14 -14.18
C TYR A 608 1.88 -4.29 -13.05
N SER A 609 0.56 -4.18 -12.98
CA SER A 609 -0.04 -3.30 -11.99
C SER A 609 -1.39 -3.85 -11.54
N ASN A 610 -1.76 -3.51 -10.30
CA ASN A 610 -3.10 -3.76 -9.79
C ASN A 610 -3.90 -2.47 -9.64
N CYS A 611 -3.37 -1.35 -10.12
CA CYS A 611 -4.05 -0.07 -10.06
C CYS A 611 -4.99 0.08 -11.26
N GLU A 612 -5.89 1.06 -11.17
CA GLU A 612 -6.88 1.24 -12.21
C GLU A 612 -6.26 1.76 -13.50
N GLN A 613 -5.39 2.76 -13.40
CA GLN A 613 -4.80 3.41 -14.57
C GLN A 613 -3.31 3.58 -14.35
N VAL A 614 -2.54 3.50 -15.44
CA VAL A 614 -1.11 3.72 -15.43
C VAL A 614 -0.77 4.64 -16.60
N GLU A 615 0.12 5.61 -16.35
CA GLU A 615 0.63 6.49 -17.39
C GLU A 615 2.14 6.34 -17.46
N LEU A 616 2.66 6.09 -18.66
CA LEU A 616 4.07 5.82 -18.87
C LEU A 616 4.76 7.05 -19.46
N PHE A 617 5.92 7.39 -18.90
CA PHE A 617 6.73 8.50 -19.37
C PHE A 617 8.11 7.99 -19.77
N LEU A 618 8.70 8.64 -20.78
CA LEU A 618 10.09 8.42 -21.16
C LEU A 618 10.78 9.77 -21.17
N ASN A 619 11.63 10.01 -20.17
CA ASN A 619 12.35 11.27 -20.03
C ASN A 619 11.40 12.46 -20.00
N GLY A 620 10.31 12.33 -19.23
CA GLY A 620 9.37 13.40 -19.05
C GLY A 620 8.23 13.44 -20.04
N GLU A 621 8.38 12.83 -21.21
CA GLU A 621 7.36 12.88 -22.25
C GLU A 621 6.36 11.75 -22.04
N SER A 622 5.08 12.11 -21.96
CA SER A 622 4.03 11.12 -21.73
C SER A 622 3.82 10.24 -22.95
N LEU A 623 3.67 8.94 -22.70
CA LEU A 623 3.40 7.97 -23.76
C LEU A 623 1.96 7.49 -23.75
N GLY A 624 1.10 8.11 -22.95
CA GLY A 624 -0.31 7.78 -22.93
C GLY A 624 -0.73 7.06 -21.65
N LYS A 625 -1.93 7.40 -21.16
CA LYS A 625 -2.51 6.72 -20.02
C LYS A 625 -3.40 5.58 -20.50
N GLN A 626 -3.31 4.43 -19.82
CA GLN A 626 -4.07 3.26 -20.17
C GLN A 626 -4.90 2.78 -18.99
N GLU A 627 -6.06 2.20 -19.31
CA GLU A 627 -6.93 1.60 -18.30
C GLU A 627 -6.53 0.16 -18.06
N ASN A 628 -6.42 -0.22 -16.79
CA ASN A 628 -6.10 -1.60 -16.42
C ASN A 628 -7.40 -2.37 -16.27
N THR A 629 -7.97 -2.74 -17.41
CA THR A 629 -9.21 -3.49 -17.44
C THR A 629 -8.93 -4.99 -17.32
N ALA A 630 -10.00 -5.76 -17.09
CA ALA A 630 -9.84 -7.17 -16.77
C ALA A 630 -9.23 -7.97 -17.92
N ASP A 631 -9.48 -7.55 -19.16
CA ASP A 631 -8.93 -8.28 -20.30
C ASP A 631 -7.42 -8.17 -20.40
N LYS A 632 -6.83 -7.15 -19.78
CA LYS A 632 -5.38 -6.98 -19.85
C LYS A 632 -4.62 -7.88 -18.88
N LYS A 633 -5.32 -8.51 -17.93
CA LYS A 633 -4.71 -9.39 -16.93
C LYS A 633 -3.52 -8.72 -16.26
N ASN A 634 -3.75 -7.49 -15.78
CA ASN A 634 -2.77 -6.71 -15.03
C ASN A 634 -1.51 -6.40 -15.83
N THR A 635 -1.58 -6.51 -17.16
CA THR A 635 -0.43 -6.27 -18.03
C THR A 635 -0.78 -5.17 -19.01
N LEU A 636 -0.16 -4.00 -18.85
CA LEU A 636 -0.33 -2.87 -19.74
C LEU A 636 0.93 -2.70 -20.58
N VAL A 637 0.74 -2.47 -21.88
CA VAL A 637 1.81 -2.53 -22.86
C VAL A 637 1.96 -1.19 -23.57
N TRP A 638 3.19 -0.79 -23.81
CA TRP A 638 3.51 0.41 -24.58
C TRP A 638 4.57 0.09 -25.62
N GLU A 639 4.53 0.81 -26.74
CA GLU A 639 5.57 0.75 -27.75
C GLU A 639 6.44 2.00 -27.64
N VAL A 640 7.70 1.82 -27.28
CA VAL A 640 8.57 2.94 -26.96
C VAL A 640 9.84 2.90 -27.81
N PRO A 641 10.17 3.97 -28.53
CA PRO A 641 11.50 4.06 -29.13
C PRO A 641 12.55 4.24 -28.05
N TYR A 642 13.65 3.50 -28.18
CA TYR A 642 14.65 3.48 -27.11
C TYR A 642 15.40 4.80 -27.01
N ALA A 643 15.62 5.23 -25.78
CA ALA A 643 16.40 6.43 -25.50
C ALA A 643 16.97 6.30 -24.09
N HIS A 644 18.28 6.56 -23.96
CA HIS A 644 18.93 6.49 -22.66
C HIS A 644 18.30 7.50 -21.70
N GLY A 645 17.81 7.03 -20.56
CA GLY A 645 17.21 7.91 -19.59
C GLY A 645 16.36 7.23 -18.55
N ILE A 646 15.17 7.78 -18.28
CA ILE A 646 14.29 7.33 -17.22
C ILE A 646 12.95 6.91 -17.80
N LEU A 647 12.52 5.69 -17.51
CA LEU A 647 11.16 5.24 -17.78
C LEU A 647 10.36 5.41 -16.49
N LYS A 648 9.29 6.20 -16.56
CA LYS A 648 8.50 6.55 -15.39
C LYS A 648 7.06 6.06 -15.58
N ALA A 649 6.54 5.36 -14.59
CA ALA A 649 5.16 4.89 -14.58
C ALA A 649 4.45 5.48 -13.37
N VAL A 650 3.34 6.17 -13.62
CA VAL A 650 2.53 6.78 -12.57
C VAL A 650 1.20 6.06 -12.51
N SER A 651 0.86 5.56 -11.33
CA SER A 651 -0.35 4.76 -11.13
C SER A 651 -1.46 5.60 -10.51
N TYR A 652 -2.70 5.22 -10.79
CA TYR A 652 -3.86 5.96 -10.32
C TYR A 652 -4.92 5.01 -9.80
N ASN A 653 -5.53 5.39 -8.68
CA ASN A 653 -6.71 4.71 -8.14
C ASN A 653 -7.76 5.76 -7.80
N LYS A 654 -8.96 5.59 -8.34
CA LYS A 654 -10.06 6.54 -8.16
C LYS A 654 -9.65 7.96 -8.54
N GLY A 655 -8.89 8.07 -9.64
CA GLY A 655 -8.51 9.36 -10.18
C GLY A 655 -7.40 10.08 -9.45
N GLY A 656 -6.74 9.43 -8.51
CA GLY A 656 -5.66 10.04 -7.75
C GLY A 656 -4.38 9.26 -7.87
N GLU A 657 -3.26 9.97 -8.00
CA GLU A 657 -1.96 9.34 -8.08
C GLU A 657 -1.64 8.63 -6.77
N VAL A 658 -1.27 7.35 -6.87
CA VAL A 658 -1.01 6.54 -5.68
C VAL A 658 0.40 5.95 -5.66
N GLY A 659 1.14 6.00 -6.76
CA GLY A 659 2.48 5.42 -6.77
C GLY A 659 3.24 5.80 -8.01
N THR A 660 4.56 5.72 -7.91
CA THR A 660 5.46 5.98 -9.01
C THR A 660 6.52 4.89 -9.08
N ALA A 661 6.77 4.38 -10.28
CA ALA A 661 7.79 3.38 -10.52
C ALA A 661 8.72 3.88 -11.61
N THR A 662 10.03 3.72 -11.40
CA THR A 662 11.02 4.22 -12.34
C THR A 662 11.98 3.10 -12.73
N LEU A 663 12.48 3.20 -13.96
CA LEU A 663 13.50 2.29 -14.48
C LEU A 663 14.50 3.15 -15.25
N GLU A 664 15.72 3.28 -14.73
CA GLU A 664 16.68 4.24 -15.23
C GLU A 664 17.87 3.53 -15.87
N SER A 665 18.33 4.05 -16.99
CA SER A 665 19.50 3.50 -17.66
C SER A 665 20.73 3.64 -16.78
N ALA A 666 21.55 2.59 -16.74
CA ALA A 666 22.77 2.61 -15.96
C ALA A 666 23.90 3.24 -16.76
N GLY A 667 24.76 3.99 -16.07
CA GLY A 667 25.97 4.50 -16.66
C GLY A 667 27.05 3.43 -16.71
N LYS A 668 28.25 3.86 -17.10
CA LYS A 668 29.36 2.94 -17.13
C LYS A 668 29.74 2.50 -15.72
N VAL A 669 30.26 1.28 -15.61
CA VAL A 669 30.63 0.75 -14.31
C VAL A 669 31.81 1.55 -13.75
N GLU A 670 31.69 1.97 -12.49
CA GLU A 670 32.76 2.70 -11.82
C GLU A 670 33.11 2.16 -10.43
N LYS A 671 32.26 1.34 -9.81
CA LYS A 671 32.52 0.87 -8.47
C LYS A 671 31.99 -0.55 -8.32
N ILE A 672 32.51 -1.23 -7.31
CA ILE A 672 31.96 -2.49 -6.81
C ILE A 672 31.13 -2.18 -5.56
N ARG A 673 29.97 -2.81 -5.44
CA ARG A 673 29.11 -2.65 -4.28
C ARG A 673 28.93 -3.99 -3.59
N LEU A 674 29.24 -4.03 -2.30
CA LEU A 674 29.10 -5.23 -1.49
C LEU A 674 28.07 -4.98 -0.40
N SER A 675 27.17 -5.93 -0.21
CA SER A 675 26.16 -5.84 0.85
C SER A 675 25.88 -7.23 1.38
N ALA A 676 26.15 -7.44 2.66
CA ALA A 676 25.87 -8.70 3.32
C ALA A 676 24.51 -8.64 4.00
N ASP A 677 23.78 -9.77 3.93
CA ASP A 677 22.49 -9.82 4.61
C ASP A 677 22.66 -9.79 6.13
N ARG A 678 23.77 -10.32 6.63
CA ARG A 678 24.08 -10.32 8.05
C ARG A 678 25.56 -10.04 8.23
N THR A 679 25.88 -8.98 8.96
CA THR A 679 27.27 -8.61 9.25
C THR A 679 27.72 -9.07 10.62
N GLU A 680 26.83 -9.70 11.39
CA GLU A 680 27.17 -10.27 12.69
C GLU A 680 26.70 -11.73 12.70
N ILE A 681 27.64 -12.66 12.60
CA ILE A 681 27.33 -14.08 12.55
C ILE A 681 27.94 -14.75 13.78
N VAL A 682 27.53 -16.00 14.00
CA VAL A 682 27.96 -16.77 15.16
C VAL A 682 29.18 -17.59 14.79
N ALA A 683 30.22 -17.52 15.61
CA ALA A 683 31.46 -18.27 15.39
C ALA A 683 31.28 -19.70 15.90
N ASP A 684 30.42 -20.45 15.20
CA ASP A 684 30.16 -21.85 15.53
C ASP A 684 30.66 -22.82 14.47
N GLY A 685 31.12 -22.33 13.31
CA GLY A 685 31.56 -23.18 12.23
C GLY A 685 30.50 -23.53 11.22
N ASN A 686 29.24 -23.15 11.45
CA ASN A 686 28.15 -23.47 10.54
C ASN A 686 27.30 -22.29 10.13
N ASP A 687 27.41 -21.13 10.79
CA ASP A 687 26.63 -19.96 10.40
C ASP A 687 27.17 -19.39 9.09
N LEU A 688 26.27 -18.73 8.35
CA LEU A 688 26.59 -18.24 7.01
C LEU A 688 26.31 -16.75 6.91
N SER A 689 26.99 -16.11 5.95
CA SER A 689 26.75 -14.72 5.58
C SER A 689 26.69 -14.63 4.07
N TYR A 690 25.56 -14.17 3.55
CA TYR A 690 25.37 -14.04 2.10
C TYR A 690 25.79 -12.65 1.66
N ILE A 691 26.80 -12.57 0.80
CA ILE A 691 27.36 -11.32 0.32
C ILE A 691 26.95 -11.14 -1.14
N THR A 692 26.27 -10.05 -1.43
CA THR A 692 25.84 -9.72 -2.79
C THR A 692 26.79 -8.68 -3.38
N LEU A 693 27.28 -8.95 -4.58
CA LEU A 693 28.15 -8.03 -5.31
C LEU A 693 27.40 -7.46 -6.50
N GLU A 694 27.61 -6.16 -6.75
CA GLU A 694 27.01 -5.49 -7.90
C GLU A 694 28.03 -4.56 -8.53
N LEU A 695 28.02 -4.49 -9.85
CA LEU A 695 28.79 -3.50 -10.59
C LEU A 695 27.87 -2.33 -10.90
N VAL A 696 28.12 -1.20 -10.26
CA VAL A 696 27.22 -0.05 -10.31
C VAL A 696 27.92 1.12 -10.96
N ASP A 697 27.12 2.07 -11.44
CA ASP A 697 27.64 3.26 -12.10
C ASP A 697 27.93 4.34 -11.05
N SER A 698 28.09 5.59 -11.48
CA SER A 698 28.37 6.68 -10.55
C SER A 698 27.20 6.97 -9.62
N LYS A 699 26.00 6.50 -9.95
CA LYS A 699 24.81 6.76 -9.15
C LYS A 699 24.29 5.52 -8.43
N GLY A 700 25.06 4.43 -8.44
CA GLY A 700 24.67 3.23 -7.72
C GLY A 700 23.71 2.32 -8.46
N ILE A 701 23.42 2.61 -9.74
CA ILE A 701 22.53 1.76 -10.52
C ILE A 701 23.31 0.56 -11.04
N ARG A 702 22.79 -0.63 -10.79
CA ARG A 702 23.45 -1.85 -11.27
C ARG A 702 23.42 -1.91 -12.79
N ASN A 703 24.59 -2.10 -13.39
CA ASN A 703 24.73 -2.21 -14.84
C ASN A 703 24.54 -3.68 -15.22
N GLN A 704 23.40 -3.98 -15.84
CA GLN A 704 23.06 -5.36 -16.17
C GLN A 704 23.71 -5.86 -17.45
N LEU A 705 24.57 -5.06 -18.07
CA LEU A 705 25.38 -5.52 -19.19
C LEU A 705 26.76 -5.97 -18.77
N ALA A 706 27.14 -5.74 -17.51
CA ALA A 706 28.48 -6.02 -17.04
C ALA A 706 28.61 -7.49 -16.67
N GLU A 707 29.58 -8.17 -17.29
CA GLU A 707 29.89 -9.58 -17.00
C GLU A 707 31.40 -9.68 -16.89
N GLU A 708 31.92 -9.52 -15.68
CA GLU A 708 33.35 -9.46 -15.42
C GLU A 708 33.76 -10.55 -14.45
N LEU A 709 35.00 -11.02 -14.61
CA LEU A 709 35.56 -11.99 -13.68
C LEU A 709 35.93 -11.29 -12.37
N VAL A 710 35.36 -11.76 -11.27
CA VAL A 710 35.62 -11.21 -9.94
C VAL A 710 36.47 -12.21 -9.17
N ALA A 711 37.52 -11.70 -8.53
CA ALA A 711 38.41 -12.51 -7.70
C ALA A 711 38.14 -12.16 -6.24
N PHE A 712 37.72 -13.15 -5.46
CA PHE A 712 37.42 -12.96 -4.05
C PHE A 712 38.57 -13.49 -3.19
N SER A 713 38.76 -12.84 -2.04
CA SER A 713 39.74 -13.29 -1.07
C SER A 713 39.20 -12.98 0.33
N ILE A 714 39.62 -13.77 1.30
CA ILE A 714 39.08 -13.70 2.65
C ILE A 714 40.24 -13.62 3.64
N GLU A 715 40.03 -12.85 4.71
CA GLU A 715 41.01 -12.67 5.78
C GLU A 715 40.33 -12.92 7.12
N GLY A 716 40.87 -13.84 7.89
CA GLY A 716 40.33 -14.16 9.20
C GLY A 716 39.97 -15.64 9.30
N ASP A 717 39.37 -15.99 10.44
CA ASP A 717 38.96 -17.37 10.71
C ASP A 717 37.60 -17.62 10.09
N ALA A 718 37.59 -17.80 8.78
CA ALA A 718 36.36 -18.06 8.03
C ALA A 718 36.73 -18.65 6.68
N THR A 719 35.74 -19.22 6.01
CA THR A 719 35.93 -19.87 4.72
C THR A 719 34.86 -19.42 3.73
N ILE A 720 35.18 -19.57 2.45
CA ILE A 720 34.23 -19.32 1.38
C ILE A 720 33.56 -20.66 1.06
N GLU A 721 32.28 -20.80 1.44
CA GLU A 721 31.57 -22.05 1.21
C GLU A 721 31.18 -22.22 -0.27
N GLY A 722 30.95 -21.13 -0.97
CA GLY A 722 30.60 -21.23 -2.38
C GLY A 722 30.45 -19.86 -3.01
N VAL A 723 30.48 -19.85 -4.33
CA VAL A 723 30.25 -18.66 -5.14
C VAL A 723 29.34 -19.06 -6.30
N GLY A 724 28.58 -18.09 -6.79
CA GLY A 724 27.68 -18.37 -7.89
C GLY A 724 27.00 -17.10 -8.38
N ASN A 725 26.30 -17.25 -9.50
CA ASN A 725 25.48 -16.18 -10.06
C ASN A 725 24.16 -16.80 -10.55
N ALA A 726 23.33 -15.98 -11.17
CA ALA A 726 22.00 -16.39 -11.62
C ALA A 726 21.97 -16.82 -13.08
N ASN A 727 23.12 -17.06 -13.69
CA ASN A 727 23.16 -17.47 -15.10
C ASN A 727 22.75 -18.92 -15.23
N PRO A 728 21.61 -19.22 -15.86
CA PRO A 728 21.15 -20.61 -15.94
C PRO A 728 21.95 -21.48 -16.90
N MSE A 729 22.78 -20.89 -17.74
CA MSE A 729 23.58 -21.67 -18.69
C MSE A 729 25.06 -21.68 -18.29
O MSE A 729 25.91 -22.10 -19.08
CB MSE A 729 23.44 -21.10 -20.10
CG MSE A 729 22.16 -21.52 -20.80
SE MSE A 729 21.92 -20.59 -22.50
CE MSE A 729 23.70 -20.88 -23.23
N SER A 730 25.35 -21.23 -17.08
CA SER A 730 26.72 -21.14 -16.61
C SER A 730 27.22 -22.51 -16.16
N ILE A 731 28.42 -22.88 -16.60
CA ILE A 731 29.09 -24.08 -16.13
C ILE A 731 30.25 -23.73 -15.20
N GLU A 732 30.24 -22.52 -14.66
CA GLU A 732 31.31 -22.11 -13.74
C GLU A 732 31.31 -22.96 -12.48
N SER A 733 32.45 -22.97 -11.81
CA SER A 733 32.56 -23.71 -10.56
C SER A 733 31.83 -22.98 -9.44
N PHE A 734 31.25 -23.77 -8.53
CA PHE A 734 30.62 -23.21 -7.34
C PHE A 734 31.58 -23.15 -6.16
N VAL A 735 32.52 -24.08 -6.08
CA VAL A 735 33.51 -24.09 -5.00
C VAL A 735 34.81 -23.52 -5.54
N ALA A 736 34.90 -22.20 -5.61
CA ALA A 736 36.07 -21.52 -6.12
C ALA A 736 36.16 -20.14 -5.50
N ASN A 737 37.29 -19.49 -5.72
CA ASN A 737 37.52 -18.14 -5.21
C ASN A 737 37.24 -17.07 -6.23
N SER A 738 36.91 -17.44 -7.46
CA SER A 738 36.57 -16.48 -8.50
C SER A 738 35.23 -16.87 -9.12
N ARG A 739 34.53 -15.87 -9.64
CA ARG A 739 33.24 -16.06 -10.29
C ARG A 739 32.88 -14.86 -11.16
N LYS A 740 32.44 -15.10 -12.39
CA LYS A 740 32.00 -14.00 -13.24
C LYS A 740 30.65 -13.47 -12.75
N THR A 741 30.43 -12.18 -12.97
CA THR A 741 29.11 -11.60 -12.72
C THR A 741 28.20 -11.90 -13.90
N TRP A 742 26.91 -11.99 -13.63
CA TRP A 742 25.89 -12.12 -14.66
C TRP A 742 24.87 -11.02 -14.45
N ARG A 743 24.67 -10.19 -15.47
CA ARG A 743 23.83 -9.00 -15.36
C ARG A 743 24.29 -8.12 -14.20
N GLY A 744 25.61 -7.99 -14.05
CA GLY A 744 26.19 -7.10 -13.07
C GLY A 744 26.10 -7.56 -11.64
N SER A 745 26.03 -8.87 -11.40
CA SER A 745 25.84 -9.34 -10.04
C SER A 745 26.30 -10.79 -9.91
N ASN A 746 26.84 -11.11 -8.74
CA ASN A 746 27.10 -12.50 -8.35
C ASN A 746 26.98 -12.60 -6.84
N LEU A 747 27.07 -13.83 -6.35
CA LEU A 747 26.79 -14.11 -4.94
C LEU A 747 27.93 -14.93 -4.34
N LEU A 748 28.23 -14.64 -3.06
CA LEU A 748 29.27 -15.34 -2.32
C LEU A 748 28.76 -15.64 -0.92
N VAL A 749 29.06 -16.84 -0.43
CA VAL A 749 28.63 -17.29 0.89
C VAL A 749 29.87 -17.55 1.74
N VAL A 750 29.91 -16.93 2.91
CA VAL A 750 31.01 -17.09 3.87
C VAL A 750 30.53 -18.00 4.98
N ARG A 751 31.36 -18.97 5.34
CA ARG A 751 31.09 -19.87 6.46
C ARG A 751 31.94 -19.45 7.65
N SER A 752 31.31 -19.30 8.82
CA SER A 752 32.00 -18.81 9.99
C SER A 752 33.02 -19.84 10.48
N GLY A 753 34.01 -19.36 11.23
CA GLY A 753 34.96 -20.20 11.93
C GLY A 753 34.52 -20.48 13.34
N LYS A 754 35.50 -20.71 14.21
CA LYS A 754 35.21 -21.00 15.62
C LYS A 754 35.95 -20.08 16.58
N SER A 755 36.54 -18.99 16.09
CA SER A 755 37.15 -17.98 16.93
C SER A 755 36.45 -16.65 16.70
N SER A 756 36.22 -15.91 17.79
CA SER A 756 35.59 -14.60 17.67
C SER A 756 36.56 -13.61 17.04
N GLY A 757 36.04 -12.78 16.14
CA GLY A 757 36.88 -11.80 15.49
C GLY A 757 36.20 -11.20 14.28
N ARG A 758 37.01 -10.58 13.43
CA ARG A 758 36.56 -9.87 12.26
C ARG A 758 36.99 -10.60 10.99
N ILE A 759 36.15 -10.50 9.96
CA ILE A 759 36.38 -11.15 8.68
C ILE A 759 36.35 -10.09 7.60
N ILE A 760 37.41 -10.04 6.80
CA ILE A 760 37.54 -9.08 5.70
C ILE A 760 37.41 -9.85 4.39
N VAL A 761 36.35 -9.54 3.64
CA VAL A 761 36.12 -10.12 2.32
C VAL A 761 36.49 -9.07 1.27
N THR A 762 37.33 -9.47 0.31
CA THR A 762 37.85 -8.57 -0.70
C THR A 762 37.41 -9.03 -2.08
N ALA A 763 36.96 -8.09 -2.90
CA ALA A 763 36.54 -8.37 -4.27
C ALA A 763 37.39 -7.53 -5.22
N LYS A 764 37.92 -8.17 -6.26
CA LYS A 764 38.83 -7.51 -7.20
C LYS A 764 38.32 -7.72 -8.63
N VAL A 765 38.12 -6.62 -9.35
CA VAL A 765 37.67 -6.64 -10.74
C VAL A 765 38.60 -5.76 -11.56
N LYS A 766 38.86 -6.17 -12.81
CA LYS A 766 39.71 -5.40 -13.70
C LYS A 766 39.19 -3.97 -13.85
N ALA A 767 40.12 -3.00 -13.72
CA ALA A 767 39.91 -1.57 -13.94
C ALA A 767 39.07 -0.89 -12.87
N LEU A 768 38.72 -1.59 -11.78
CA LEU A 768 37.95 -0.97 -10.72
C LEU A 768 38.73 -0.93 -9.42
N PRO A 769 38.43 0.02 -8.53
CA PRO A 769 39.04 -0.01 -7.20
C PRO A 769 38.66 -1.25 -6.43
N VAL A 770 39.57 -1.71 -5.58
CA VAL A 770 39.31 -2.88 -4.75
C VAL A 770 38.22 -2.52 -3.74
N ALA A 771 37.32 -3.47 -3.49
CA ALA A 771 36.24 -3.30 -2.54
C ALA A 771 36.35 -4.32 -1.42
N SER A 772 35.87 -3.95 -0.23
CA SER A 772 35.94 -4.80 0.93
C SER A 772 34.67 -4.65 1.77
N ILE A 773 34.43 -5.66 2.61
CA ILE A 773 33.36 -5.62 3.60
C ILE A 773 33.84 -6.37 4.83
N THR A 774 33.41 -5.90 5.99
CA THR A 774 33.86 -6.44 7.27
C THR A 774 32.68 -7.08 8.00
N ILE A 775 32.87 -8.34 8.40
CA ILE A 775 31.85 -9.13 9.08
C ILE A 775 32.46 -9.65 10.38
N THR A 776 31.66 -9.66 11.43
CA THR A 776 32.13 -9.96 12.78
C THR A 776 31.60 -11.30 13.25
N GLN A 777 32.50 -12.11 13.80
CA GLN A 777 32.16 -13.37 14.45
C GLN A 777 31.99 -13.14 15.94
N LYS A 778 31.14 -13.96 16.56
CA LYS A 778 30.91 -13.88 17.99
C LYS A 778 30.86 -15.28 18.59
N LYS A 779 31.54 -15.45 19.72
CA LYS A 779 31.60 -16.70 20.45
C LYS A 779 32.18 -17.83 19.60
N LEU B 5 -36.00 27.56 -18.67
CA LEU B 5 -36.68 28.84 -18.63
C LEU B 5 -37.02 29.25 -17.20
N ARG B 6 -37.26 28.25 -16.34
CA ARG B 6 -37.54 28.54 -14.94
C ARG B 6 -36.32 29.16 -14.26
N GLU B 7 -35.19 28.48 -14.32
CA GLU B 7 -33.92 29.00 -13.81
C GLU B 7 -32.95 29.15 -14.97
N GLN B 8 -32.16 30.22 -14.95
CA GLN B 8 -31.26 30.49 -16.07
C GLN B 8 -30.02 31.21 -15.54
N SER B 9 -28.87 30.90 -16.16
CA SER B 9 -27.64 31.56 -15.78
C SER B 9 -27.65 33.02 -16.22
N PHE B 10 -27.24 33.91 -15.32
CA PHE B 10 -27.30 35.34 -15.55
C PHE B 10 -25.91 35.98 -15.57
N ASP B 11 -24.87 35.17 -15.80
CA ASP B 11 -23.49 35.61 -15.66
C ASP B 11 -22.92 36.29 -16.90
N GLU B 12 -23.61 36.21 -18.03
CA GLU B 12 -23.05 36.69 -19.29
C GLU B 12 -23.45 38.13 -19.56
N ALA B 13 -22.55 38.85 -20.23
CA ALA B 13 -22.80 40.21 -20.73
C ALA B 13 -23.12 41.18 -19.60
N TRP B 14 -22.14 41.37 -18.71
CA TRP B 14 -22.20 42.39 -17.69
C TRP B 14 -21.20 43.49 -18.02
N LEU B 15 -21.38 44.65 -17.37
CA LEU B 15 -20.49 45.78 -17.52
C LEU B 15 -19.97 46.19 -16.14
N PHE B 16 -18.67 46.50 -16.07
CA PHE B 16 -18.02 46.81 -14.81
C PHE B 16 -17.25 48.12 -14.92
N HIS B 17 -17.27 48.90 -13.85
CA HIS B 17 -16.50 50.13 -13.74
C HIS B 17 -15.81 50.15 -12.39
N ARG B 18 -14.48 50.26 -12.39
CA ARG B 18 -13.72 50.30 -11.16
C ARG B 18 -13.78 51.70 -10.56
N GLY B 19 -14.04 51.77 -9.27
CA GLY B 19 -14.22 53.03 -8.58
C GLY B 19 -15.65 53.50 -8.61
N ASP B 20 -15.95 54.46 -7.71
CA ASP B 20 -17.30 55.01 -7.65
C ASP B 20 -17.54 55.93 -8.85
N ILE B 21 -18.81 56.10 -9.18
CA ILE B 21 -19.21 56.97 -10.29
C ILE B 21 -20.61 57.50 -10.01
N ALA B 22 -20.83 58.76 -10.38
CA ALA B 22 -22.12 59.40 -10.15
C ALA B 22 -23.18 58.81 -11.07
N GLU B 23 -24.38 58.64 -10.52
CA GLU B 23 -25.53 58.12 -11.26
C GLU B 23 -25.24 56.77 -11.91
N GLY B 24 -24.50 55.92 -11.19
CA GLY B 24 -24.15 54.62 -11.72
C GLY B 24 -25.35 53.71 -11.94
N GLU B 25 -26.48 54.01 -11.31
CA GLU B 25 -27.66 53.17 -11.40
C GLU B 25 -28.64 53.63 -12.48
N LYS B 26 -28.47 54.82 -13.04
CA LYS B 26 -29.47 55.41 -13.91
C LYS B 26 -29.37 54.86 -15.33
N GLN B 27 -30.53 54.76 -15.99
CA GLN B 27 -30.56 54.34 -17.39
C GLN B 27 -29.89 55.35 -18.29
N SER B 28 -29.90 56.63 -17.92
CA SER B 28 -29.34 57.68 -18.75
C SER B 28 -27.81 57.60 -18.85
N LEU B 29 -27.17 56.79 -18.02
CA LEU B 29 -25.71 56.73 -18.03
C LEU B 29 -25.21 56.05 -19.30
N ASP B 30 -24.12 56.57 -19.86
CA ASP B 30 -23.52 56.03 -21.08
C ASP B 30 -22.51 54.97 -20.67
N ASP B 31 -22.96 53.71 -20.66
CA ASP B 31 -22.12 52.58 -20.30
C ASP B 31 -21.44 51.95 -21.50
N SER B 32 -21.37 52.67 -22.63
CA SER B 32 -20.86 52.08 -23.86
C SER B 32 -19.38 51.73 -23.77
N GLN B 33 -18.61 52.50 -23.01
CA GLN B 33 -17.17 52.29 -22.91
C GLN B 33 -16.75 51.67 -21.58
N TRP B 34 -17.69 51.12 -20.82
CA TRP B 34 -17.34 50.34 -19.64
C TRP B 34 -16.75 49.00 -20.07
N ARG B 35 -16.02 48.37 -19.15
CA ARG B 35 -15.41 47.08 -19.44
C ARG B 35 -16.48 45.99 -19.49
N GLN B 36 -16.43 45.18 -20.55
CA GLN B 36 -17.35 44.07 -20.70
C GLN B 36 -16.76 42.82 -20.04
N ILE B 37 -17.52 42.20 -19.15
CA ILE B 37 -17.05 41.06 -18.38
C ILE B 37 -18.13 39.99 -18.34
N ASN B 38 -17.68 38.74 -18.25
CA ASN B 38 -18.56 37.60 -18.00
C ASN B 38 -18.32 37.11 -16.59
N LEU B 39 -19.36 37.15 -15.75
CA LEU B 39 -19.24 36.72 -14.37
C LEU B 39 -18.95 35.22 -14.30
N PRO B 40 -18.37 34.74 -13.19
CA PRO B 40 -17.94 35.45 -11.97
C PRO B 40 -16.72 36.35 -12.18
N HIS B 41 -16.54 37.33 -11.28
CA HIS B 41 -15.49 38.32 -11.44
C HIS B 41 -14.99 38.75 -10.07
N ASP B 42 -13.72 39.18 -10.04
CA ASP B 42 -13.09 39.67 -8.82
C ASP B 42 -12.07 40.72 -9.23
N TRP B 43 -12.35 41.99 -8.94
CA TRP B 43 -11.46 43.05 -9.38
C TRP B 43 -10.24 43.22 -8.49
N SER B 44 -10.21 42.56 -7.32
CA SER B 44 -9.05 42.66 -6.44
C SER B 44 -7.89 41.79 -6.89
N ILE B 45 -8.15 40.74 -7.68
CA ILE B 45 -7.07 39.94 -8.23
C ILE B 45 -6.48 40.59 -9.47
N GLU B 46 -7.18 41.56 -10.06
CA GLU B 46 -6.66 42.29 -11.19
C GLU B 46 -5.75 43.43 -10.73
N ASP B 47 -4.89 43.89 -11.64
CA ASP B 47 -3.88 44.87 -11.28
C ASP B 47 -4.53 46.19 -10.84
N ILE B 48 -3.88 46.83 -9.87
CA ILE B 48 -4.33 48.16 -9.42
C ILE B 48 -4.12 49.16 -10.55
N PRO B 49 -5.10 50.00 -10.88
CA PRO B 49 -4.98 50.89 -12.03
C PRO B 49 -3.73 51.77 -11.96
N GLY B 50 -2.94 51.74 -13.04
CA GLY B 50 -1.69 52.44 -13.12
C GLY B 50 -0.48 51.55 -12.91
N THR B 51 -0.60 50.53 -12.06
CA THR B 51 0.49 49.61 -11.77
C THR B 51 0.29 48.31 -12.54
N ASN B 52 1.36 47.51 -12.58
CA ASN B 52 1.32 46.19 -13.19
C ASN B 52 1.22 45.08 -12.16
N SER B 53 0.79 45.41 -10.94
CA SER B 53 0.70 44.45 -9.86
C SER B 53 -0.55 44.73 -9.02
N PRO B 54 -1.24 43.68 -8.57
CA PRO B 54 -2.39 43.87 -7.67
C PRO B 54 -2.01 44.12 -6.22
N PHE B 55 -0.72 44.29 -5.92
CA PHE B 55 -0.24 44.42 -4.55
C PHE B 55 0.37 45.79 -4.34
N THR B 56 0.09 46.40 -3.18
CA THR B 56 0.71 47.65 -2.77
C THR B 56 1.16 47.53 -1.32
N ALA B 57 2.32 48.12 -1.03
CA ALA B 57 2.84 48.08 0.34
C ALA B 57 2.06 48.97 1.28
N ASP B 58 1.31 49.94 0.76
CA ASP B 58 0.47 50.82 1.57
C ASP B 58 -1.01 50.43 1.49
N ALA B 59 -1.30 49.16 1.22
CA ALA B 59 -2.68 48.70 1.13
C ALA B 59 -3.33 48.72 2.51
N ALA B 60 -4.62 49.06 2.55
CA ALA B 60 -5.33 49.11 3.82
C ALA B 60 -5.49 47.72 4.42
N THR B 61 -5.63 46.69 3.58
CA THR B 61 -5.78 45.34 4.10
C THR B 61 -4.50 44.86 4.78
N GLU B 62 -3.34 45.24 4.24
CA GLU B 62 -2.02 44.94 4.81
C GLU B 62 -1.84 43.43 4.85
N VAL B 63 -1.38 42.83 5.95
CA VAL B 63 -1.10 41.40 5.99
C VAL B 63 -2.37 40.58 5.88
N ALA B 64 -3.49 41.10 6.40
CA ALA B 64 -4.74 40.33 6.42
C ALA B 64 -5.20 40.02 5.00
N GLY B 65 -5.17 40.99 4.11
CA GLY B 65 -5.61 40.81 2.74
C GLY B 65 -4.53 40.51 1.74
N GLY B 66 -3.33 40.17 2.18
CA GLY B 66 -2.23 39.94 1.26
C GLY B 66 -1.78 41.18 0.53
N PHE B 67 -1.96 42.36 1.14
CA PHE B 67 -1.59 43.64 0.54
C PHE B 67 -2.34 43.88 -0.77
N THR B 68 -3.63 43.57 -0.79
CA THR B 68 -4.51 43.81 -1.92
C THR B 68 -5.43 44.99 -1.64
N VAL B 69 -6.22 45.36 -2.64
CA VAL B 69 -7.06 46.55 -2.58
C VAL B 69 -8.46 46.19 -3.08
N GLY B 70 -9.47 46.68 -2.37
CA GLY B 70 -10.85 46.56 -2.79
C GLY B 70 -11.41 47.87 -3.28
N GLY B 71 -12.30 48.48 -2.48
CA GLY B 71 -12.86 49.76 -2.84
C GLY B 71 -14.31 49.68 -3.29
N THR B 72 -14.71 50.59 -4.17
CA THR B 72 -16.06 50.64 -4.69
C THR B 72 -16.07 50.21 -6.15
N GLY B 73 -17.10 49.46 -6.53
CA GLY B 73 -17.25 49.01 -7.90
C GLY B 73 -18.70 49.04 -8.33
N TRP B 74 -18.90 49.17 -9.64
CA TRP B 74 -20.24 49.24 -10.22
C TRP B 74 -20.39 48.17 -11.29
N TYR B 75 -21.56 47.52 -11.29
CA TYR B 75 -21.91 46.51 -12.28
C TYR B 75 -23.23 46.89 -12.94
N ARG B 76 -23.28 46.76 -14.26
CA ARG B 76 -24.49 47.04 -15.04
C ARG B 76 -24.71 45.93 -16.05
N LYS B 77 -25.98 45.66 -16.33
CA LYS B 77 -26.34 44.67 -17.35
C LYS B 77 -27.68 45.04 -17.95
N HIS B 78 -27.75 45.03 -19.28
CA HIS B 78 -29.00 45.22 -20.00
C HIS B 78 -29.53 43.86 -20.44
N PHE B 79 -30.79 43.58 -20.10
CA PHE B 79 -31.40 42.30 -20.40
C PHE B 79 -32.84 42.51 -20.85
N TYR B 80 -33.31 41.65 -21.74
CA TYR B 80 -34.63 41.75 -22.33
C TYR B 80 -35.57 40.71 -21.71
N ILE B 81 -36.84 41.06 -21.65
CA ILE B 81 -37.88 40.21 -21.09
C ILE B 81 -39.03 40.15 -22.08
N ASP B 82 -39.41 38.95 -22.50
CA ASP B 82 -40.47 38.78 -23.47
C ASP B 82 -41.83 39.20 -22.88
N ALA B 83 -42.75 39.59 -23.77
CA ALA B 83 -44.08 39.98 -23.32
C ALA B 83 -44.90 38.78 -22.88
N ALA B 84 -44.59 37.59 -23.40
CA ALA B 84 -45.34 36.39 -23.04
C ALA B 84 -45.18 36.04 -21.56
N GLU B 85 -44.14 36.56 -20.90
CA GLU B 85 -43.92 36.31 -19.49
C GLU B 85 -44.69 37.27 -18.59
N LYS B 86 -45.60 38.07 -19.15
CA LYS B 86 -46.36 39.03 -18.37
C LYS B 86 -47.16 38.33 -17.29
N GLY B 87 -47.03 38.81 -16.05
CA GLY B 87 -47.75 38.25 -14.93
C GLY B 87 -47.02 37.16 -14.17
N LYS B 88 -45.78 36.85 -14.55
CA LYS B 88 -45.00 35.84 -13.86
C LYS B 88 -44.05 36.49 -12.86
N CYS B 89 -43.60 35.69 -11.90
CA CYS B 89 -42.68 36.17 -10.88
C CYS B 89 -41.25 36.19 -11.43
N ILE B 90 -40.58 37.34 -11.30
CA ILE B 90 -39.23 37.53 -11.78
C ILE B 90 -38.31 37.70 -10.58
N ALA B 91 -37.19 37.00 -10.57
CA ALA B 91 -36.26 37.04 -9.46
C ALA B 91 -34.83 36.89 -9.97
N VAL B 92 -33.91 37.62 -9.34
CA VAL B 92 -32.48 37.50 -9.59
C VAL B 92 -31.85 36.91 -8.34
N SER B 93 -31.11 35.82 -8.51
CA SER B 93 -30.48 35.11 -7.41
C SER B 93 -28.97 35.36 -7.45
N PHE B 94 -28.40 35.71 -6.29
CA PHE B 94 -26.97 35.92 -6.14
C PHE B 94 -26.44 34.96 -5.08
N ASP B 95 -25.40 34.21 -5.44
CA ASP B 95 -24.78 33.28 -4.50
C ASP B 95 -23.70 33.94 -3.66
N GLY B 96 -23.26 35.14 -4.04
CA GLY B 96 -22.27 35.86 -3.25
C GLY B 96 -21.77 37.14 -3.89
N ILE B 97 -21.86 38.25 -3.15
CA ILE B 97 -21.30 39.54 -3.58
C ILE B 97 -20.61 40.15 -2.36
N TYR B 98 -19.29 40.30 -2.44
CA TYR B 98 -18.49 40.84 -1.34
C TYR B 98 -18.01 42.24 -1.74
N MSE B 99 -18.47 43.26 -1.02
CA MSE B 99 -19.52 43.16 0.00
C MSE B 99 -20.28 44.47 0.02
O MSE B 99 -19.96 45.38 -0.76
CB MSE B 99 -18.93 42.86 1.40
CG MSE B 99 -18.03 43.96 1.94
SE MSE B 99 -17.43 43.62 3.77
CE MSE B 99 -19.14 43.92 4.65
N ASN B 100 -21.28 44.57 0.89
CA ASN B 100 -22.11 45.77 1.05
C ASN B 100 -22.64 46.23 -0.31
N ALA B 101 -23.54 45.42 -0.86
CA ALA B 101 -24.06 45.60 -2.20
C ALA B 101 -25.45 46.23 -2.16
N ASP B 102 -25.66 47.21 -3.04
CA ASP B 102 -26.96 47.82 -3.27
C ASP B 102 -27.34 47.61 -4.73
N ILE B 103 -28.60 47.21 -4.95
CA ILE B 103 -29.09 46.79 -6.26
C ILE B 103 -30.21 47.73 -6.69
N TRP B 104 -30.10 48.25 -7.90
CA TRP B 104 -31.12 49.08 -8.53
C TRP B 104 -31.61 48.39 -9.79
N VAL B 105 -32.92 48.38 -9.99
CA VAL B 105 -33.55 47.86 -11.20
C VAL B 105 -34.40 48.98 -11.79
N ASN B 106 -34.01 49.46 -12.97
CA ASN B 106 -34.68 50.57 -13.65
C ASN B 106 -34.75 51.80 -12.73
N ASP B 107 -33.58 52.16 -12.18
CA ASP B 107 -33.37 53.35 -11.36
C ASP B 107 -34.00 53.24 -9.98
N ARG B 108 -34.89 52.27 -9.77
CA ARG B 108 -35.54 52.10 -8.49
C ARG B 108 -34.72 51.19 -7.59
N HIS B 109 -34.44 51.64 -6.38
CA HIS B 109 -33.66 50.85 -5.43
C HIS B 109 -34.47 49.64 -4.96
N VAL B 110 -33.83 48.48 -4.95
CA VAL B 110 -34.47 47.21 -4.59
C VAL B 110 -34.08 46.77 -3.19
N ALA B 111 -32.78 46.59 -2.93
CA ALA B 111 -32.36 46.04 -1.65
C ALA B 111 -30.89 46.34 -1.41
N ASN B 112 -30.46 46.07 -0.18
CA ASN B 112 -29.06 46.14 0.23
C ASN B 112 -28.69 44.81 0.87
N HIS B 113 -27.43 44.40 0.67
CA HIS B 113 -26.94 43.15 1.23
C HIS B 113 -25.49 43.33 1.67
N VAL B 114 -25.22 43.02 2.94
CA VAL B 114 -23.93 43.35 3.55
C VAL B 114 -22.98 42.18 3.49
N TYR B 115 -23.34 41.07 4.14
CA TYR B 115 -22.44 39.93 4.28
C TYR B 115 -22.11 39.34 2.91
N GLY B 116 -20.82 39.30 2.59
CA GLY B 116 -20.36 38.90 1.28
C GLY B 116 -20.19 37.41 1.05
N TYR B 117 -20.65 36.57 1.97
CA TYR B 117 -20.51 35.12 1.83
C TYR B 117 -21.84 34.39 1.76
N THR B 118 -22.97 35.07 1.90
CA THR B 118 -24.27 34.43 1.92
C THR B 118 -25.04 34.71 0.64
N ALA B 119 -25.86 33.74 0.25
CA ALA B 119 -26.66 33.88 -0.95
C ALA B 119 -27.96 34.60 -0.64
N PHE B 120 -28.44 35.39 -1.61
CA PHE B 120 -29.68 36.13 -1.44
C PHE B 120 -30.39 36.24 -2.78
N GLU B 121 -31.72 36.24 -2.72
CA GLU B 121 -32.56 36.33 -3.90
C GLU B 121 -33.47 37.54 -3.79
N LEU B 122 -33.59 38.28 -4.90
CA LEU B 122 -34.40 39.49 -4.95
C LEU B 122 -35.54 39.29 -5.94
N ASP B 123 -36.77 39.43 -5.46
CA ASP B 123 -37.93 39.43 -6.35
C ASP B 123 -38.09 40.83 -6.94
N ILE B 124 -37.98 40.93 -8.27
CA ILE B 124 -38.02 42.23 -8.94
C ILE B 124 -39.22 42.27 -9.90
N THR B 125 -40.32 41.62 -9.51
CA THR B 125 -41.50 41.58 -10.36
C THR B 125 -42.09 42.96 -10.56
N ASP B 126 -42.21 43.74 -9.48
CA ASP B 126 -42.79 45.08 -9.56
C ASP B 126 -41.88 46.06 -10.30
N TYR B 127 -40.65 45.69 -10.63
CA TYR B 127 -39.68 46.63 -11.16
C TYR B 127 -39.42 46.49 -12.66
N VAL B 128 -39.83 45.39 -13.27
CA VAL B 128 -39.46 45.10 -14.65
C VAL B 128 -40.55 45.61 -15.60
N ARG B 129 -40.15 45.84 -16.84
CA ARG B 129 -41.07 46.20 -17.93
C ARG B 129 -41.10 45.05 -18.92
N PHE B 130 -42.30 44.53 -19.18
CA PHE B 130 -42.44 43.36 -20.04
C PHE B 130 -42.50 43.77 -21.50
N GLY B 131 -41.82 43.00 -22.34
CA GLY B 131 -41.68 43.38 -23.74
C GLY B 131 -40.82 44.61 -23.94
N ALA B 132 -39.77 44.76 -23.15
CA ALA B 132 -38.95 45.96 -23.20
C ALA B 132 -37.58 45.64 -22.60
N GLU B 133 -36.65 46.57 -22.80
CA GLU B 133 -35.31 46.44 -22.25
C GLU B 133 -35.31 46.83 -20.78
N ASN B 134 -34.52 46.11 -19.99
CA ASN B 134 -34.40 46.36 -18.56
C ASN B 134 -32.94 46.57 -18.20
N LEU B 135 -32.73 47.22 -17.04
CA LEU B 135 -31.40 47.55 -16.57
C LEU B 135 -31.30 47.19 -15.09
N ILE B 136 -30.32 46.36 -14.75
CA ILE B 136 -29.97 46.08 -13.36
C ILE B 136 -28.59 46.65 -13.09
N ALA B 137 -28.44 47.31 -11.95
CA ALA B 137 -27.19 47.96 -11.58
C ALA B 137 -26.86 47.63 -10.14
N VAL B 138 -25.63 47.19 -9.90
CA VAL B 138 -25.18 46.79 -8.56
C VAL B 138 -23.93 47.59 -8.21
N ARG B 139 -23.94 48.18 -7.03
CA ARG B 139 -22.78 48.86 -6.47
C ARG B 139 -22.22 48.04 -5.32
N VAL B 140 -20.89 47.92 -5.28
CA VAL B 140 -20.19 47.13 -4.28
C VAL B 140 -19.27 48.07 -3.51
N LYS B 141 -19.28 47.97 -2.18
CA LYS B 141 -18.41 48.76 -1.32
C LYS B 141 -17.63 47.81 -0.43
N ASN B 142 -16.39 47.52 -0.82
CA ASN B 142 -15.46 46.70 -0.03
C ASN B 142 -14.37 47.63 0.51
N GLU B 143 -14.70 48.32 1.59
CA GLU B 143 -13.86 49.39 2.14
C GLU B 143 -13.37 49.00 3.52
N GLY B 144 -12.05 49.06 3.72
CA GLY B 144 -11.44 48.88 5.02
C GLY B 144 -10.98 47.46 5.27
N MSE B 145 -10.46 47.26 6.48
CA MSE B 145 -10.08 45.92 6.93
C MSE B 145 -11.32 45.14 7.36
O MSE B 145 -11.92 45.42 8.39
CB MSE B 145 -9.08 46.00 8.09
CG MSE B 145 -7.65 46.29 7.65
SE MSE B 145 -6.29 45.44 8.77
CE MSE B 145 -6.15 46.78 10.19
N ASN B 146 -11.67 44.14 6.55
CA ASN B 146 -12.89 43.35 6.78
C ASN B 146 -12.60 41.93 7.25
N CYS B 147 -11.65 41.23 6.64
CA CYS B 147 -11.33 39.87 7.00
C CYS B 147 -9.86 39.75 7.37
N ARG B 148 -9.53 38.61 7.98
CA ARG B 148 -8.17 38.24 8.28
C ARG B 148 -7.50 37.50 7.12
N TRP B 149 -8.23 37.27 6.04
CA TRP B 149 -7.71 36.61 4.84
C TRP B 149 -8.22 37.35 3.62
N TYR B 150 -7.65 37.02 2.46
CA TYR B 150 -8.05 37.65 1.21
C TYR B 150 -9.52 37.34 0.92
N THR B 151 -10.27 38.39 0.56
CA THR B 151 -11.69 38.27 0.29
C THR B 151 -12.03 38.35 -1.19
N GLY B 152 -11.36 39.21 -1.94
CA GLY B 152 -11.79 39.55 -3.28
C GLY B 152 -12.91 40.58 -3.23
N SER B 153 -13.24 41.11 -4.39
CA SER B 153 -14.25 42.17 -4.47
C SER B 153 -15.06 42.00 -5.75
N GLY B 154 -16.38 42.09 -5.62
CA GLY B 154 -17.25 42.02 -6.79
C GLY B 154 -18.20 40.84 -6.77
N ILE B 155 -18.74 40.50 -7.94
CA ILE B 155 -19.68 39.37 -8.04
C ILE B 155 -18.84 38.15 -8.38
N TYR B 156 -18.29 37.54 -7.33
CA TYR B 156 -17.36 36.43 -7.49
C TYR B 156 -18.04 35.07 -7.56
N ARG B 157 -19.37 35.02 -7.50
CA ARG B 157 -20.11 33.78 -7.59
C ARG B 157 -21.17 33.91 -8.69
N HIS B 158 -21.90 32.81 -8.91
CA HIS B 158 -22.84 32.74 -10.02
C HIS B 158 -24.12 33.50 -9.71
N THR B 159 -24.76 33.99 -10.77
CA THR B 159 -26.04 34.69 -10.70
C THR B 159 -27.07 33.94 -11.53
N PHE B 160 -28.33 34.06 -11.12
CA PHE B 160 -29.41 33.31 -11.77
C PHE B 160 -30.63 34.20 -11.93
N LEU B 161 -31.43 33.89 -12.96
CA LEU B 161 -32.68 34.57 -13.25
C LEU B 161 -33.81 33.56 -13.19
N LYS B 162 -34.76 33.77 -12.29
CA LYS B 162 -35.85 32.83 -12.05
C LYS B 162 -37.16 33.42 -12.53
N ILE B 163 -37.85 32.70 -13.42
CA ILE B 163 -39.18 33.06 -13.90
C ILE B 163 -40.12 31.95 -13.46
N THR B 164 -41.05 32.26 -12.55
CA THR B 164 -41.96 31.27 -12.01
C THR B 164 -43.39 31.76 -12.13
N ASN B 165 -44.32 30.81 -12.21
CA ASN B 165 -45.73 31.14 -12.07
C ASN B 165 -45.99 31.70 -10.67
N PRO B 166 -47.01 32.55 -10.51
CA PRO B 166 -47.27 33.13 -9.19
C PRO B 166 -47.44 32.09 -8.09
N LEU B 167 -47.90 30.89 -8.43
CA LEU B 167 -47.91 29.74 -7.52
C LEU B 167 -46.68 28.89 -7.86
N HIS B 168 -45.71 28.85 -6.96
CA HIS B 168 -44.44 28.20 -7.25
C HIS B 168 -43.82 27.68 -5.96
N PHE B 169 -42.81 26.84 -6.12
CA PHE B 169 -42.01 26.40 -4.98
C PHE B 169 -41.17 27.57 -4.48
N GLU B 170 -41.27 27.84 -3.19
CA GLU B 170 -40.46 28.90 -2.59
C GLU B 170 -38.99 28.50 -2.56
N THR B 171 -38.12 29.46 -2.86
CA THR B 171 -36.68 29.21 -2.87
C THR B 171 -36.22 28.66 -1.53
N TRP B 172 -35.48 27.56 -1.58
CA TRP B 172 -34.93 26.87 -0.41
C TRP B 172 -36.01 26.31 0.51
N GLY B 173 -37.27 26.31 0.08
CA GLY B 173 -38.35 25.84 0.93
C GLY B 173 -38.45 24.33 1.07
N THR B 174 -37.88 23.59 0.12
CA THR B 174 -37.98 22.13 0.13
C THR B 174 -36.82 21.55 0.92
N PHE B 175 -37.14 20.79 1.96
CA PHE B 175 -36.16 20.14 2.83
C PHE B 175 -36.37 18.63 2.73
N VAL B 176 -35.38 17.93 2.20
CA VAL B 176 -35.45 16.49 2.00
C VAL B 176 -34.60 15.82 3.07
N THR B 177 -35.22 14.96 3.88
CA THR B 177 -34.53 14.22 4.92
C THR B 177 -34.70 12.72 4.67
N THR B 178 -33.81 11.94 5.29
CA THR B 178 -33.87 10.48 5.26
C THR B 178 -33.88 9.98 6.69
N PRO B 179 -35.04 10.03 7.36
CA PRO B 179 -35.10 9.57 8.76
C PRO B 179 -34.71 8.11 8.93
N VAL B 180 -35.10 7.25 8.00
CA VAL B 180 -34.67 5.86 7.98
C VAL B 180 -33.81 5.65 6.74
N ALA B 181 -32.59 5.11 6.95
CA ALA B 181 -31.66 4.93 5.84
C ALA B 181 -30.77 3.72 6.16
N THR B 182 -31.32 2.54 5.91
CA THR B 182 -30.59 1.29 6.05
C THR B 182 -30.37 0.66 4.68
N ALA B 183 -29.60 -0.43 4.67
CA ALA B 183 -29.30 -1.12 3.42
C ALA B 183 -30.52 -1.81 2.82
N ASP B 184 -31.51 -2.18 3.64
CA ASP B 184 -32.69 -2.86 3.15
C ASP B 184 -33.75 -1.90 2.65
N LYS B 185 -33.97 -0.78 3.33
CA LYS B 185 -34.97 0.19 2.92
C LYS B 185 -34.55 1.58 3.38
N ALA B 186 -35.27 2.58 2.89
CA ALA B 186 -35.04 3.96 3.28
C ALA B 186 -36.33 4.74 3.15
N GLU B 187 -36.65 5.55 4.16
CA GLU B 187 -37.78 6.47 4.12
C GLU B 187 -37.26 7.87 3.82
N VAL B 188 -37.80 8.48 2.77
CA VAL B 188 -37.38 9.81 2.33
C VAL B 188 -38.54 10.78 2.57
N HIS B 189 -38.32 11.76 3.44
CA HIS B 189 -39.33 12.74 3.80
C HIS B 189 -39.06 14.03 3.03
N VAL B 190 -40.08 14.50 2.30
CA VAL B 190 -39.99 15.72 1.51
C VAL B 190 -40.92 16.76 2.14
N GLN B 191 -40.33 17.77 2.77
CA GLN B 191 -41.07 18.92 3.26
C GLN B 191 -41.00 20.04 2.22
N SER B 192 -42.12 20.69 1.96
CA SER B 192 -42.17 21.72 0.93
C SER B 192 -43.02 22.90 1.39
N VAL B 193 -42.62 24.09 0.94
CA VAL B 193 -43.34 25.32 1.19
C VAL B 193 -43.85 25.85 -0.14
N LEU B 194 -45.14 26.15 -0.21
CA LEU B 194 -45.78 26.63 -1.43
C LEU B 194 -46.00 28.14 -1.34
N ALA B 195 -45.41 28.87 -2.28
CA ALA B 195 -45.55 30.32 -2.33
C ALA B 195 -46.84 30.66 -3.09
N ASN B 196 -47.84 31.16 -2.37
CA ASN B 196 -49.11 31.57 -2.97
C ASN B 196 -49.08 33.08 -3.14
N THR B 197 -48.33 33.53 -4.15
CA THR B 197 -48.06 34.96 -4.32
C THR B 197 -49.34 35.74 -4.56
N GLU B 198 -50.27 35.20 -5.35
CA GLU B 198 -51.52 35.89 -5.62
C GLU B 198 -52.63 35.52 -4.65
N LYS B 199 -52.31 34.78 -3.59
CA LYS B 199 -53.24 34.48 -2.50
C LYS B 199 -54.55 33.90 -3.02
N VAL B 200 -54.41 32.91 -3.91
CA VAL B 200 -55.55 32.29 -4.58
C VAL B 200 -55.94 31.01 -3.86
N THR B 201 -57.23 30.82 -3.63
CA THR B 201 -57.76 29.58 -3.08
C THR B 201 -58.01 28.58 -4.20
N GLY B 202 -57.75 27.32 -3.91
CA GLY B 202 -57.93 26.27 -4.90
C GLY B 202 -57.18 25.02 -4.50
N LYS B 203 -57.19 24.05 -5.41
CA LYS B 203 -56.54 22.76 -5.19
C LYS B 203 -55.47 22.53 -6.25
N VAL B 204 -54.37 21.89 -5.83
CA VAL B 204 -53.26 21.54 -6.71
C VAL B 204 -52.76 20.15 -6.34
N ILE B 205 -52.00 19.56 -7.25
CA ILE B 205 -51.44 18.23 -7.08
C ILE B 205 -49.94 18.37 -6.84
N LEU B 206 -49.48 17.88 -5.71
CA LEU B 206 -48.05 17.76 -5.44
C LEU B 206 -47.60 16.37 -5.83
N GLU B 207 -46.76 16.27 -6.86
CA GLU B 207 -46.22 15.00 -7.32
C GLU B 207 -44.73 14.95 -6.99
N THR B 208 -44.33 13.99 -6.18
CA THR B 208 -42.95 13.78 -5.81
C THR B 208 -42.44 12.51 -6.48
N ARG B 209 -41.31 12.63 -7.18
CA ARG B 209 -40.72 11.53 -7.93
C ARG B 209 -39.26 11.40 -7.54
N ILE B 210 -38.81 10.18 -7.24
CA ILE B 210 -37.44 9.90 -6.87
C ILE B 210 -36.83 9.03 -7.96
N VAL B 211 -35.80 9.55 -8.63
CA VAL B 211 -35.14 8.86 -9.72
C VAL B 211 -33.71 8.53 -9.31
N ASP B 212 -33.18 7.46 -9.90
CA ASP B 212 -31.81 7.04 -9.64
C ASP B 212 -30.87 7.72 -10.64
N LYS B 213 -29.63 7.25 -10.72
CA LYS B 213 -28.67 7.84 -11.65
C LYS B 213 -29.05 7.60 -13.10
N ASN B 214 -29.95 6.65 -13.36
CA ASN B 214 -30.41 6.35 -14.71
C ASN B 214 -31.77 6.98 -15.01
N ASN B 215 -32.19 7.95 -14.20
CA ASN B 215 -33.50 8.60 -14.33
C ASN B 215 -34.64 7.57 -14.33
N HIS B 216 -34.47 6.51 -13.56
CA HIS B 216 -35.51 5.50 -13.37
C HIS B 216 -36.25 5.80 -12.08
N THR B 217 -37.57 5.95 -12.17
CA THR B 217 -38.38 6.24 -11.00
C THR B 217 -38.37 5.05 -10.04
N VAL B 218 -37.86 5.27 -8.83
CA VAL B 218 -37.87 4.23 -7.80
C VAL B 218 -38.94 4.46 -6.75
N ALA B 219 -39.64 5.60 -6.80
CA ALA B 219 -40.70 5.89 -5.85
C ALA B 219 -41.52 7.06 -6.40
N ARG B 220 -42.84 7.01 -6.15
CA ARG B 220 -43.76 8.03 -6.60
C ARG B 220 -44.82 8.27 -5.53
N LYS B 221 -45.20 9.53 -5.36
CA LYS B 221 -46.19 9.91 -4.34
C LYS B 221 -46.92 11.15 -4.82
N GLU B 222 -48.24 11.10 -4.81
CA GLU B 222 -49.09 12.23 -5.18
C GLU B 222 -49.93 12.64 -3.98
N GLN B 223 -50.06 13.96 -3.80
CA GLN B 223 -50.87 14.51 -2.72
C GLN B 223 -51.71 15.66 -3.26
N LEU B 224 -52.96 15.74 -2.79
CA LEU B 224 -53.89 16.79 -3.19
C LEU B 224 -53.85 17.90 -2.15
N VAL B 225 -53.42 19.09 -2.57
CA VAL B 225 -53.21 20.22 -1.68
C VAL B 225 -54.33 21.23 -1.91
N THR B 226 -54.97 21.65 -0.82
CA THR B 226 -55.98 22.70 -0.84
C THR B 226 -55.31 24.00 -0.43
N LEU B 227 -55.36 25.01 -1.30
CA LEU B 227 -54.68 26.27 -1.07
C LEU B 227 -55.61 27.26 -0.38
N ASP B 228 -55.11 27.92 0.65
CA ASP B 228 -55.86 28.95 1.36
C ASP B 228 -55.51 30.33 0.77
N ASN B 229 -55.98 31.38 1.41
CA ASN B 229 -55.67 32.74 0.98
C ASN B 229 -54.44 33.30 1.68
N LYS B 230 -53.76 32.52 2.49
CA LYS B 230 -52.49 32.94 3.07
C LYS B 230 -51.38 32.85 2.02
N GLU B 231 -50.28 33.56 2.28
CA GLU B 231 -49.20 33.61 1.31
C GLU B 231 -48.44 32.28 1.22
N LYS B 232 -48.46 31.49 2.28
CA LYS B 232 -47.66 30.28 2.36
C LYS B 232 -48.51 29.08 2.74
N THR B 233 -48.34 27.98 2.01
CA THR B 233 -48.92 26.69 2.36
C THR B 233 -47.79 25.68 2.53
N GLU B 234 -47.87 24.89 3.60
CA GLU B 234 -46.81 23.95 3.97
C GLU B 234 -47.31 22.53 3.74
N VAL B 235 -46.58 21.77 2.93
CA VAL B 235 -46.98 20.42 2.54
C VAL B 235 -45.79 19.48 2.66
N GLY B 236 -46.09 18.21 2.87
CA GLY B 236 -45.04 17.21 3.00
C GLY B 236 -45.59 15.81 3.04
N HIS B 237 -44.73 14.86 2.69
CA HIS B 237 -45.06 13.43 2.73
C HIS B 237 -43.76 12.65 2.63
N ALA B 238 -43.87 11.33 2.82
CA ALA B 238 -42.72 10.45 2.85
C ALA B 238 -42.83 9.40 1.76
N LEU B 239 -41.67 8.95 1.27
CA LEU B 239 -41.59 7.92 0.24
C LEU B 239 -40.68 6.80 0.70
N GLU B 240 -41.00 5.58 0.27
CA GLU B 240 -40.23 4.39 0.63
C GLU B 240 -39.38 3.97 -0.57
N VAL B 241 -38.10 3.69 -0.31
CA VAL B 241 -37.17 3.26 -1.34
C VAL B 241 -36.56 1.92 -0.92
N LEU B 242 -36.83 0.89 -1.70
CA LEU B 242 -36.35 -0.45 -1.39
C LEU B 242 -34.92 -0.64 -1.87
N ALA B 243 -34.09 -1.24 -1.02
CA ALA B 243 -32.69 -1.53 -1.29
C ALA B 243 -31.98 -0.31 -1.88
N PRO B 244 -31.81 0.76 -1.11
CA PRO B 244 -31.25 2.00 -1.66
C PRO B 244 -29.73 1.92 -1.78
N GLN B 245 -29.21 2.73 -2.70
CA GLN B 245 -27.77 2.95 -2.82
C GLN B 245 -27.36 4.02 -1.83
N LEU B 246 -26.68 3.62 -0.76
CA LEU B 246 -26.33 4.55 0.31
C LEU B 246 -25.18 5.44 -0.11
N TRP B 247 -25.31 6.73 0.21
CA TRP B 247 -24.24 7.69 -0.07
C TRP B 247 -23.11 7.51 0.93
N SER B 248 -21.87 7.49 0.43
CA SER B 248 -20.70 7.35 1.28
C SER B 248 -19.52 8.04 0.60
N ILE B 249 -18.40 8.12 1.32
CA ILE B 249 -17.20 8.70 0.75
C ILE B 249 -16.65 7.82 -0.36
N ASP B 250 -16.86 6.51 -0.28
CA ASP B 250 -16.40 5.58 -1.32
C ASP B 250 -17.43 5.38 -2.42
N ASN B 251 -18.70 5.61 -2.15
CA ASN B 251 -19.78 5.46 -3.13
C ASN B 251 -20.66 6.70 -3.06
N PRO B 252 -20.26 7.80 -3.72
CA PRO B 252 -21.03 9.05 -3.64
C PRO B 252 -22.27 9.04 -4.52
N TYR B 253 -23.14 8.06 -4.28
CA TYR B 253 -24.33 7.89 -5.11
C TYR B 253 -25.34 8.98 -4.82
N LEU B 254 -25.87 9.60 -5.87
CA LEU B 254 -26.80 10.72 -5.76
C LEU B 254 -28.11 10.36 -6.45
N TYR B 255 -29.20 10.43 -5.71
CA TYR B 255 -30.53 10.37 -6.28
C TYR B 255 -30.98 11.80 -6.63
N GLN B 256 -32.15 11.91 -7.25
CA GLN B 256 -32.75 13.20 -7.55
C GLN B 256 -34.23 13.17 -7.18
N VAL B 257 -34.67 14.19 -6.45
CA VAL B 257 -36.06 14.35 -6.09
C VAL B 257 -36.69 15.32 -7.08
N VAL B 258 -37.75 14.89 -7.75
CA VAL B 258 -38.44 15.68 -8.77
C VAL B 258 -39.79 16.08 -8.20
N ASN B 259 -39.92 17.33 -7.77
CA ASN B 259 -41.17 17.85 -7.23
C ASN B 259 -41.90 18.65 -8.31
N ARG B 260 -43.19 18.37 -8.48
CA ARG B 260 -44.00 19.02 -9.49
C ARG B 260 -45.33 19.46 -8.89
N LEU B 261 -45.77 20.66 -9.29
CA LEU B 261 -47.09 21.18 -8.94
C LEU B 261 -47.95 21.12 -10.19
N LEU B 262 -49.00 20.30 -10.15
CA LEU B 262 -49.84 20.04 -11.31
C LEU B 262 -51.26 20.53 -11.05
N GLN B 263 -51.89 21.04 -12.11
CA GLN B 263 -53.29 21.47 -12.06
C GLN B 263 -53.91 21.07 -13.39
N ASP B 264 -54.83 20.08 -13.34
CA ASP B 264 -55.42 19.49 -14.54
C ASP B 264 -54.34 18.92 -15.47
N ASP B 265 -53.40 18.19 -14.86
CA ASP B 265 -52.29 17.56 -15.58
C ASP B 265 -51.45 18.57 -16.35
N LYS B 266 -51.37 19.81 -15.85
CA LYS B 266 -50.54 20.84 -16.44
C LYS B 266 -49.56 21.32 -15.38
N VAL B 267 -48.27 21.29 -15.72
CA VAL B 267 -47.22 21.56 -14.73
C VAL B 267 -47.21 23.05 -14.40
N ILE B 268 -47.40 23.37 -13.13
CA ILE B 268 -47.37 24.76 -12.68
C ILE B 268 -45.97 25.16 -12.23
N ASP B 269 -45.27 24.29 -11.49
CA ASP B 269 -43.89 24.52 -11.13
C ASP B 269 -43.18 23.19 -10.99
N GLU B 270 -41.85 23.25 -11.02
CA GLU B 270 -41.03 22.04 -11.04
C GLU B 270 -39.65 22.36 -10.46
N GLU B 271 -39.16 21.50 -9.57
CA GLU B 271 -37.86 21.68 -8.97
C GLU B 271 -37.12 20.35 -8.94
N TYR B 272 -35.79 20.43 -9.07
CA TYR B 272 -34.92 19.26 -9.02
C TYR B 272 -33.96 19.40 -7.85
N ILE B 273 -33.81 18.34 -7.07
CA ILE B 273 -32.95 18.33 -5.89
C ILE B 273 -32.15 17.05 -5.89
N SER B 274 -30.82 17.16 -5.93
CA SER B 274 -29.95 16.01 -5.78
C SER B 274 -29.78 15.71 -4.30
N ILE B 275 -29.99 14.45 -3.93
CA ILE B 275 -29.91 14.02 -2.54
C ILE B 275 -29.01 12.80 -2.44
N GLY B 276 -28.61 12.49 -1.21
CA GLY B 276 -27.88 11.28 -0.90
C GLY B 276 -28.43 10.60 0.33
N ILE B 277 -28.73 9.31 0.23
CA ILE B 277 -29.31 8.56 1.33
C ILE B 277 -28.17 8.05 2.21
N ARG B 278 -28.02 8.65 3.39
CA ARG B 278 -26.99 8.19 4.30
C ARG B 278 -27.38 8.53 5.74
N ASN B 279 -26.82 7.78 6.67
CA ASN B 279 -27.10 7.92 8.10
C ASN B 279 -25.81 8.36 8.80
N ILE B 280 -25.93 9.40 9.62
CA ILE B 280 -24.80 9.89 10.40
C ILE B 280 -25.16 9.84 11.88
N ALA B 281 -24.15 9.59 12.71
CA ALA B 281 -24.35 9.48 14.15
C ALA B 281 -23.11 9.97 14.87
N PHE B 282 -23.31 10.58 16.04
CA PHE B 282 -22.23 11.13 16.85
C PHE B 282 -22.45 10.67 18.29
N SER B 283 -21.44 10.03 18.87
CA SER B 283 -21.51 9.61 20.26
C SER B 283 -20.10 9.58 20.84
N ALA B 284 -20.02 9.71 22.16
CA ALA B 284 -18.72 9.68 22.82
C ALA B 284 -18.13 8.28 22.84
N GLU B 285 -18.98 7.25 22.83
CA GLU B 285 -18.49 5.87 22.88
C GLU B 285 -18.00 5.40 21.52
N ASN B 286 -18.68 5.77 20.45
CA ASN B 286 -18.39 5.24 19.12
C ASN B 286 -17.97 6.31 18.12
N GLY B 287 -17.83 7.56 18.56
CA GLY B 287 -17.35 8.61 17.66
C GLY B 287 -18.34 8.89 16.54
N PHE B 288 -17.81 9.17 15.36
CA PHE B 288 -18.61 9.46 14.19
C PHE B 288 -18.87 8.18 13.40
N GLN B 289 -20.13 7.98 13.00
CA GLN B 289 -20.53 6.80 12.25
C GLN B 289 -21.24 7.24 10.98
N LEU B 290 -20.82 6.68 9.84
CA LEU B 290 -21.46 6.92 8.55
C LEU B 290 -22.03 5.61 8.06
N ASN B 291 -23.37 5.54 7.99
CA ASN B 291 -24.08 4.32 7.57
C ASN B 291 -23.75 3.14 8.47
N GLY B 292 -23.55 3.42 9.76
CA GLY B 292 -23.27 2.39 10.74
C GLY B 292 -21.81 2.07 10.93
N LYS B 293 -20.93 2.54 10.04
CA LYS B 293 -19.50 2.27 10.12
C LYS B 293 -18.80 3.41 10.84
N SER B 294 -18.01 3.08 11.85
CA SER B 294 -17.30 4.11 12.61
C SER B 294 -16.13 4.66 11.80
N MSE B 295 -15.87 5.95 11.99
CA MSE B 295 -14.89 6.65 11.17
C MSE B 295 -14.19 7.78 11.91
O MSE B 295 -14.77 8.43 12.78
CB MSE B 295 -15.56 7.22 9.92
CG MSE B 295 -15.21 6.54 8.62
SE MSE B 295 -16.10 7.41 7.13
CE MSE B 295 -15.24 9.16 7.21
N LYS B 296 -12.94 8.02 11.54
CA LYS B 296 -12.18 9.18 12.00
C LYS B 296 -12.10 10.20 10.87
N LEU B 297 -12.44 11.45 11.16
CA LEU B 297 -12.49 12.50 10.15
C LEU B 297 -11.07 12.95 9.82
N LYS B 298 -10.59 12.57 8.63
CA LYS B 298 -9.34 13.09 8.08
C LYS B 298 -9.65 14.43 7.43
N GLY B 299 -9.65 15.48 8.25
CA GLY B 299 -10.15 16.77 7.83
C GLY B 299 -9.07 17.82 7.62
N GLY B 300 -9.47 18.90 6.96
CA GLY B 300 -8.58 20.02 6.72
C GLY B 300 -9.39 21.27 6.46
N CYS B 301 -8.85 22.42 6.87
CA CYS B 301 -9.51 23.69 6.67
C CYS B 301 -9.07 24.32 5.36
N ILE B 302 -9.99 25.06 4.74
CA ILE B 302 -9.73 25.74 3.48
C ILE B 302 -10.45 27.08 3.49
N HIS B 303 -9.83 28.08 2.86
CA HIS B 303 -10.49 29.35 2.61
C HIS B 303 -11.09 29.33 1.20
N HIS B 304 -11.80 30.42 0.86
CA HIS B 304 -12.63 30.40 -0.33
C HIS B 304 -11.92 30.80 -1.61
N ASP B 305 -10.78 31.48 -1.54
CA ASP B 305 -10.13 31.98 -2.74
C ASP B 305 -9.51 30.82 -3.53
N ASN B 306 -9.25 31.07 -4.80
CA ASN B 306 -8.70 30.08 -5.73
C ASN B 306 -7.39 30.57 -6.35
N GLY B 307 -6.55 31.22 -5.55
CA GLY B 307 -5.22 31.60 -5.99
C GLY B 307 -5.19 32.61 -7.13
N LEU B 308 -4.70 32.18 -8.29
CA LEU B 308 -4.57 33.08 -9.43
C LEU B 308 -5.92 33.55 -9.96
N LEU B 309 -6.99 32.83 -9.66
CA LEU B 309 -8.34 33.25 -10.03
C LEU B 309 -8.99 34.15 -8.99
N GLY B 310 -8.26 34.53 -7.94
CA GLY B 310 -8.85 35.33 -6.89
C GLY B 310 -9.98 34.60 -6.21
N ALA B 311 -11.07 35.32 -5.96
CA ALA B 311 -12.27 34.75 -5.35
C ALA B 311 -13.23 34.16 -6.37
N LYS B 312 -12.92 34.26 -7.66
CA LYS B 312 -13.81 33.76 -8.71
C LYS B 312 -14.08 32.27 -8.54
N ALA B 313 -15.32 31.93 -8.20
CA ALA B 313 -15.70 30.55 -7.90
C ALA B 313 -16.22 29.87 -9.17
N PHE B 314 -15.29 29.60 -10.08
CA PHE B 314 -15.62 28.80 -11.26
C PHE B 314 -15.97 27.39 -10.83
N ASP B 315 -16.90 26.77 -11.56
CA ASP B 315 -17.32 25.41 -11.23
C ASP B 315 -16.13 24.45 -11.29
N ARG B 316 -15.34 24.52 -12.36
CA ARG B 316 -14.18 23.65 -12.48
C ARG B 316 -13.16 23.94 -11.39
N ALA B 317 -12.99 25.20 -11.02
CA ALA B 317 -12.03 25.56 -9.98
C ALA B 317 -12.43 24.96 -8.63
N GLU B 318 -13.72 25.03 -8.28
CA GLU B 318 -14.19 24.41 -7.05
C GLU B 318 -14.04 22.89 -7.12
N GLU B 319 -14.40 22.30 -8.25
CA GLU B 319 -14.30 20.86 -8.40
C GLU B 319 -12.85 20.39 -8.38
N ARG B 320 -11.95 21.14 -9.02
CA ARG B 320 -10.54 20.76 -9.06
C ARG B 320 -9.95 20.71 -7.65
N LYS B 321 -10.32 21.67 -6.79
CA LYS B 321 -9.78 21.71 -5.44
C LYS B 321 -10.19 20.47 -4.64
N ILE B 322 -11.44 20.04 -4.79
CA ILE B 322 -11.90 18.85 -4.07
C ILE B 322 -11.20 17.62 -4.57
N GLU B 323 -10.97 17.53 -5.90
CA GLU B 323 -10.24 16.41 -6.46
C GLU B 323 -8.83 16.33 -5.88
N LEU B 324 -8.13 17.46 -5.85
CA LEU B 324 -6.76 17.47 -5.34
C LEU B 324 -6.71 17.11 -3.85
N LEU B 325 -7.70 17.58 -3.08
CA LEU B 325 -7.71 17.27 -1.66
C LEU B 325 -8.12 15.82 -1.42
N LYS B 326 -9.02 15.27 -2.25
CA LYS B 326 -9.34 13.86 -2.16
C LYS B 326 -8.13 12.99 -2.47
N ALA B 327 -7.35 13.38 -3.48
CA ALA B 327 -6.15 12.64 -3.84
C ALA B 327 -5.07 12.74 -2.78
N ALA B 328 -5.09 13.77 -1.94
CA ALA B 328 -4.13 13.93 -0.86
C ALA B 328 -4.50 13.14 0.39
N GLY B 329 -5.67 12.52 0.41
CA GLY B 329 -6.08 11.67 1.52
C GLY B 329 -7.18 12.24 2.39
N PHE B 330 -7.59 13.48 2.19
CA PHE B 330 -8.62 14.09 3.01
C PHE B 330 -9.98 13.47 2.72
N ASN B 331 -10.80 13.35 3.78
CA ASN B 331 -12.19 12.93 3.63
C ASN B 331 -13.18 13.91 4.24
N ALA B 332 -12.71 14.99 4.87
CA ALA B 332 -13.57 16.00 5.46
C ALA B 332 -12.93 17.37 5.29
N LEU B 333 -13.77 18.41 5.29
CA LEU B 333 -13.30 19.77 5.09
C LEU B 333 -14.06 20.71 6.01
N ARG B 334 -13.33 21.66 6.60
CA ARG B 334 -13.91 22.70 7.44
C ARG B 334 -13.85 24.01 6.64
N LEU B 335 -15.02 24.54 6.29
CA LEU B 335 -15.11 25.71 5.43
C LEU B 335 -14.95 26.96 6.27
N SER B 336 -13.70 27.38 6.46
CA SER B 336 -13.37 28.48 7.35
C SER B 336 -13.35 29.79 6.58
N HIS B 337 -14.06 30.80 7.10
CA HIS B 337 -14.97 30.65 8.23
C HIS B 337 -16.31 31.23 7.78
N ASN B 338 -16.83 30.70 6.69
CA ASN B 338 -17.97 31.29 5.99
C ASN B 338 -18.52 30.26 5.02
N PRO B 339 -19.77 30.42 4.59
CA PRO B 339 -20.34 29.46 3.64
C PRO B 339 -19.61 29.51 2.31
N PRO B 340 -19.56 28.40 1.58
CA PRO B 340 -18.87 28.40 0.29
C PRO B 340 -19.81 28.72 -0.85
N SER B 341 -19.34 28.54 -2.07
CA SER B 341 -20.22 28.59 -3.23
C SER B 341 -21.01 27.30 -3.33
N ILE B 342 -22.10 27.36 -4.10
CA ILE B 342 -22.90 26.15 -4.32
C ILE B 342 -22.12 25.13 -5.14
N ALA B 343 -21.26 25.59 -6.04
CA ALA B 343 -20.47 24.66 -6.86
C ALA B 343 -19.55 23.79 -6.01
N LEU B 344 -19.03 24.33 -4.91
CA LEU B 344 -18.12 23.54 -4.08
C LEU B 344 -18.86 22.44 -3.32
N LEU B 345 -20.08 22.73 -2.87
CA LEU B 345 -20.86 21.71 -2.15
C LEU B 345 -21.34 20.62 -3.08
N ASN B 346 -21.68 20.96 -4.33
CA ASN B 346 -22.07 19.93 -5.29
C ASN B 346 -20.90 19.02 -5.61
N ALA B 347 -19.68 19.56 -5.64
CA ALA B 347 -18.50 18.72 -5.86
C ALA B 347 -18.28 17.78 -4.70
N CYS B 348 -18.50 18.24 -3.47
CA CYS B 348 -18.38 17.37 -2.31
C CYS B 348 -19.44 16.28 -2.33
N ASP B 349 -20.67 16.62 -2.75
CA ASP B 349 -21.70 15.61 -2.91
C ASP B 349 -21.29 14.59 -3.98
N ARG B 350 -20.67 15.05 -5.06
CA ARG B 350 -20.39 14.19 -6.20
C ARG B 350 -19.13 13.37 -6.02
N LEU B 351 -18.13 13.90 -5.31
CA LEU B 351 -16.84 13.22 -5.15
C LEU B 351 -16.72 12.46 -3.84
N GLY B 352 -17.61 12.71 -2.88
CA GLY B 352 -17.56 12.01 -1.61
C GLY B 352 -16.66 12.68 -0.59
N MSE B 353 -17.01 13.90 -0.19
CA MSE B 353 -16.25 14.64 0.80
C MSE B 353 -17.18 15.21 1.87
O MSE B 353 -18.16 15.88 1.55
CB MSE B 353 -15.45 15.77 0.14
CG MSE B 353 -14.58 16.56 1.11
SE MSE B 353 -12.82 15.75 1.38
CE MSE B 353 -11.92 16.47 -0.20
N LEU B 354 -16.87 14.95 3.14
CA LEU B 354 -17.67 15.48 4.23
C LEU B 354 -17.30 16.95 4.48
N VAL B 355 -18.25 17.69 5.03
CA VAL B 355 -18.15 19.15 5.10
C VAL B 355 -18.71 19.66 6.41
N ILE B 356 -17.96 20.53 7.07
CA ILE B 356 -18.46 21.36 8.17
C ILE B 356 -18.74 22.74 7.59
N ASP B 357 -20.02 23.12 7.53
CA ASP B 357 -20.40 24.41 7.00
C ASP B 357 -20.40 25.43 8.13
N GLU B 358 -19.61 26.49 8.00
CA GLU B 358 -19.47 27.51 9.02
C GLU B 358 -20.09 28.82 8.53
N ALA B 359 -20.67 29.57 9.47
CA ALA B 359 -21.42 30.77 9.15
C ALA B 359 -20.61 32.06 9.35
N PHE B 360 -20.04 32.24 10.53
CA PHE B 360 -19.39 33.51 10.88
C PHE B 360 -18.02 33.26 11.48
N ASP B 361 -17.14 34.23 11.31
CA ASP B 361 -15.86 34.29 12.00
C ASP B 361 -15.92 35.18 13.23
N MSE B 362 -16.99 35.96 13.39
CA MSE B 362 -17.15 36.88 14.52
C MSE B 362 -18.63 37.04 14.82
O MSE B 362 -19.48 36.82 13.97
CB MSE B 362 -16.52 38.22 14.20
CG MSE B 362 -17.32 39.10 13.26
SE MSE B 362 -17.69 38.38 11.49
CE MSE B 362 -15.96 38.75 10.69
N TRP B 363 -18.95 37.41 16.07
CA TRP B 363 -20.33 37.67 16.44
C TRP B 363 -20.52 39.15 16.74
N ARG B 364 -20.79 39.49 18.01
CA ARG B 364 -21.01 40.89 18.34
C ARG B 364 -19.70 41.65 18.44
N TYR B 365 -18.59 40.97 18.71
CA TYR B 365 -17.28 41.60 18.86
C TYR B 365 -16.42 41.20 17.68
N GLY B 366 -15.93 42.20 16.93
CA GLY B 366 -15.18 41.96 15.73
C GLY B 366 -13.68 42.15 15.90
N HIS B 367 -12.94 41.70 14.89
CA HIS B 367 -11.48 41.80 14.93
C HIS B 367 -11.02 43.19 14.53
N TYR B 368 -11.62 43.77 13.50
CA TYR B 368 -11.26 45.09 13.00
C TYR B 368 -12.39 46.07 13.24
N GLN B 369 -12.11 47.34 12.98
CA GLN B 369 -13.06 48.41 13.31
C GLN B 369 -14.35 48.27 12.52
N TYR B 370 -14.25 48.10 11.20
CA TYR B 370 -15.41 48.01 10.31
C TYR B 370 -15.48 46.59 9.75
N ASP B 371 -16.27 45.74 10.41
CA ASP B 371 -16.54 44.40 9.91
C ASP B 371 -17.98 44.04 10.26
N TYR B 372 -18.34 42.77 9.99
CA TYR B 372 -19.73 42.33 10.11
C TYR B 372 -20.25 42.39 11.54
N ALA B 373 -19.36 42.51 12.54
CA ALA B 373 -19.80 42.55 13.92
C ALA B 373 -20.70 43.74 14.20
N GLN B 374 -20.51 44.84 13.48
CA GLN B 374 -21.39 45.99 13.63
C GLN B 374 -22.81 45.67 13.17
N TYR B 375 -22.95 44.82 12.16
CA TYR B 375 -24.24 44.45 11.61
C TYR B 375 -24.77 43.13 12.16
N PHE B 376 -24.03 42.49 13.07
CA PHE B 376 -24.40 41.15 13.53
C PHE B 376 -25.74 41.14 14.25
N ASP B 377 -25.92 42.06 15.19
CA ASP B 377 -27.15 42.08 15.98
C ASP B 377 -28.38 42.27 15.10
N LYS B 378 -28.22 42.91 13.95
CA LYS B 378 -29.34 43.15 13.05
C LYS B 378 -29.55 42.02 12.05
N LEU B 379 -28.47 41.47 11.51
CA LEU B 379 -28.54 40.64 10.31
C LEU B 379 -28.20 39.16 10.54
N TRP B 380 -27.89 38.75 11.77
CA TRP B 380 -27.44 37.37 11.97
C TRP B 380 -28.54 36.36 11.65
N LYS B 381 -29.80 36.70 11.94
CA LYS B 381 -30.89 35.78 11.63
C LYS B 381 -31.01 35.54 10.13
N GLU B 382 -30.84 36.59 9.33
CA GLU B 382 -31.01 36.44 7.88
C GLU B 382 -29.83 35.70 7.26
N ASP B 383 -28.61 35.97 7.73
CA ASP B 383 -27.44 35.33 7.14
C ASP B 383 -27.28 33.90 7.61
N LEU B 384 -27.58 33.62 8.89
CA LEU B 384 -27.52 32.24 9.37
C LEU B 384 -28.59 31.39 8.70
N HIS B 385 -29.77 31.97 8.47
CA HIS B 385 -30.80 31.27 7.72
C HIS B 385 -30.37 31.03 6.27
N SER B 386 -29.53 31.90 5.72
CA SER B 386 -29.10 31.75 4.34
C SER B 386 -28.23 30.50 4.17
N MSE B 387 -27.40 30.18 5.15
CA MSE B 387 -26.51 29.03 5.05
C MSE B 387 -27.27 27.71 5.17
O MSE B 387 -27.11 26.81 4.35
CB MSE B 387 -25.42 29.09 6.12
CG MSE B 387 -24.47 27.91 6.07
SE MSE B 387 -23.22 27.85 7.57
CE MSE B 387 -24.48 27.51 9.02
N VAL B 388 -28.10 27.61 6.21
CA VAL B 388 -28.79 26.35 6.50
C VAL B 388 -29.81 26.05 5.41
N ALA B 389 -30.61 27.05 5.02
CA ALA B 389 -31.66 26.80 4.03
C ALA B 389 -31.10 26.49 2.66
N ARG B 390 -29.96 27.09 2.29
CA ARG B 390 -29.38 26.85 0.98
C ARG B 390 -28.61 25.53 0.91
N ASP B 391 -28.10 25.06 2.04
CA ASP B 391 -27.20 23.91 2.06
C ASP B 391 -27.77 22.72 2.84
N ARG B 392 -29.06 22.73 3.16
CA ARG B 392 -29.63 21.68 4.01
C ARG B 392 -29.69 20.34 3.30
N ASN B 393 -29.84 20.34 1.98
CA ASN B 393 -30.10 19.11 1.23
C ASN B 393 -28.83 18.45 0.71
N HIS B 394 -27.66 19.05 0.92
CA HIS B 394 -26.42 18.43 0.49
C HIS B 394 -26.06 17.29 1.44
N PRO B 395 -25.88 16.06 0.95
CA PRO B 395 -25.47 14.96 1.83
C PRO B 395 -24.06 15.12 2.38
N SER B 396 -23.22 15.95 1.76
CA SER B 396 -21.87 16.17 2.27
C SER B 396 -21.87 16.93 3.58
N VAL B 397 -22.81 17.85 3.77
CA VAL B 397 -22.85 18.63 5.00
C VAL B 397 -23.24 17.72 6.16
N ILE B 398 -22.38 17.64 7.16
CA ILE B 398 -22.63 16.81 8.34
C ILE B 398 -22.65 17.61 9.62
N MSE B 399 -22.17 18.85 9.63
CA MSE B 399 -22.19 19.70 10.83
C MSE B 399 -22.45 21.15 10.45
O MSE B 399 -21.99 21.62 9.40
CB MSE B 399 -20.86 19.59 11.61
CG MSE B 399 -20.69 18.31 12.41
SE MSE B 399 -19.21 18.43 13.69
CE MSE B 399 -17.94 17.30 12.75
N TRP B 400 -23.20 21.87 11.28
CA TRP B 400 -23.41 23.31 11.14
C TRP B 400 -22.60 24.02 12.23
N SER B 401 -21.61 24.82 11.82
CA SER B 401 -20.80 25.58 12.75
C SER B 401 -21.29 27.03 12.77
N ILE B 402 -21.50 27.56 13.97
CA ILE B 402 -22.08 28.89 14.14
C ILE B 402 -21.03 29.98 14.37
N GLY B 403 -19.79 29.63 14.63
CA GLY B 403 -18.77 30.64 14.86
C GLY B 403 -17.40 30.02 15.02
N ASN B 404 -16.39 30.90 14.95
CA ASN B 404 -15.00 30.49 15.10
C ASN B 404 -14.26 31.50 15.96
N GLU B 405 -13.62 31.01 17.02
CA GLU B 405 -12.84 31.85 17.94
C GLU B 405 -13.63 33.07 18.39
N ILE B 406 -14.83 32.83 18.88
CA ILE B 406 -15.72 33.91 19.31
C ILE B 406 -15.12 34.61 20.51
N LYS B 407 -14.97 35.93 20.41
CA LYS B 407 -14.37 36.70 21.48
C LYS B 407 -15.28 36.77 22.70
N ASN B 408 -14.66 36.72 23.88
CA ASN B 408 -15.39 36.81 25.16
C ASN B 408 -16.42 35.69 25.30
N LYS B 409 -16.02 34.47 24.94
CA LYS B 409 -16.94 33.35 24.97
C LYS B 409 -17.42 33.02 26.37
N GLU B 410 -16.57 33.24 27.39
CA GLU B 410 -16.96 32.95 28.77
C GLU B 410 -17.90 33.99 29.36
N THR B 411 -18.20 35.07 28.63
CA THR B 411 -19.13 36.08 29.11
C THR B 411 -20.57 35.59 28.95
N ALA B 412 -21.41 35.88 29.95
CA ALA B 412 -22.81 35.45 29.90
C ALA B 412 -23.53 36.00 28.68
N GLU B 413 -23.19 37.23 28.25
CA GLU B 413 -23.80 37.82 27.07
C GLU B 413 -23.54 36.96 25.84
N ILE B 414 -22.31 36.48 25.68
CA ILE B 414 -21.97 35.66 24.51
C ILE B 414 -22.52 34.25 24.65
N VAL B 415 -22.55 33.71 25.87
CA VAL B 415 -23.14 32.38 26.08
C VAL B 415 -24.60 32.38 25.65
N ASP B 416 -25.32 33.47 25.92
CA ASP B 416 -26.71 33.56 25.48
C ASP B 416 -26.83 33.62 23.96
N ILE B 417 -25.86 34.22 23.29
CA ILE B 417 -25.86 34.23 21.83
C ILE B 417 -25.64 32.83 21.29
N CYS B 418 -24.81 32.03 21.97
CA CYS B 418 -24.59 30.65 21.54
C CYS B 418 -25.87 29.83 21.63
N ARG B 419 -26.61 29.98 22.73
CA ARG B 419 -27.87 29.25 22.86
C ARG B 419 -28.92 29.75 21.88
N GLU B 420 -28.85 31.01 21.48
CA GLU B 420 -29.83 31.57 20.55
C GLU B 420 -29.53 31.16 19.12
N LEU B 421 -28.26 31.21 18.71
CA LEU B 421 -27.90 30.76 17.37
C LEU B 421 -28.09 29.25 17.23
N THR B 422 -27.80 28.49 18.28
CA THR B 422 -28.05 27.05 18.25
C THR B 422 -29.54 26.75 18.10
N GLY B 423 -30.39 27.48 18.82
CA GLY B 423 -31.83 27.27 18.72
C GLY B 423 -32.36 27.62 17.34
N PHE B 424 -31.80 28.65 16.72
CA PHE B 424 -32.26 29.04 15.38
C PHE B 424 -31.94 27.95 14.35
N VAL B 425 -30.78 27.31 14.48
CA VAL B 425 -30.42 26.22 13.56
C VAL B 425 -31.37 25.04 13.75
N LYS B 426 -31.74 24.75 15.01
CA LYS B 426 -32.62 23.62 15.28
C LYS B 426 -34.00 23.80 14.64
N THR B 427 -34.48 25.04 14.53
CA THR B 427 -35.76 25.29 13.88
C THR B 427 -35.70 25.05 12.38
N LEU B 428 -34.50 25.07 11.79
CA LEU B 428 -34.32 24.83 10.37
C LEU B 428 -33.86 23.41 10.07
N ASP B 429 -33.01 22.83 10.91
CA ASP B 429 -32.48 21.49 10.68
C ASP B 429 -32.18 20.84 12.03
N THR B 430 -32.76 19.67 12.25
CA THR B 430 -32.46 18.84 13.42
C THR B 430 -31.62 17.62 13.09
N THR B 431 -31.26 17.44 11.82
CA THR B 431 -30.58 16.23 11.38
C THR B 431 -29.07 16.31 11.50
N ARG B 432 -28.50 17.52 11.56
CA ARG B 432 -27.05 17.69 11.69
C ARG B 432 -26.72 18.41 12.99
N PRO B 433 -25.63 18.04 13.64
CA PRO B 433 -25.27 18.69 14.91
C PRO B 433 -24.77 20.10 14.72
N VAL B 434 -24.98 20.92 15.75
CA VAL B 434 -24.46 22.28 15.80
C VAL B 434 -23.10 22.24 16.49
N THR B 435 -22.13 22.97 15.93
CA THR B 435 -20.77 22.97 16.44
C THR B 435 -20.19 24.38 16.33
N ALA B 436 -18.93 24.52 16.70
CA ALA B 436 -18.20 25.78 16.63
C ALA B 436 -16.72 25.50 16.81
N GLY B 437 -15.90 26.44 16.34
CA GLY B 437 -14.46 26.37 16.53
C GLY B 437 -14.00 27.28 17.64
N VAL B 438 -13.53 26.71 18.74
CA VAL B 438 -13.25 27.45 19.97
C VAL B 438 -11.79 27.29 20.33
N ASN B 439 -11.15 28.40 20.67
CA ASN B 439 -9.76 28.43 21.12
C ASN B 439 -9.70 28.70 22.62
N SER B 440 -8.50 28.47 23.19
CA SER B 440 -8.19 28.83 24.58
C SER B 440 -9.25 28.31 25.54
N ILE B 441 -9.51 27.02 25.47
CA ILE B 441 -10.56 26.40 26.28
C ILE B 441 -10.09 26.26 27.71
N VAL B 442 -10.90 26.74 28.64
CA VAL B 442 -10.69 26.55 30.08
C VAL B 442 -11.97 25.97 30.67
N ASP B 443 -11.96 25.74 31.99
CA ASP B 443 -13.13 25.19 32.65
C ASP B 443 -14.32 26.15 32.58
N ALA B 444 -14.05 27.46 32.55
CA ALA B 444 -15.12 28.44 32.48
C ALA B 444 -15.84 28.42 31.12
N THR B 445 -15.21 27.85 30.09
CA THR B 445 -15.81 27.79 28.77
C THR B 445 -16.95 26.76 28.70
N ASP B 446 -17.18 26.01 29.77
CA ASP B 446 -18.18 24.94 29.73
C ASP B 446 -19.56 25.46 29.36
N ASP B 447 -19.96 26.60 29.92
CA ASP B 447 -21.28 27.14 29.62
C ASP B 447 -21.42 27.51 28.14
N PHE B 448 -20.32 27.93 27.52
CA PHE B 448 -20.36 28.24 26.09
C PHE B 448 -20.45 26.98 25.24
N LEU B 449 -19.93 25.86 25.75
CA LEU B 449 -19.91 24.62 25.00
C LEU B 449 -21.14 23.76 25.23
N ALA B 450 -21.93 24.06 26.26
CA ALA B 450 -23.08 23.23 26.58
C ALA B 450 -24.11 23.16 25.46
N PRO B 451 -24.52 24.28 24.82
CA PRO B 451 -25.52 24.15 23.74
C PRO B 451 -25.03 23.37 22.53
N LEU B 452 -23.72 23.29 22.32
CA LEU B 452 -23.19 22.60 21.15
C LEU B 452 -23.37 21.10 21.28
N ASP B 453 -23.61 20.44 20.15
CA ASP B 453 -23.74 18.98 20.15
C ASP B 453 -22.37 18.31 20.03
N VAL B 454 -21.49 18.88 19.22
CA VAL B 454 -20.11 18.44 19.08
C VAL B 454 -19.21 19.67 19.17
N CYS B 455 -18.10 19.53 19.91
CA CYS B 455 -17.23 20.66 20.19
C CYS B 455 -16.00 20.62 19.31
N GLY B 456 -15.65 21.77 18.73
CA GLY B 456 -14.45 21.90 17.93
C GLY B 456 -13.36 22.61 18.71
N TYR B 457 -12.26 21.89 18.95
CA TYR B 457 -11.13 22.42 19.69
C TYR B 457 -10.11 23.03 18.73
N ASN B 458 -9.76 24.29 18.96
CA ASN B 458 -8.73 24.99 18.19
C ASN B 458 -7.43 24.91 18.98
N TYR B 459 -6.54 24.00 18.57
CA TYR B 459 -5.20 23.88 19.14
C TYR B 459 -5.24 23.62 20.65
N CYS B 460 -6.06 22.64 21.05
CA CYS B 460 -6.22 22.27 22.45
C CYS B 460 -6.05 20.77 22.63
N LEU B 461 -4.94 20.23 22.13
CA LEU B 461 -4.67 18.80 22.24
C LEU B 461 -4.57 18.37 23.69
N ASN B 462 -4.10 19.25 24.57
CA ASN B 462 -3.76 18.88 25.94
C ASN B 462 -4.98 18.69 26.84
N ARG B 463 -6.19 18.98 26.34
CA ARG B 463 -7.39 18.87 27.16
C ARG B 463 -8.34 17.77 26.69
N TYR B 464 -7.89 16.89 25.79
CA TYR B 464 -8.78 15.84 25.30
C TYR B 464 -9.16 14.88 26.42
N GLU B 465 -8.20 14.50 27.25
CA GLU B 465 -8.46 13.52 28.31
C GLU B 465 -9.09 14.16 29.53
N SER B 466 -8.58 15.33 29.96
CA SER B 466 -9.09 15.95 31.18
C SER B 466 -10.52 16.43 31.01
N ASP B 467 -10.85 17.03 29.88
CA ASP B 467 -12.22 17.49 29.65
C ASP B 467 -13.19 16.32 29.52
N ALA B 468 -12.74 15.21 28.92
CA ALA B 468 -13.58 14.02 28.88
C ALA B 468 -13.80 13.45 30.27
N LYS B 469 -12.89 13.71 31.20
CA LYS B 469 -13.05 13.24 32.57
C LYS B 469 -14.15 14.01 33.29
N ARG B 470 -14.32 15.29 32.98
CA ARG B 470 -15.36 16.09 33.61
C ARG B 470 -16.69 16.03 32.87
N HIS B 471 -16.66 15.88 31.56
CA HIS B 471 -17.88 15.76 30.75
C HIS B 471 -17.74 14.53 29.86
N PRO B 472 -18.19 13.37 30.35
CA PRO B 472 -18.00 12.13 29.58
C PRO B 472 -18.81 12.08 28.29
N ASP B 473 -19.82 12.92 28.13
CA ASP B 473 -20.66 12.94 26.94
C ASP B 473 -20.27 14.06 25.97
N ARG B 474 -19.11 14.68 26.15
CA ARG B 474 -18.66 15.75 25.26
C ARG B 474 -17.93 15.14 24.07
N ILE B 475 -18.40 15.45 22.87
CA ILE B 475 -17.77 14.98 21.64
C ILE B 475 -16.80 16.06 21.17
N ILE B 476 -15.57 15.66 20.85
CA ILE B 476 -14.48 16.57 20.56
C ILE B 476 -13.90 16.25 19.20
N TYR B 477 -13.49 17.29 18.47
CA TYR B 477 -12.64 17.15 17.30
C TYR B 477 -11.74 18.36 17.23
N ALA B 478 -10.58 18.20 16.60
CA ALA B 478 -9.64 19.31 16.42
C ALA B 478 -10.10 20.14 15.23
N SER B 479 -10.81 21.24 15.51
CA SER B 479 -11.28 22.10 14.43
C SER B 479 -10.11 22.82 13.75
N GLU B 480 -9.01 23.03 14.46
CA GLU B 480 -7.79 23.58 13.90
C GLU B 480 -6.59 22.93 14.58
N SER B 481 -5.57 22.60 13.79
CA SER B 481 -4.36 21.97 14.30
C SER B 481 -3.16 22.51 13.55
N TYR B 482 -1.99 22.40 14.18
CA TYR B 482 -0.74 22.86 13.60
C TYR B 482 -0.11 21.77 12.74
N ALA B 483 0.64 22.21 11.72
CA ALA B 483 1.37 21.27 10.89
C ALA B 483 2.61 20.73 11.58
N SER B 484 3.22 21.52 12.47
CA SER B 484 4.43 21.11 13.16
C SER B 484 4.18 20.04 14.22
N GLN B 485 2.92 19.81 14.60
CA GLN B 485 2.56 18.80 15.58
C GLN B 485 1.54 17.84 15.00
N ALA B 486 1.71 17.49 13.72
CA ALA B 486 0.75 16.62 13.04
C ALA B 486 0.69 15.24 13.69
N TYR B 487 1.84 14.70 14.08
CA TYR B 487 1.88 13.37 14.67
C TYR B 487 1.14 13.34 16.00
N ASP B 488 1.40 14.33 16.85
CA ASP B 488 0.79 14.34 18.19
C ASP B 488 -0.72 14.59 18.11
N TYR B 489 -1.15 15.46 17.20
CA TYR B 489 -2.57 15.79 17.12
C TYR B 489 -3.38 14.61 16.58
N TRP B 490 -2.87 13.91 15.56
CA TRP B 490 -3.59 12.74 15.07
C TRP B 490 -3.55 11.60 16.07
N LYS B 491 -2.56 11.56 16.97
CA LYS B 491 -2.53 10.53 17.99
C LYS B 491 -3.60 10.77 19.05
N GLY B 492 -3.96 12.03 19.30
CA GLY B 492 -5.11 12.32 20.14
C GLY B 492 -6.41 11.89 19.52
N VAL B 493 -6.46 11.77 18.20
CA VAL B 493 -7.66 11.27 17.53
C VAL B 493 -7.70 9.74 17.60
N GLU B 494 -6.56 9.08 17.40
CA GLU B 494 -6.54 7.62 17.34
C GLU B 494 -6.74 7.00 18.72
N ASP B 495 -6.18 7.63 19.75
CA ASP B 495 -6.16 7.02 21.08
C ASP B 495 -7.44 7.22 21.87
N HIS B 496 -8.38 8.04 21.39
CA HIS B 496 -9.58 8.36 22.15
C HIS B 496 -10.80 8.23 21.26
N SER B 497 -11.86 7.61 21.78
CA SER B 497 -13.07 7.41 20.99
C SER B 497 -13.89 8.69 20.88
N TRP B 498 -13.75 9.60 21.83
CA TRP B 498 -14.51 10.84 21.79
C TRP B 498 -13.88 11.91 20.91
N VAL B 499 -12.65 11.70 20.45
CA VAL B 499 -12.01 12.60 19.50
C VAL B 499 -12.24 12.03 18.10
N ILE B 500 -13.12 12.68 17.33
CA ILE B 500 -13.62 12.08 16.09
C ILE B 500 -12.84 12.48 14.85
N GLY B 501 -12.02 13.51 14.91
CA GLY B 501 -11.29 13.93 13.74
C GLY B 501 -10.36 15.08 14.03
N ASP B 502 -9.52 15.38 13.04
CA ASP B 502 -8.54 16.45 13.12
C ASP B 502 -8.54 17.23 11.82
N PHE B 503 -8.53 18.56 11.93
CA PHE B 503 -8.60 19.46 10.77
C PHE B 503 -7.37 20.35 10.77
N ILE B 504 -6.46 20.10 9.82
CA ILE B 504 -5.21 20.85 9.74
C ILE B 504 -5.46 22.25 9.21
N TRP B 505 -4.71 23.22 9.72
CA TRP B 505 -4.72 24.60 9.23
C TRP B 505 -3.38 24.86 8.54
N THR B 506 -3.38 24.81 7.21
CA THR B 506 -4.56 24.50 6.42
C THR B 506 -4.30 23.31 5.51
N ALA B 507 -5.35 22.84 4.83
CA ALA B 507 -5.18 21.81 3.82
C ALA B 507 -4.77 22.39 2.48
N PHE B 508 -5.28 23.58 2.15
CA PHE B 508 -4.94 24.28 0.91
C PHE B 508 -4.46 25.67 1.27
N ASP B 509 -3.41 26.13 0.60
CA ASP B 509 -2.88 27.45 0.88
C ASP B 509 -3.82 28.52 0.36
N TYR B 510 -3.68 29.73 0.91
CA TYR B 510 -4.58 30.82 0.59
C TYR B 510 -3.84 32.15 0.65
N ILE B 511 -4.43 33.16 0.02
CA ILE B 511 -3.91 34.52 0.09
C ILE B 511 -4.43 35.17 1.36
N GLY B 512 -3.57 35.97 1.99
CA GLY B 512 -3.92 36.60 3.24
C GLY B 512 -3.37 35.85 4.44
N GLU B 513 -3.48 36.51 5.60
CA GLU B 513 -2.80 36.07 6.82
C GLU B 513 -1.37 35.69 6.50
N ALA B 514 -0.69 36.63 5.84
CA ALA B 514 0.53 36.32 5.09
C ALA B 514 1.65 35.87 6.01
N SER B 515 2.38 34.86 5.55
CA SER B 515 3.56 34.33 6.23
C SER B 515 3.24 33.75 7.60
N ILE B 516 2.00 33.32 7.82
CA ILE B 516 1.66 32.60 9.03
C ILE B 516 2.43 31.29 9.11
N GLY B 517 2.91 30.78 7.98
CA GLY B 517 3.69 29.57 7.94
C GLY B 517 5.17 29.83 7.70
N TRP B 518 5.64 31.01 8.05
CA TRP B 518 7.07 31.30 8.02
C TRP B 518 7.41 32.40 9.02
N CYS B 519 7.11 33.66 8.68
CA CYS B 519 7.36 34.76 9.60
C CYS B 519 6.48 34.63 10.84
N GLY B 520 5.19 34.32 10.64
CA GLY B 520 4.30 34.05 11.75
C GLY B 520 3.75 35.30 12.42
N TYR B 521 2.97 35.05 13.47
CA TYR B 521 2.41 36.11 14.29
C TYR B 521 3.45 36.65 15.27
N PRO B 522 3.43 37.95 15.58
CA PRO B 522 2.44 38.96 15.16
C PRO B 522 2.59 39.42 13.72
N LEU B 523 1.51 39.96 13.16
CA LEU B 523 1.48 40.40 11.77
C LEU B 523 1.92 41.85 11.68
N ASP B 524 3.02 42.11 10.98
CA ASP B 524 3.51 43.45 10.74
C ASP B 524 3.60 43.69 9.24
N LYS B 525 3.22 44.89 8.81
CA LYS B 525 3.24 45.23 7.40
C LYS B 525 4.64 45.34 6.82
N ARG B 526 5.67 45.15 7.63
CA ARG B 526 7.05 45.17 7.13
C ARG B 526 7.36 43.97 6.25
N ILE B 527 6.52 42.93 6.29
CA ILE B 527 6.84 41.67 5.62
C ILE B 527 6.52 41.69 4.13
N PHE B 528 5.98 42.78 3.62
CA PHE B 528 5.82 42.92 2.17
C PHE B 528 7.18 42.66 1.50
N PRO B 529 7.22 41.88 0.41
CA PRO B 529 6.15 41.41 -0.46
C PRO B 529 5.46 40.08 -0.09
N TRP B 530 5.52 39.65 1.16
CA TRP B 530 4.82 38.42 1.55
C TRP B 530 3.31 38.58 1.35
N ASN B 531 2.71 37.63 0.65
CA ASN B 531 1.26 37.66 0.42
C ASN B 531 0.57 36.32 0.55
N HIS B 532 1.27 35.20 0.46
CA HIS B 532 0.67 33.90 0.74
C HIS B 532 0.76 33.58 2.23
N ALA B 533 -0.11 32.69 2.68
CA ALA B 533 -0.06 32.24 4.07
C ALA B 533 1.05 31.23 4.29
N ASN B 534 1.36 30.42 3.28
CA ASN B 534 2.45 29.43 3.34
C ASN B 534 2.24 28.43 4.46
N CYS B 535 1.00 27.96 4.62
CA CYS B 535 0.68 27.02 5.70
C CYS B 535 -0.18 25.85 5.26
N GLY B 536 -0.54 25.75 3.98
CA GLY B 536 -1.37 24.66 3.51
C GLY B 536 -0.55 23.43 3.12
N ASP B 537 -1.18 22.25 3.25
CA ASP B 537 -0.55 21.04 2.75
C ASP B 537 -0.32 21.10 1.26
N LEU B 538 -1.21 21.77 0.53
CA LEU B 538 -1.05 22.05 -0.89
C LEU B 538 -0.84 23.55 -1.07
N ASN B 539 0.11 23.92 -1.91
CA ASN B 539 0.42 25.32 -2.13
C ASN B 539 -0.67 25.96 -3.00
N LEU B 540 -0.46 27.21 -3.41
CA LEU B 540 -1.48 27.93 -4.17
C LEU B 540 -1.73 27.31 -5.53
N SER B 541 -0.72 26.65 -6.10
CA SER B 541 -0.87 26.00 -7.40
C SER B 541 -1.49 24.61 -7.29
N GLY B 542 -1.66 24.07 -6.08
CA GLY B 542 -2.22 22.76 -5.89
C GLY B 542 -1.21 21.64 -5.71
N GLU B 543 0.08 21.96 -5.69
CA GLU B 543 1.10 20.95 -5.51
C GLU B 543 1.27 20.61 -4.03
N ARG B 544 1.61 19.35 -3.76
CA ARG B 544 1.76 18.91 -2.38
C ARG B 544 3.06 19.43 -1.78
N ARG B 545 2.99 19.91 -0.55
CA ARG B 545 4.12 20.41 0.21
C ARG B 545 4.63 19.32 1.17
N PRO B 546 5.85 19.48 1.69
CA PRO B 546 6.41 18.42 2.55
C PRO B 546 5.52 17.98 3.71
N GLN B 547 4.77 18.91 4.31
CA GLN B 547 3.88 18.53 5.40
C GLN B 547 2.78 17.58 4.93
N SER B 548 2.40 17.67 3.66
CA SER B 548 1.45 16.70 3.11
C SER B 548 2.06 15.31 3.07
N TYR B 549 3.36 15.21 2.77
CA TYR B 549 4.04 13.92 2.78
C TYR B 549 4.04 13.33 4.19
N LEU B 550 4.27 14.17 5.20
CA LEU B 550 4.25 13.69 6.58
C LEU B 550 2.84 13.25 6.98
N ARG B 551 1.83 13.99 6.53
CA ARG B 551 0.45 13.63 6.86
C ARG B 551 0.02 12.33 6.21
N GLU B 552 0.62 11.99 5.06
CA GLU B 552 0.28 10.74 4.40
C GLU B 552 0.79 9.54 5.20
N THR B 553 1.96 9.68 5.84
CA THR B 553 2.46 8.60 6.69
C THR B 553 1.56 8.35 7.89
N LEU B 554 0.74 9.32 8.27
CA LEU B 554 -0.20 9.15 9.36
C LEU B 554 -1.53 8.58 8.93
N TRP B 555 -1.97 8.89 7.70
CA TRP B 555 -3.31 8.54 7.26
C TRP B 555 -3.37 7.32 6.35
N SER B 556 -2.25 6.94 5.72
CA SER B 556 -2.26 5.86 4.75
C SER B 556 -2.08 4.51 5.42
N ASP B 557 -2.90 3.53 5.01
CA ASP B 557 -2.74 2.15 5.44
C ASP B 557 -1.81 1.38 4.51
N ALA B 558 -1.05 2.07 3.67
CA ALA B 558 -0.10 1.51 2.73
C ALA B 558 1.30 2.00 3.05
N PRO B 559 2.33 1.26 2.66
CA PRO B 559 3.70 1.71 2.92
C PRO B 559 4.02 2.99 2.14
N VAL B 560 4.45 4.02 2.87
CA VAL B 560 4.74 5.33 2.30
C VAL B 560 6.07 5.82 2.83
N SER B 561 6.87 6.42 1.95
CA SER B 561 8.14 7.02 2.34
C SER B 561 8.44 8.20 1.41
N HIS B 562 8.85 9.32 2.00
CA HIS B 562 9.17 10.53 1.24
C HIS B 562 10.49 11.11 1.74
N ILE B 563 11.29 11.62 0.80
CA ILE B 563 12.60 12.19 1.11
C ILE B 563 12.52 13.71 0.98
N VAL B 564 12.92 14.41 2.04
CA VAL B 564 13.05 15.86 2.02
C VAL B 564 14.44 16.23 2.54
N VAL B 565 14.87 17.43 2.19
CA VAL B 565 16.21 17.91 2.52
C VAL B 565 16.10 19.28 3.18
N THR B 566 16.87 19.49 4.24
CA THR B 566 16.97 20.81 4.84
C THR B 566 17.95 21.66 4.03
N PRO B 567 17.53 22.80 3.49
CA PRO B 567 18.43 23.60 2.66
C PRO B 567 19.54 24.19 3.51
N PRO B 568 20.73 24.38 2.93
CA PRO B 568 21.84 24.96 3.71
C PRO B 568 21.63 26.41 4.10
N VAL B 569 20.89 27.16 3.30
CA VAL B 569 20.50 28.52 3.66
C VAL B 569 18.98 28.59 3.66
N PRO B 570 18.37 29.40 4.52
CA PRO B 570 16.90 29.40 4.62
C PRO B 570 16.25 29.80 3.32
N SER B 571 15.11 29.15 3.02
CA SER B 571 14.41 29.43 1.77
C SER B 571 13.96 30.88 1.68
N PHE B 572 13.63 31.49 2.82
CA PHE B 572 13.16 32.87 2.87
C PHE B 572 13.83 33.57 4.05
N PRO B 573 13.91 34.89 4.02
CA PRO B 573 14.47 35.62 5.16
C PRO B 573 13.68 35.35 6.44
N LEU B 574 14.40 34.90 7.47
CA LEU B 574 13.77 34.51 8.71
C LEU B 574 13.38 35.73 9.54
N ASN B 575 12.34 35.57 10.36
CA ASN B 575 11.83 36.64 11.20
C ASN B 575 12.48 36.59 12.57
N PRO B 576 13.15 37.65 13.01
CA PRO B 576 13.74 37.61 14.36
C PRO B 576 12.71 37.61 15.47
N ASP B 577 11.61 38.34 15.32
CA ASP B 577 10.64 38.58 16.40
C ASP B 577 9.32 37.90 16.06
N LYS B 578 9.29 36.58 16.21
CA LYS B 578 8.07 35.81 16.12
C LYS B 578 7.80 35.10 17.44
N ALA B 579 6.52 34.99 17.78
CA ALA B 579 6.13 34.57 19.12
C ALA B 579 6.42 33.09 19.34
N ASP B 580 6.35 32.67 20.61
CA ASP B 580 6.57 31.28 20.96
C ASP B 580 5.39 30.40 20.55
N TRP B 581 4.17 30.92 20.70
CA TRP B 581 2.96 30.17 20.37
C TRP B 581 2.67 30.14 18.88
N SER B 582 3.47 30.81 18.05
CA SER B 582 3.25 30.84 16.61
C SER B 582 4.01 29.68 15.99
N VAL B 583 3.34 28.53 15.89
CA VAL B 583 3.97 27.31 15.40
C VAL B 583 3.18 26.75 14.22
N TRP B 584 2.54 27.62 13.45
CA TRP B 584 1.91 27.19 12.22
C TRP B 584 2.93 26.80 11.15
N ASP B 585 4.16 27.30 11.27
CA ASP B 585 5.19 27.02 10.29
C ASP B 585 5.72 25.60 10.43
N PHE B 586 5.90 24.93 9.30
CA PHE B 586 6.53 23.63 9.15
C PHE B 586 8.03 23.82 8.95
N PRO B 587 8.85 22.86 9.40
CA PRO B 587 10.30 22.97 9.19
C PRO B 587 10.64 23.23 7.72
N ASP B 588 11.67 24.04 7.52
CA ASP B 588 12.12 24.43 6.18
C ASP B 588 12.80 23.24 5.51
N VAL B 589 12.09 22.61 4.57
CA VAL B 589 12.62 21.49 3.81
C VAL B 589 12.13 21.59 2.37
N VAL B 590 12.92 21.03 1.46
CA VAL B 590 12.60 21.02 0.04
C VAL B 590 12.73 19.59 -0.48
N ASP B 591 12.12 19.33 -1.63
CA ASP B 591 12.09 18.00 -2.23
C ASP B 591 12.94 17.93 -3.51
N HIS B 592 14.11 18.56 -3.49
CA HIS B 592 15.06 18.48 -4.58
C HIS B 592 16.46 18.21 -4.01
N TRP B 593 17.35 17.76 -4.88
CA TRP B 593 18.71 17.40 -4.51
C TRP B 593 19.72 18.15 -5.38
N ASN B 594 19.48 19.45 -5.57
CA ASN B 594 20.36 20.30 -6.37
C ASN B 594 20.84 21.45 -5.50
N PHE B 595 22.04 21.32 -4.94
CA PHE B 595 22.67 22.35 -4.13
C PHE B 595 24.11 22.52 -4.57
N PRO B 596 24.34 23.17 -5.72
CA PRO B 596 25.73 23.36 -6.18
C PRO B 596 26.51 24.25 -5.24
N GLY B 597 27.81 23.99 -5.16
CA GLY B 597 28.70 24.74 -4.30
C GLY B 597 28.85 24.19 -2.90
N TYR B 598 27.93 23.33 -2.45
CA TYR B 598 27.99 22.73 -1.14
C TYR B 598 28.46 21.28 -1.18
N GLU B 599 29.23 20.91 -2.21
CA GLU B 599 29.72 19.55 -2.33
C GLU B 599 30.69 19.24 -1.19
N GLY B 600 30.45 18.13 -0.50
CA GLY B 600 31.21 17.77 0.68
C GLY B 600 30.67 18.34 1.97
N LYS B 601 29.82 19.36 1.90
CA LYS B 601 29.19 19.91 3.10
C LYS B 601 28.05 19.00 3.55
N LYS B 602 27.94 18.82 4.87
CA LYS B 602 26.99 17.86 5.42
C LYS B 602 25.58 18.43 5.39
N MSE B 603 24.63 17.61 4.97
CA MSE B 603 23.23 18.00 4.84
C MSE B 603 22.34 17.25 5.81
O MSE B 603 22.69 16.15 6.25
CB MSE B 603 22.73 17.76 3.42
CG MSE B 603 23.58 18.38 2.33
SE MSE B 603 23.38 20.31 2.27
CE MSE B 603 23.59 20.55 0.35
N THR B 604 21.19 17.82 6.13
CA THR B 604 20.17 17.15 6.95
C THR B 604 19.11 16.60 6.01
N VAL B 605 19.09 15.28 5.83
CA VAL B 605 18.13 14.60 4.97
C VAL B 605 17.14 13.85 5.85
N SER B 606 15.86 14.14 5.68
CA SER B 606 14.81 13.54 6.48
C SER B 606 13.94 12.64 5.61
N VAL B 607 13.48 11.53 6.19
CA VAL B 607 12.59 10.59 5.52
C VAL B 607 11.33 10.45 6.36
N TYR B 608 10.20 10.84 5.79
CA TYR B 608 8.90 10.62 6.42
C TYR B 608 8.39 9.25 6.02
N SER B 609 8.14 8.38 7.00
CA SER B 609 7.79 7.01 6.70
C SER B 609 6.84 6.46 7.76
N ASN B 610 5.97 5.56 7.32
CA ASN B 610 5.14 4.78 8.22
C ASN B 610 5.60 3.32 8.32
N CYS B 611 6.75 2.99 7.74
CA CYS B 611 7.28 1.64 7.77
C CYS B 611 8.12 1.42 9.01
N GLU B 612 8.55 0.18 9.21
CA GLU B 612 9.31 -0.17 10.41
C GLU B 612 10.76 0.30 10.31
N GLN B 613 11.42 0.02 9.19
CA GLN B 613 12.82 0.37 9.00
C GLN B 613 13.00 1.08 7.68
N VAL B 614 13.99 1.98 7.65
CA VAL B 614 14.37 2.70 6.44
C VAL B 614 15.89 2.74 6.36
N GLU B 615 16.43 2.45 5.18
CA GLU B 615 17.86 2.56 4.91
C GLU B 615 18.06 3.55 3.77
N LEU B 616 18.96 4.51 3.97
CA LEU B 616 19.20 5.58 3.02
C LEU B 616 20.52 5.36 2.29
N PHE B 617 20.50 5.57 0.98
CA PHE B 617 21.69 5.43 0.14
C PHE B 617 21.94 6.72 -0.61
N LEU B 618 23.22 7.00 -0.87
CA LEU B 618 23.62 8.09 -1.75
C LEU B 618 24.56 7.51 -2.80
N ASN B 619 24.09 7.45 -4.05
CA ASN B 619 24.85 6.89 -5.16
C ASN B 619 25.27 5.45 -4.87
N GLY B 620 24.40 4.71 -4.19
CA GLY B 620 24.63 3.30 -3.93
C GLY B 620 25.32 2.98 -2.62
N GLU B 621 25.92 3.96 -1.95
CA GLU B 621 26.61 3.74 -0.69
C GLU B 621 25.62 3.84 0.47
N SER B 622 25.58 2.81 1.30
CA SER B 622 24.62 2.78 2.40
C SER B 622 25.01 3.78 3.48
N LEU B 623 24.04 4.56 3.94
CA LEU B 623 24.22 5.51 5.02
C LEU B 623 23.67 5.00 6.35
N GLY B 624 23.25 3.75 6.40
CA GLY B 624 22.79 3.15 7.63
C GLY B 624 21.29 2.91 7.61
N LYS B 625 20.87 1.83 8.27
CA LYS B 625 19.46 1.51 8.45
C LYS B 625 19.00 2.00 9.82
N GLN B 626 17.79 2.53 9.88
CA GLN B 626 17.26 3.10 11.10
C GLN B 626 15.92 2.46 11.46
N GLU B 627 15.61 2.47 12.75
CA GLU B 627 14.32 2.03 13.25
C GLU B 627 13.38 3.23 13.30
N ASN B 628 12.16 3.05 12.77
CA ASN B 628 11.14 4.09 12.86
C ASN B 628 10.36 3.92 14.15
N THR B 629 11.07 4.17 15.25
CA THR B 629 10.49 4.03 16.57
C THR B 629 9.50 5.18 16.84
N ALA B 630 8.72 5.03 17.90
CA ALA B 630 7.64 5.97 18.18
C ALA B 630 8.17 7.36 18.47
N ASP B 631 9.33 7.47 19.13
CA ASP B 631 9.88 8.77 19.45
C ASP B 631 10.32 9.54 18.22
N LYS B 632 10.53 8.86 17.10
CA LYS B 632 10.92 9.55 15.87
C LYS B 632 9.75 10.29 15.24
N LYS B 633 8.52 9.90 15.56
CA LYS B 633 7.32 10.53 15.03
C LYS B 633 7.32 10.51 13.49
N ASN B 634 7.56 9.33 12.94
CA ASN B 634 7.59 9.09 11.49
C ASN B 634 8.63 9.95 10.78
N THR B 635 9.68 10.38 11.49
CA THR B 635 10.72 11.22 10.93
C THR B 635 12.08 10.61 11.25
N LEU B 636 12.80 10.19 10.21
CA LEU B 636 14.13 9.63 10.34
C LEU B 636 15.12 10.55 9.66
N VAL B 637 16.22 10.86 10.36
CA VAL B 637 17.15 11.90 9.94
C VAL B 637 18.51 11.29 9.66
N TRP B 638 19.14 11.74 8.57
CA TRP B 638 20.50 11.37 8.22
C TRP B 638 21.31 12.64 7.97
N GLU B 639 22.59 12.59 8.34
CA GLU B 639 23.54 13.65 8.00
C GLU B 639 24.36 13.17 6.80
N VAL B 640 24.15 13.79 5.65
CA VAL B 640 24.64 13.31 4.37
C VAL B 640 25.55 14.38 3.77
N PRO B 641 26.79 14.05 3.39
CA PRO B 641 27.59 15.00 2.61
C PRO B 641 27.06 15.08 1.19
N TYR B 642 26.81 16.30 0.72
CA TYR B 642 26.14 16.47 -0.55
C TYR B 642 26.99 15.97 -1.71
N ALA B 643 26.34 15.35 -2.68
CA ALA B 643 26.96 14.93 -3.92
C ALA B 643 25.88 14.75 -4.97
N HIS B 644 26.14 15.24 -6.18
CA HIS B 644 25.19 15.11 -7.27
C HIS B 644 24.92 13.64 -7.56
N GLY B 645 23.64 13.26 -7.56
CA GLY B 645 23.27 11.89 -7.84
C GLY B 645 21.90 11.48 -7.34
N ILE B 646 21.79 10.26 -6.80
CA ILE B 646 20.52 9.68 -6.41
C ILE B 646 20.54 9.43 -4.91
N LEU B 647 19.51 9.94 -4.23
CA LEU B 647 19.23 9.58 -2.84
C LEU B 647 18.14 8.50 -2.86
N LYS B 648 18.49 7.30 -2.41
CA LYS B 648 17.57 6.17 -2.45
C LYS B 648 17.22 5.74 -1.04
N ALA B 649 15.92 5.61 -0.77
CA ALA B 649 15.42 5.15 0.51
C ALA B 649 14.67 3.84 0.30
N VAL B 650 15.09 2.80 1.01
CA VAL B 650 14.46 1.49 0.95
C VAL B 650 13.71 1.28 2.26
N SER B 651 12.42 0.99 2.17
CA SER B 651 11.57 0.83 3.34
C SER B 651 11.33 -0.65 3.61
N TYR B 652 11.29 -1.00 4.90
CA TYR B 652 11.16 -2.39 5.33
C TYR B 652 9.99 -2.55 6.29
N ASN B 653 9.25 -3.64 6.13
CA ASN B 653 8.21 -4.03 7.07
C ASN B 653 8.31 -5.52 7.31
N LYS B 654 8.43 -5.91 8.59
CA LYS B 654 8.54 -7.31 8.99
C LYS B 654 9.74 -7.99 8.33
N GLY B 655 10.86 -7.25 8.24
CA GLY B 655 12.07 -7.78 7.65
C GLY B 655 12.07 -7.88 6.15
N GLY B 656 10.96 -7.57 5.48
CA GLY B 656 10.86 -7.65 4.04
C GLY B 656 10.77 -6.26 3.41
N GLU B 657 11.47 -6.09 2.30
CA GLU B 657 11.42 -4.82 1.57
C GLU B 657 10.00 -4.58 1.04
N VAL B 658 9.49 -3.38 1.29
CA VAL B 658 8.11 -3.04 0.92
C VAL B 658 8.03 -1.79 0.05
N GLY B 659 9.15 -1.16 -0.30
CA GLY B 659 9.10 0.02 -1.14
C GLY B 659 10.43 0.72 -1.33
N THR B 660 10.50 1.59 -2.32
CA THR B 660 11.71 2.34 -2.63
C THR B 660 11.32 3.76 -3.03
N ALA B 661 12.02 4.74 -2.48
CA ALA B 661 11.83 6.14 -2.82
C ALA B 661 13.15 6.74 -3.29
N THR B 662 13.09 7.54 -4.35
CA THR B 662 14.29 8.09 -4.96
C THR B 662 14.18 9.60 -5.08
N LEU B 663 15.29 10.29 -4.84
CA LEU B 663 15.41 11.73 -5.04
C LEU B 663 16.69 11.98 -5.81
N GLU B 664 16.56 12.41 -7.07
CA GLU B 664 17.68 12.51 -7.99
C GLU B 664 17.91 13.95 -8.40
N SER B 665 19.18 14.35 -8.47
CA SER B 665 19.53 15.69 -8.88
C SER B 665 19.16 15.93 -10.34
N ALA B 666 18.58 17.10 -10.60
CA ALA B 666 18.24 17.47 -11.97
C ALA B 666 19.47 17.98 -12.71
N GLY B 667 19.48 17.77 -14.03
CA GLY B 667 20.51 18.30 -14.89
C GLY B 667 20.17 19.69 -15.39
N LYS B 668 20.96 20.13 -16.37
CA LYS B 668 20.72 21.43 -16.97
C LYS B 668 19.37 21.45 -17.68
N VAL B 669 18.67 22.59 -17.57
CA VAL B 669 17.35 22.72 -18.16
C VAL B 669 17.46 22.67 -19.68
N GLU B 670 16.86 21.64 -20.29
CA GLU B 670 16.90 21.47 -21.73
C GLU B 670 15.54 21.64 -22.40
N LYS B 671 14.43 21.49 -21.68
CA LYS B 671 13.11 21.45 -22.29
C LYS B 671 12.10 22.22 -21.45
N ILE B 672 10.95 22.48 -22.07
CA ILE B 672 9.77 22.99 -21.40
C ILE B 672 8.71 21.90 -21.49
N ARG B 673 8.19 21.46 -20.34
CA ARG B 673 7.20 20.41 -20.30
C ARG B 673 5.84 21.01 -19.93
N LEU B 674 4.84 20.76 -20.77
CA LEU B 674 3.49 21.27 -20.58
C LEU B 674 2.54 20.08 -20.42
N SER B 675 1.65 20.17 -19.44
CA SER B 675 0.69 19.11 -19.19
C SER B 675 -0.61 19.73 -18.69
N ALA B 676 -1.73 19.23 -19.19
CA ALA B 676 -3.05 19.73 -18.86
C ALA B 676 -3.79 18.73 -17.98
N ASP B 677 -4.54 19.23 -17.00
CA ASP B 677 -5.37 18.35 -16.19
C ASP B 677 -6.53 17.79 -17.00
N ARG B 678 -7.05 18.57 -17.95
CA ARG B 678 -8.10 18.13 -18.87
C ARG B 678 -7.80 18.71 -20.24
N THR B 679 -7.81 17.86 -21.27
CA THR B 679 -7.54 18.28 -22.63
C THR B 679 -8.80 18.49 -23.45
N GLU B 680 -9.94 17.98 -22.99
CA GLU B 680 -11.23 18.23 -23.63
C GLU B 680 -12.07 19.08 -22.68
N ILE B 681 -12.31 20.33 -23.06
CA ILE B 681 -13.11 21.24 -22.25
C ILE B 681 -14.41 21.53 -22.99
N VAL B 682 -15.40 22.02 -22.23
CA VAL B 682 -16.71 22.35 -22.77
C VAL B 682 -16.69 23.81 -23.22
N ALA B 683 -17.19 24.05 -24.44
CA ALA B 683 -17.20 25.39 -25.01
C ALA B 683 -18.48 26.13 -24.61
N ASP B 684 -18.55 26.43 -23.30
CA ASP B 684 -19.63 27.22 -22.75
C ASP B 684 -19.17 28.62 -22.34
N GLY B 685 -17.88 28.91 -22.44
CA GLY B 685 -17.35 30.17 -21.97
C GLY B 685 -17.01 30.20 -20.49
N ASN B 686 -17.06 29.06 -19.81
CA ASN B 686 -16.86 29.03 -18.37
C ASN B 686 -15.86 27.96 -17.96
N ASP B 687 -15.79 26.87 -18.73
CA ASP B 687 -14.93 25.74 -18.36
C ASP B 687 -13.46 26.15 -18.39
N LEU B 688 -12.65 25.43 -17.61
CA LEU B 688 -11.25 25.78 -17.41
C LEU B 688 -10.36 24.60 -17.75
N SER B 689 -9.07 24.91 -17.93
CA SER B 689 -8.03 23.90 -18.14
C SER B 689 -6.76 24.39 -17.48
N TYR B 690 -6.26 23.63 -16.50
CA TYR B 690 -5.08 24.01 -15.74
C TYR B 690 -3.85 23.45 -16.43
N ILE B 691 -3.00 24.34 -16.94
CA ILE B 691 -1.78 23.96 -17.65
C ILE B 691 -0.61 24.16 -16.70
N THR B 692 0.08 23.07 -16.38
CA THR B 692 1.27 23.12 -15.52
C THR B 692 2.52 23.07 -16.39
N LEU B 693 3.43 24.02 -16.17
CA LEU B 693 4.67 24.11 -16.92
C LEU B 693 5.83 23.76 -16.00
N GLU B 694 6.76 22.94 -16.50
CA GLU B 694 7.96 22.58 -15.78
C GLU B 694 9.17 22.80 -16.67
N LEU B 695 10.28 23.17 -16.04
CA LEU B 695 11.58 23.24 -16.71
C LEU B 695 12.36 21.98 -16.30
N VAL B 696 12.50 21.05 -17.23
CA VAL B 696 13.09 19.75 -16.94
C VAL B 696 14.44 19.64 -17.61
N ASP B 697 15.19 18.61 -17.22
CA ASP B 697 16.48 18.31 -17.84
C ASP B 697 16.28 17.25 -18.93
N SER B 698 17.36 16.58 -19.33
CA SER B 698 17.28 15.60 -20.40
C SER B 698 16.53 14.34 -19.96
N LYS B 699 16.47 14.06 -18.67
CA LYS B 699 15.76 12.90 -18.15
C LYS B 699 14.35 13.23 -17.64
N GLY B 700 13.89 14.46 -17.85
CA GLY B 700 12.55 14.81 -17.45
C GLY B 700 12.40 15.23 -16.01
N ILE B 701 13.50 15.51 -15.32
CA ILE B 701 13.46 15.90 -13.91
C ILE B 701 13.38 17.43 -13.82
N ARG B 702 12.39 17.91 -13.08
CA ARG B 702 12.22 19.35 -12.89
C ARG B 702 13.42 19.93 -12.14
N ASN B 703 13.97 21.01 -12.66
CA ASN B 703 15.09 21.71 -12.03
C ASN B 703 14.52 22.82 -11.16
N GLN B 704 14.52 22.61 -9.85
CA GLN B 704 13.93 23.56 -8.91
C GLN B 704 14.83 24.75 -8.63
N LEU B 705 15.94 24.90 -9.35
CA LEU B 705 16.78 26.09 -9.29
C LEU B 705 16.52 27.05 -10.44
N ALA B 706 15.59 26.72 -11.33
CA ALA B 706 15.36 27.47 -12.56
C ALA B 706 14.19 28.44 -12.35
N GLU B 707 14.46 29.74 -12.51
CA GLU B 707 13.45 30.79 -12.35
C GLU B 707 13.62 31.76 -13.50
N GLU B 708 12.98 31.47 -14.63
CA GLU B 708 13.06 32.29 -15.83
C GLU B 708 11.67 32.79 -16.20
N LEU B 709 11.64 33.90 -16.92
CA LEU B 709 10.38 34.47 -17.39
C LEU B 709 9.84 33.64 -18.56
N VAL B 710 8.55 33.29 -18.49
CA VAL B 710 7.89 32.50 -19.51
C VAL B 710 6.86 33.38 -20.20
N ALA B 711 6.88 33.41 -21.52
CA ALA B 711 5.91 34.15 -22.32
C ALA B 711 4.91 33.18 -22.92
N PHE B 712 3.63 33.47 -22.76
CA PHE B 712 2.56 32.62 -23.25
C PHE B 712 1.82 33.29 -24.41
N SER B 713 1.32 32.46 -25.32
CA SER B 713 0.53 32.93 -26.45
C SER B 713 -0.60 31.94 -26.71
N ILE B 714 -1.79 32.46 -26.99
CA ILE B 714 -2.98 31.65 -27.16
C ILE B 714 -3.49 31.80 -28.58
N GLU B 715 -3.93 30.69 -29.16
CA GLU B 715 -4.47 30.66 -30.52
C GLU B 715 -5.78 29.88 -30.51
N GLY B 716 -6.86 30.55 -30.86
CA GLY B 716 -8.19 29.97 -30.84
C GLY B 716 -9.14 30.80 -29.99
N ASP B 717 -10.37 30.28 -29.87
CA ASP B 717 -11.42 30.94 -29.10
C ASP B 717 -11.27 30.55 -27.63
N ALA B 718 -10.26 31.15 -27.00
CA ALA B 718 -9.95 30.90 -25.60
C ALA B 718 -9.33 32.14 -25.00
N THR B 719 -9.24 32.15 -23.67
CA THR B 719 -8.72 33.29 -22.94
C THR B 719 -7.80 32.83 -21.82
N ILE B 720 -6.70 33.55 -21.63
CA ILE B 720 -5.81 33.34 -20.49
C ILE B 720 -6.46 34.00 -19.29
N GLU B 721 -7.07 33.20 -18.41
CA GLU B 721 -7.78 33.74 -17.27
C GLU B 721 -6.83 34.07 -16.12
N GLY B 722 -5.70 33.38 -16.02
CA GLY B 722 -4.76 33.64 -14.96
C GLY B 722 -3.43 32.94 -15.13
N VAL B 723 -2.38 33.53 -14.56
CA VAL B 723 -1.04 32.94 -14.53
C VAL B 723 -0.45 33.17 -13.15
N GLY B 724 0.20 32.14 -12.61
CA GLY B 724 0.79 32.28 -11.29
C GLY B 724 1.78 31.17 -11.00
N ASN B 725 2.51 31.36 -9.90
CA ASN B 725 3.43 30.35 -9.40
C ASN B 725 3.20 30.11 -7.92
N ALA B 726 4.08 29.36 -7.28
CA ALA B 726 3.94 29.04 -5.86
C ALA B 726 4.84 29.90 -4.98
N ASN B 727 5.44 30.94 -5.53
CA ASN B 727 6.29 31.83 -4.74
C ASN B 727 5.44 32.65 -3.78
N PRO B 728 5.58 32.47 -2.46
CA PRO B 728 4.74 33.22 -1.52
C PRO B 728 5.15 34.68 -1.34
N MSE B 729 6.18 35.15 -2.02
CA MSE B 729 6.61 36.53 -1.93
C MSE B 729 6.51 37.24 -3.27
O MSE B 729 6.88 38.41 -3.40
CB MSE B 729 8.05 36.63 -1.40
CG MSE B 729 8.25 36.04 -0.02
SE MSE B 729 10.07 36.28 0.61
CE MSE B 729 11.03 35.49 -0.90
N SER B 730 6.01 36.54 -4.28
CA SER B 730 5.89 37.11 -5.62
C SER B 730 4.78 38.15 -5.66
N ILE B 731 5.07 39.30 -6.25
CA ILE B 731 4.08 40.34 -6.48
C ILE B 731 3.77 40.47 -7.98
N GLU B 732 4.05 39.44 -8.76
CA GLU B 732 3.77 39.48 -10.18
C GLU B 732 2.26 39.54 -10.43
N SER B 733 1.89 40.11 -11.58
CA SER B 733 0.49 40.17 -11.95
C SER B 733 -0.07 38.78 -12.19
N PHE B 734 -1.34 38.58 -11.83
CA PHE B 734 -2.02 37.32 -12.07
C PHE B 734 -2.78 37.29 -13.39
N VAL B 735 -2.91 38.42 -14.07
CA VAL B 735 -3.68 38.51 -15.32
C VAL B 735 -2.78 38.92 -16.49
N ALA B 736 -1.48 38.68 -16.39
CA ALA B 736 -0.56 39.04 -17.46
C ALA B 736 -0.43 37.88 -18.45
N ASN B 737 0.32 38.12 -19.53
CA ASN B 737 0.64 37.08 -20.49
C ASN B 737 1.98 36.40 -20.19
N SER B 738 2.72 36.88 -19.19
CA SER B 738 4.01 36.33 -18.84
C SER B 738 4.09 36.14 -17.33
N ARG B 739 4.92 35.18 -16.91
CA ARG B 739 5.08 34.87 -15.50
C ARG B 739 6.40 34.13 -15.31
N LYS B 740 7.12 34.48 -14.24
CA LYS B 740 8.34 33.78 -13.91
C LYS B 740 8.04 32.39 -13.38
N THR B 741 8.95 31.46 -13.66
CA THR B 741 8.90 30.17 -13.00
C THR B 741 9.47 30.29 -11.60
N TRP B 742 8.95 29.47 -10.68
CA TRP B 742 9.46 29.40 -9.32
C TRP B 742 9.72 27.94 -8.99
N ARG B 743 10.97 27.62 -8.66
CA ARG B 743 11.41 26.24 -8.45
C ARG B 743 11.05 25.37 -9.66
N GLY B 744 11.14 25.96 -10.84
CA GLY B 744 10.97 25.26 -12.09
C GLY B 744 9.55 25.16 -12.61
N SER B 745 8.57 25.73 -11.91
CA SER B 745 7.17 25.51 -12.27
C SER B 745 6.37 26.80 -12.15
N ASN B 746 5.35 26.91 -13.00
CA ASN B 746 4.30 27.90 -12.85
C ASN B 746 3.01 27.30 -13.40
N LEU B 747 1.91 28.03 -13.23
CA LEU B 747 0.58 27.51 -13.53
C LEU B 747 -0.19 28.50 -14.41
N LEU B 748 -0.78 27.98 -15.48
CA LEU B 748 -1.60 28.77 -16.39
C LEU B 748 -3.00 28.17 -16.47
N VAL B 749 -4.01 29.03 -16.45
CA VAL B 749 -5.41 28.62 -16.53
C VAL B 749 -6.00 29.22 -17.80
N VAL B 750 -6.60 28.38 -18.63
CA VAL B 750 -7.21 28.78 -19.89
C VAL B 750 -8.72 28.68 -19.76
N ARG B 751 -9.41 29.77 -20.03
CA ARG B 751 -10.87 29.80 -20.00
C ARG B 751 -11.43 29.53 -21.38
N SER B 752 -12.54 28.80 -21.43
CA SER B 752 -13.11 28.36 -22.69
C SER B 752 -13.88 29.48 -23.37
N GLY B 753 -14.20 29.27 -24.65
CA GLY B 753 -15.00 30.18 -25.42
C GLY B 753 -16.38 29.63 -25.71
N LYS B 754 -17.05 30.25 -26.69
CA LYS B 754 -18.40 29.85 -27.08
C LYS B 754 -18.43 28.99 -28.33
N SER B 755 -17.33 28.90 -29.07
CA SER B 755 -17.28 28.13 -30.30
C SER B 755 -16.40 26.91 -30.13
N SER B 756 -16.65 25.90 -30.96
CA SER B 756 -15.85 24.68 -30.96
C SER B 756 -14.57 24.91 -31.77
N GLY B 757 -13.62 23.99 -31.59
CA GLY B 757 -12.38 24.05 -32.33
C GLY B 757 -11.23 23.59 -31.47
N ARG B 758 -10.02 23.92 -31.93
CA ARG B 758 -8.79 23.53 -31.25
C ARG B 758 -8.12 24.74 -30.61
N ILE B 759 -7.50 24.52 -29.46
CA ILE B 759 -6.86 25.56 -28.68
C ILE B 759 -5.37 25.27 -28.62
N ILE B 760 -4.56 26.26 -28.97
CA ILE B 760 -3.11 26.10 -29.03
C ILE B 760 -2.48 27.11 -28.09
N VAL B 761 -1.75 26.61 -27.09
CA VAL B 761 -1.04 27.43 -26.12
C VAL B 761 0.45 27.22 -26.33
N THR B 762 1.18 28.33 -26.50
CA THR B 762 2.60 28.29 -26.78
C THR B 762 3.36 28.99 -25.66
N ALA B 763 4.39 28.31 -25.15
CA ALA B 763 5.24 28.86 -24.09
C ALA B 763 6.63 29.13 -24.67
N LYS B 764 7.15 30.33 -24.39
CA LYS B 764 8.44 30.76 -24.92
C LYS B 764 9.35 31.19 -23.78
N VAL B 765 10.48 30.52 -23.64
CA VAL B 765 11.52 30.88 -22.69
C VAL B 765 12.81 31.09 -23.48
N LYS B 766 13.62 32.06 -23.04
CA LYS B 766 14.84 32.40 -23.76
C LYS B 766 15.82 31.24 -23.75
N ALA B 767 16.50 31.04 -24.89
CA ALA B 767 17.53 30.04 -25.07
C ALA B 767 17.02 28.61 -24.91
N LEU B 768 15.71 28.41 -24.97
CA LEU B 768 15.12 27.09 -24.85
C LEU B 768 14.18 26.84 -26.02
N PRO B 769 14.02 25.57 -26.43
CA PRO B 769 13.13 25.27 -27.55
C PRO B 769 11.70 25.68 -27.24
N VAL B 770 11.05 26.30 -28.23
CA VAL B 770 9.66 26.72 -28.07
C VAL B 770 8.77 25.49 -27.88
N ALA B 771 7.91 25.54 -26.87
CA ALA B 771 7.01 24.44 -26.57
C ALA B 771 5.56 24.88 -26.77
N SER B 772 4.71 23.92 -27.12
CA SER B 772 3.30 24.20 -27.39
C SER B 772 2.48 22.97 -27.06
N ILE B 773 1.21 23.19 -26.72
CA ILE B 773 0.27 22.13 -26.38
C ILE B 773 -1.11 22.50 -26.92
N THR B 774 -1.92 21.47 -27.14
CA THR B 774 -3.20 21.61 -27.82
C THR B 774 -4.34 21.18 -26.89
N ILE B 775 -5.37 22.02 -26.82
CA ILE B 775 -6.60 21.74 -26.09
C ILE B 775 -7.75 21.76 -27.09
N THR B 776 -8.80 21.00 -26.78
CA THR B 776 -9.96 20.86 -27.65
C THR B 776 -11.23 21.31 -26.94
N GLN B 777 -12.03 22.12 -27.62
CA GLN B 777 -13.30 22.62 -27.13
C GLN B 777 -14.44 21.99 -27.92
N LYS B 778 -15.51 21.59 -27.22
CA LYS B 778 -16.63 20.92 -27.84
C LYS B 778 -17.94 21.49 -27.32
N LYS B 779 -18.94 21.49 -28.19
CA LYS B 779 -20.31 21.89 -27.88
C LYS B 779 -20.38 23.26 -27.19
#